data_6B9R
#
_entry.id   6B9R
#
_cell.length_a   89.238
_cell.length_b   100.707
_cell.length_c   99.088
_cell.angle_alpha   90.00
_cell.angle_beta   92.27
_cell.angle_gamma   90.00
#
_symmetry.space_group_name_H-M   'P 1 21 1'
#
loop_
_entity.id
_entity.type
_entity.pdbx_description
1 polymer 'Hydroxyethylphosphonate dioxygenase'
2 non-polymer 'FE (III) ION'
3 non-polymer '(2-hydroxyethyl)phosphonic acid'
4 non-polymer GLYCEROL
5 water water
#
_entity_poly.entity_id   1
_entity_poly.type   'polypeptide(L)'
_entity_poly.pdbx_seq_one_letter_code
;MSTPDALGSDAARAARAAALLRAAANDLKRNDRAAEADLGLPPGSFGDYVSGRLPITWDLISRAAQAWPLNERDLLPIHN
DTPQGLRMMRVKESEASSRIIERGGGPYYEYRDTAMSRQASYRPEWISMLRVVEDDDPDNPLVEWNKGHLLYQFTYFVGP
VNYYFRSGGRSHCVPMNTGDSVWGLPFAPHSFTARSADEPAYILALTYGGELTGDAQRELATFGRAVTSSLALTPGDHGA
MLRSVMAARLTTVTELADRSGLKTDRVAALCRTPARAEWPELSALAEALGVSVRELLVPHTTTEADVRIQPGRTASRWSY
PGPDAPAYRFTQLAGDPLHPHTTSLAVDVLTARPDAPLPPTYQHQYLYVLGEQPVSVRWRYNGEQYDGRLEPGDSAYVIP
GIEFSLSAEKPTELLMLRIGGSATPDVRFALGAMPDGAIGRYIAEDRLWY
;
_entity_poly.pdbx_strand_id   A,B,C,D
#
loop_
_chem_comp.id
_chem_comp.type
_chem_comp.name
_chem_comp.formula
2HE non-polymer '(2-hydroxyethyl)phosphonic acid' 'C2 H7 O4 P'
FE non-polymer 'FE (III) ION' 'Fe 3'
GOL non-polymer GLYCEROL 'C3 H8 O3'
#
# COMPACT_ATOMS: atom_id res chain seq x y z
N SER A 9 -42.56 -16.41 9.94
CA SER A 9 -41.44 -15.57 10.34
C SER A 9 -41.70 -15.02 11.74
N ASP A 10 -42.88 -14.44 11.95
CA ASP A 10 -43.28 -14.04 13.30
C ASP A 10 -43.44 -15.25 14.20
N ALA A 11 -43.93 -16.36 13.64
CA ALA A 11 -44.07 -17.59 14.42
C ALA A 11 -42.72 -18.18 14.75
N ALA A 12 -41.76 -18.09 13.84
CA ALA A 12 -40.40 -18.55 14.12
C ALA A 12 -39.76 -17.71 15.23
N ARG A 13 -39.97 -16.39 15.19
CA ARG A 13 -39.42 -15.53 16.22
C ARG A 13 -40.06 -15.82 17.57
N ALA A 14 -41.37 -16.05 17.58
CA ALA A 14 -42.05 -16.44 18.81
C ALA A 14 -41.46 -17.73 19.37
N ALA A 15 -41.19 -18.71 18.50
CA ALA A 15 -40.56 -19.95 18.94
C ALA A 15 -39.19 -19.70 19.55
N ARG A 16 -38.39 -18.81 18.94
CA ARG A 16 -37.10 -18.46 19.51
C ARG A 16 -37.27 -17.85 20.89
N ALA A 17 -38.26 -16.97 21.05
CA ALA A 17 -38.49 -16.33 22.35
C ALA A 17 -38.93 -17.36 23.39
N ALA A 18 -39.79 -18.30 23.00
CA ALA A 18 -40.20 -19.35 23.94
C ALA A 18 -39.02 -20.19 24.37
N ALA A 19 -38.14 -20.52 23.42
CA ALA A 19 -36.95 -21.31 23.78
C ALA A 19 -36.04 -20.53 24.72
N LEU A 20 -35.95 -19.21 24.56
CA LEU A 20 -35.14 -18.41 25.49
C LEU A 20 -35.72 -18.43 26.89
N LEU A 21 -37.04 -18.49 26.99
CA LEU A 21 -37.68 -18.53 28.31
C LEU A 21 -37.39 -19.85 29.01
N ARG A 22 -37.51 -20.97 28.29
CA ARG A 22 -37.15 -22.25 28.87
C ARG A 22 -35.66 -22.28 29.23
N ALA A 23 -34.81 -21.75 28.36
CA ALA A 23 -33.39 -21.74 28.66
C ALA A 23 -33.08 -20.93 29.91
N ALA A 24 -33.76 -19.80 30.09
CA ALA A 24 -33.51 -18.97 31.27
C ALA A 24 -33.92 -19.70 32.53
N ALA A 25 -35.07 -20.38 32.49
CA ALA A 25 -35.54 -21.12 33.65
C ALA A 25 -34.61 -22.29 33.96
N ASN A 26 -34.23 -23.06 32.94
CA ASN A 26 -33.24 -24.13 33.12
C ASN A 26 -31.97 -23.61 33.78
N ASP A 27 -31.47 -22.46 33.30
CA ASP A 27 -30.20 -21.94 33.80
C ASP A 27 -30.30 -21.52 35.27
N LEU A 28 -31.48 -21.11 35.72
CA LEU A 28 -31.71 -20.73 37.11
C LEU A 28 -32.16 -21.90 37.96
N LYS A 29 -32.15 -23.12 37.42
CA LYS A 29 -32.66 -24.30 38.13
C LYS A 29 -34.07 -24.04 38.65
N ARG A 30 -34.91 -23.43 37.81
CA ARG A 30 -36.34 -23.29 38.06
C ARG A 30 -37.10 -24.23 37.11
N ASN A 31 -37.69 -25.28 37.66
CA ASN A 31 -38.51 -26.13 36.80
C ASN A 31 -39.86 -25.45 36.61
N ASP A 32 -40.79 -26.14 35.95
CA ASP A 32 -42.06 -25.52 35.59
C ASP A 32 -42.77 -24.94 36.82
N ARG A 33 -42.85 -25.72 37.90
CA ARG A 33 -43.55 -25.25 39.09
C ARG A 33 -42.81 -24.09 39.75
N ALA A 34 -41.48 -24.18 39.84
CA ALA A 34 -40.74 -23.08 40.44
C ALA A 34 -40.84 -21.81 39.59
N ALA A 35 -40.80 -21.95 38.27
CA ALA A 35 -40.87 -20.76 37.42
C ALA A 35 -42.23 -20.08 37.53
N GLU A 36 -43.31 -20.87 37.61
CA GLU A 36 -44.64 -20.30 37.78
C GLU A 36 -44.73 -19.53 39.09
N ALA A 37 -44.17 -20.09 40.16
CA ALA A 37 -44.19 -19.40 41.46
C ALA A 37 -43.40 -18.10 41.40
N ASP A 38 -42.20 -18.13 40.79
CA ASP A 38 -41.39 -16.92 40.70
C ASP A 38 -42.03 -15.86 39.81
N LEU A 39 -42.66 -16.27 38.72
CA LEU A 39 -43.17 -15.32 37.75
C LEU A 39 -44.63 -14.96 37.98
N GLY A 40 -45.27 -15.51 39.01
CA GLY A 40 -46.69 -15.27 39.21
C GLY A 40 -47.55 -15.78 38.08
N LEU A 41 -47.18 -16.90 37.47
CA LEU A 41 -48.01 -17.51 36.45
C LEU A 41 -48.97 -18.50 37.07
N PRO A 42 -50.10 -18.77 36.40
CA PRO A 42 -51.04 -19.78 36.91
C PRO A 42 -50.32 -21.12 37.06
N PRO A 43 -50.59 -21.85 38.15
CA PRO A 43 -49.98 -23.18 38.28
C PRO A 43 -50.32 -24.05 37.08
N GLY A 44 -49.32 -24.81 36.64
CA GLY A 44 -49.47 -25.67 35.49
C GLY A 44 -49.30 -25.01 34.13
N SER A 45 -49.08 -23.70 34.06
CA SER A 45 -49.13 -22.99 32.78
C SER A 45 -47.78 -22.81 32.09
N PHE A 46 -46.66 -23.09 32.76
CA PHE A 46 -45.37 -22.70 32.18
C PHE A 46 -45.14 -23.37 30.83
N GLY A 47 -45.59 -24.61 30.69
CA GLY A 47 -45.46 -25.30 29.42
C GLY A 47 -46.21 -24.62 28.28
N ASP A 48 -47.28 -23.88 28.60
CA ASP A 48 -48.00 -23.16 27.55
C ASP A 48 -47.21 -21.96 27.03
N TYR A 49 -46.39 -21.35 27.88
CA TYR A 49 -45.54 -20.27 27.42
C TYR A 49 -44.32 -20.79 26.68
N VAL A 50 -43.77 -21.91 27.16
CA VAL A 50 -42.59 -22.48 26.52
C VAL A 50 -42.93 -23.16 25.21
N SER A 51 -44.15 -23.68 25.06
CA SER A 51 -44.54 -24.35 23.83
C SER A 51 -45.05 -23.39 22.77
N GLY A 52 -45.47 -22.19 23.16
CA GLY A 52 -46.02 -21.23 22.23
C GLY A 52 -47.53 -21.09 22.26
N ARG A 53 -48.22 -21.92 23.06
CA ARG A 53 -49.67 -21.82 23.16
C ARG A 53 -50.11 -20.48 23.74
N LEU A 54 -49.28 -19.87 24.58
CA LEU A 54 -49.56 -18.54 25.10
C LEU A 54 -48.43 -17.59 24.72
N PRO A 55 -48.75 -16.37 24.29
CA PRO A 55 -47.69 -15.45 23.89
C PRO A 55 -46.91 -14.96 25.10
N ILE A 56 -45.63 -14.68 24.87
CA ILE A 56 -44.80 -14.10 25.90
C ILE A 56 -44.85 -12.59 25.74
N THR A 57 -45.41 -11.90 26.72
CA THR A 57 -45.63 -10.47 26.59
C THR A 57 -44.47 -9.68 27.18
N TRP A 58 -44.44 -8.39 26.84
CA TRP A 58 -43.49 -7.50 27.48
C TRP A 58 -43.74 -7.41 28.98
N ASP A 59 -45.00 -7.54 29.39
CA ASP A 59 -45.30 -7.61 30.81
C ASP A 59 -44.59 -8.79 31.46
N LEU A 60 -44.66 -9.96 30.85
CA LEU A 60 -44.04 -11.15 31.45
C LEU A 60 -42.52 -11.02 31.45
N ILE A 61 -41.97 -10.50 30.35
CA ILE A 61 -40.53 -10.30 30.28
C ILE A 61 -40.06 -9.30 31.33
N SER A 62 -40.85 -8.23 31.55
CA SER A 62 -40.51 -7.27 32.59
C SER A 62 -40.61 -7.89 33.98
N ARG A 63 -41.64 -8.71 34.21
CA ARG A 63 -41.76 -9.41 35.49
C ARG A 63 -40.60 -10.36 35.71
N ALA A 64 -40.14 -11.02 34.65
CA ALA A 64 -39.03 -11.96 34.78
C ALA A 64 -37.73 -11.24 35.15
N ALA A 65 -37.48 -10.05 34.58
CA ALA A 65 -36.31 -9.26 34.95
C ALA A 65 -36.38 -8.74 36.38
N GLN A 66 -37.59 -8.65 36.96
CA GLN A 66 -37.71 -8.26 38.36
C GLN A 66 -37.56 -9.45 39.28
N ALA A 67 -38.20 -10.58 38.95
CA ALA A 67 -38.15 -11.76 39.82
C ALA A 67 -36.82 -12.48 39.78
N TRP A 68 -36.13 -12.46 38.64
CA TRP A 68 -34.92 -13.22 38.42
C TRP A 68 -33.75 -12.29 38.14
N PRO A 69 -32.50 -12.74 38.38
CA PRO A 69 -31.32 -11.92 38.08
C PRO A 69 -30.94 -11.93 36.61
N LEU A 70 -31.90 -11.62 35.74
CA LEU A 70 -31.59 -11.49 34.32
C LEU A 70 -32.23 -10.20 33.79
N ASN A 71 -31.94 -9.91 32.52
CA ASN A 71 -32.40 -8.72 31.85
C ASN A 71 -33.46 -9.05 30.82
N GLU A 72 -34.32 -8.05 30.57
CA GLU A 72 -35.29 -8.18 29.48
C GLU A 72 -34.60 -8.58 28.19
N ARG A 73 -33.39 -8.02 27.96
CA ARG A 73 -32.58 -8.38 26.79
C ARG A 73 -32.33 -9.87 26.71
N ASP A 74 -32.22 -10.56 27.84
CA ASP A 74 -31.89 -11.98 27.83
C ASP A 74 -33.03 -12.86 27.37
N LEU A 75 -34.26 -12.32 27.28
CA LEU A 75 -35.41 -13.11 26.89
C LEU A 75 -35.91 -12.75 25.50
N LEU A 76 -35.23 -11.82 24.82
CA LEU A 76 -35.65 -11.38 23.49
C LEU A 76 -34.76 -11.99 22.43
N PRO A 77 -35.36 -12.62 21.42
CA PRO A 77 -34.60 -13.02 20.24
C PRO A 77 -34.34 -11.80 19.36
N ILE A 78 -33.57 -12.00 18.31
CA ILE A 78 -33.46 -11.00 17.27
C ILE A 78 -34.33 -11.43 16.09
N HIS A 79 -34.51 -10.54 15.13
CA HIS A 79 -35.32 -10.84 13.97
C HIS A 79 -34.48 -11.51 12.89
N ASN A 80 -35.14 -12.35 12.10
CA ASN A 80 -34.57 -12.88 10.87
C ASN A 80 -35.28 -12.15 9.74
N ASP A 81 -34.55 -11.26 9.05
CA ASP A 81 -35.09 -10.58 7.89
C ASP A 81 -34.37 -10.99 6.61
N THR A 82 -33.60 -12.10 6.66
CA THR A 82 -32.89 -12.65 5.50
C THR A 82 -33.25 -14.13 5.35
N PRO A 83 -34.52 -14.45 5.08
CA PRO A 83 -34.96 -15.85 5.15
C PRO A 83 -34.36 -16.76 4.11
N GLN A 84 -33.90 -16.23 2.97
CA GLN A 84 -33.22 -17.03 1.95
C GLN A 84 -31.69 -17.04 2.13
N GLY A 85 -31.17 -16.39 3.17
CA GLY A 85 -29.74 -16.39 3.44
C GLY A 85 -28.98 -15.31 2.69
N LEU A 86 -29.60 -14.74 1.67
CA LEU A 86 -29.09 -13.60 0.91
C LEU A 86 -30.29 -12.74 0.57
N ARG A 87 -30.15 -11.44 0.67
CA ARG A 87 -31.23 -10.54 0.28
C ARG A 87 -30.67 -9.36 -0.49
N MET A 88 -31.35 -8.99 -1.58
CA MET A 88 -30.93 -7.87 -2.40
C MET A 88 -31.76 -6.65 -2.06
N MET A 89 -31.15 -5.49 -2.23
CA MET A 89 -31.83 -4.20 -2.15
C MET A 89 -31.64 -3.45 -3.45
N ARG A 90 -32.70 -2.81 -3.94
CA ARG A 90 -32.68 -2.20 -5.26
C ARG A 90 -32.40 -0.69 -5.18
N VAL A 91 -31.79 -0.17 -6.25
CA VAL A 91 -31.57 1.25 -6.43
C VAL A 91 -32.79 2.08 -6.07
N LYS A 92 -33.96 1.66 -6.56
CA LYS A 92 -35.20 2.38 -6.27
C LYS A 92 -35.44 2.48 -4.77
N GLU A 93 -35.18 1.40 -4.03
CA GLU A 93 -35.34 1.46 -2.59
C GLU A 93 -34.29 2.37 -1.96
N SER A 94 -33.06 2.29 -2.45
CA SER A 94 -32.02 3.17 -1.92
C SER A 94 -32.37 4.63 -2.15
N GLU A 95 -32.86 4.96 -3.35
CA GLU A 95 -33.24 6.34 -3.63
C GLU A 95 -34.42 6.79 -2.78
N ALA A 96 -35.37 5.89 -2.49
CA ALA A 96 -36.50 6.26 -1.66
C ALA A 96 -36.08 6.60 -0.24
N SER A 97 -34.96 6.04 0.23
CA SER A 97 -34.41 6.32 1.55
C SER A 97 -33.62 7.62 1.61
N SER A 98 -33.61 8.42 0.55
CA SER A 98 -32.73 9.57 0.45
C SER A 98 -32.95 10.58 1.58
N ARG A 99 -31.85 11.08 2.13
CA ARG A 99 -31.83 12.18 3.08
C ARG A 99 -30.76 13.17 2.64
N ILE A 100 -31.12 14.43 2.55
CA ILE A 100 -30.17 15.51 2.29
C ILE A 100 -30.00 16.27 3.60
N ILE A 101 -28.76 16.46 4.02
CA ILE A 101 -28.46 17.17 5.25
C ILE A 101 -27.59 18.37 4.91
N GLU A 102 -27.98 19.53 5.43
CA GLU A 102 -27.25 20.77 5.22
C GLU A 102 -26.26 20.98 6.35
N ARG A 103 -25.11 21.54 6.02
CA ARG A 103 -24.11 21.94 7.00
C ARG A 103 -23.48 23.23 6.53
N GLY A 104 -23.28 24.15 7.47
CA GLY A 104 -22.69 25.42 7.09
C GLY A 104 -23.52 26.22 6.11
N GLY A 105 -24.85 26.11 6.18
CA GLY A 105 -25.73 26.95 5.40
C GLY A 105 -26.21 26.39 4.08
N GLY A 106 -25.75 25.21 3.67
CA GLY A 106 -26.17 24.63 2.42
C GLY A 106 -26.13 23.12 2.46
N PRO A 107 -26.80 22.47 1.51
CA PRO A 107 -26.72 21.00 1.41
C PRO A 107 -25.28 20.53 1.38
N TYR A 108 -24.99 19.49 2.15
CA TYR A 108 -23.63 19.01 2.31
C TYR A 108 -23.46 17.56 1.91
N TYR A 109 -24.40 16.69 2.29
CA TYR A 109 -24.41 15.28 1.89
C TYR A 109 -25.82 14.89 1.47
N GLU A 110 -25.92 13.96 0.52
CA GLU A 110 -27.12 13.17 0.35
C GLU A 110 -26.81 11.74 0.73
N TYR A 111 -27.60 11.20 1.67
CA TYR A 111 -27.46 9.83 2.16
C TYR A 111 -28.51 8.92 1.53
N ARG A 112 -28.12 7.69 1.24
CA ARG A 112 -29.04 6.65 0.78
C ARG A 112 -28.67 5.34 1.47
N ASP A 113 -29.67 4.66 2.05
CA ASP A 113 -29.42 3.33 2.59
C ASP A 113 -29.08 2.36 1.47
N THR A 114 -28.24 1.39 1.80
CA THR A 114 -28.05 0.19 1.00
C THR A 114 -28.32 -1.02 1.91
N ALA A 115 -28.04 -2.22 1.39
CA ALA A 115 -28.55 -3.45 2.01
C ALA A 115 -28.10 -3.59 3.45
N MET A 116 -29.07 -3.81 4.35
CA MET A 116 -28.84 -3.97 5.78
C MET A 116 -29.67 -5.13 6.30
N SER A 117 -29.38 -5.53 7.54
CA SER A 117 -30.10 -6.64 8.16
C SER A 117 -30.08 -6.51 9.68
N ARG A 118 -31.17 -6.92 10.32
CA ARG A 118 -31.21 -7.01 11.77
C ARG A 118 -30.32 -8.10 12.31
N GLN A 119 -29.78 -8.96 11.44
CA GLN A 119 -28.88 -10.03 11.82
C GLN A 119 -27.42 -9.59 11.82
N ALA A 120 -27.12 -8.35 11.44
CA ALA A 120 -25.75 -7.92 11.23
C ALA A 120 -25.59 -6.46 11.60
N SER A 121 -24.34 -6.04 11.85
CA SER A 121 -24.07 -4.69 12.33
C SER A 121 -23.80 -3.67 11.23
N TYR A 122 -23.87 -4.05 9.95
CA TYR A 122 -23.60 -3.08 8.89
C TYR A 122 -24.54 -1.90 9.02
N ARG A 123 -23.99 -0.70 8.81
CA ARG A 123 -24.77 0.51 8.54
C ARG A 123 -24.18 1.15 7.30
N PRO A 124 -24.49 0.61 6.11
CA PRO A 124 -23.79 1.03 4.89
C PRO A 124 -24.55 2.07 4.10
N GLU A 125 -23.97 3.25 3.95
CA GLU A 125 -24.66 4.35 3.29
C GLU A 125 -23.89 4.74 2.03
N TRP A 126 -24.62 4.89 0.94
CA TRP A 126 -24.17 5.66 -0.22
C TRP A 126 -24.29 7.13 0.15
N ILE A 127 -23.23 7.92 -0.09
CA ILE A 127 -23.26 9.32 0.31
C ILE A 127 -22.57 10.15 -0.77
N SER A 128 -23.32 11.08 -1.37
CA SER A 128 -22.73 11.96 -2.36
C SER A 128 -22.21 13.22 -1.69
N MET A 129 -21.02 13.66 -2.11
CA MET A 129 -20.47 14.91 -1.62
C MET A 129 -21.14 16.07 -2.35
N LEU A 130 -21.84 16.92 -1.60
CA LEU A 130 -22.51 18.07 -2.19
C LEU A 130 -21.75 19.37 -2.01
N ARG A 131 -20.68 19.37 -1.21
CA ARG A 131 -19.87 20.56 -0.98
C ARG A 131 -18.62 20.47 -1.85
N VAL A 132 -18.39 21.49 -2.66
CA VAL A 132 -17.28 21.53 -3.62
C VAL A 132 -16.22 22.49 -3.09
N VAL A 133 -14.97 22.03 -3.04
CA VAL A 133 -13.87 22.85 -2.59
C VAL A 133 -12.91 23.11 -3.75
N GLU A 134 -12.09 24.14 -3.60
CA GLU A 134 -11.12 24.52 -4.61
C GLU A 134 -9.68 24.31 -4.18
N ASP A 135 -9.45 23.76 -2.98
CA ASP A 135 -8.12 23.39 -2.54
C ASP A 135 -8.22 22.15 -1.67
N ASP A 136 -7.06 21.64 -1.26
CA ASP A 136 -7.00 20.49 -0.37
C ASP A 136 -6.50 20.89 1.02
N ASP A 137 -6.87 22.09 1.46
CA ASP A 137 -6.51 22.59 2.77
C ASP A 137 -7.41 21.97 3.83
N PRO A 138 -6.87 21.22 4.79
CA PRO A 138 -7.74 20.68 5.87
C PRO A 138 -8.46 21.75 6.67
N ASP A 139 -7.94 22.97 6.70
CA ASP A 139 -8.53 24.06 7.48
C ASP A 139 -9.46 24.94 6.65
N ASN A 140 -9.72 24.57 5.41
CA ASN A 140 -10.67 25.25 4.55
C ASN A 140 -12.02 25.42 5.25
N PRO A 141 -12.52 26.65 5.40
CA PRO A 141 -13.76 26.86 6.16
C PRO A 141 -15.01 26.26 5.53
N LEU A 142 -14.94 25.80 4.27
CA LEU A 142 -16.09 25.14 3.66
C LEU A 142 -16.28 23.71 4.17
N VAL A 143 -15.30 23.16 4.87
CA VAL A 143 -15.38 21.78 5.35
C VAL A 143 -16.17 21.75 6.65
N GLU A 144 -17.19 20.92 6.70
CA GLU A 144 -18.02 20.78 7.89
C GLU A 144 -17.78 19.39 8.45
N TRP A 145 -17.17 19.32 9.62
CA TRP A 145 -16.72 18.08 10.22
C TRP A 145 -17.85 17.46 11.02
N ASN A 146 -17.82 16.15 11.14
CA ASN A 146 -18.69 15.48 12.11
C ASN A 146 -17.96 15.41 13.45
N LYS A 147 -18.63 14.81 14.44
CA LYS A 147 -18.07 14.67 15.77
C LYS A 147 -17.42 13.32 15.98
N GLY A 148 -17.35 12.50 14.94
CA GLY A 148 -16.95 11.11 15.10
C GLY A 148 -18.12 10.30 15.60
N HIS A 149 -18.11 9.00 15.32
CA HIS A 149 -19.22 8.14 15.68
C HIS A 149 -18.65 6.78 16.10
N LEU A 150 -19.47 6.05 16.87
CA LEU A 150 -18.98 4.82 17.50
C LEU A 150 -18.55 3.79 16.45
N LEU A 151 -19.30 3.68 15.35
CA LEU A 151 -19.06 2.58 14.43
C LEU A 151 -17.73 2.76 13.69
N TYR A 152 -17.04 1.65 13.50
CA TYR A 152 -15.90 1.62 12.58
C TYR A 152 -16.35 2.02 11.18
N GLN A 153 -15.46 2.58 10.39
CA GLN A 153 -15.85 2.89 9.01
C GLN A 153 -14.86 2.35 8.01
N PHE A 154 -15.38 1.68 7.00
CA PHE A 154 -14.67 1.39 5.76
C PHE A 154 -15.31 2.25 4.68
N THR A 155 -14.50 3.04 3.98
CA THR A 155 -15.01 3.94 2.97
C THR A 155 -14.34 3.64 1.64
N TYR A 156 -15.15 3.50 0.60
CA TYR A 156 -14.69 3.34 -0.77
C TYR A 156 -15.02 4.59 -1.57
N PHE A 157 -14.04 5.13 -2.30
CA PHE A 157 -14.19 6.44 -2.96
C PHE A 157 -14.49 6.30 -4.45
N VAL A 158 -15.43 7.10 -4.94
CA VAL A 158 -15.73 7.23 -6.36
C VAL A 158 -15.58 8.69 -6.75
N GLY A 159 -14.71 8.98 -7.71
CA GLY A 159 -14.54 10.33 -8.19
C GLY A 159 -13.62 11.14 -7.29
N PRO A 160 -13.50 12.44 -7.59
CA PRO A 160 -12.51 13.30 -6.90
C PRO A 160 -13.00 13.79 -5.54
N VAL A 161 -13.01 12.86 -4.57
CA VAL A 161 -13.44 13.12 -3.21
C VAL A 161 -12.24 13.47 -2.36
N ASN A 162 -12.35 14.52 -1.55
CA ASN A 162 -11.35 14.83 -0.53
C ASN A 162 -11.78 14.21 0.80
N TYR A 163 -10.84 13.54 1.47
CA TYR A 163 -11.06 12.90 2.76
C TYR A 163 -10.36 13.74 3.83
N TYR A 164 -11.12 14.16 4.83
CA TYR A 164 -10.61 14.96 5.95
C TYR A 164 -10.71 14.14 7.23
N PHE A 165 -9.66 14.19 8.05
CA PHE A 165 -9.68 13.38 9.26
C PHE A 165 -8.86 14.03 10.36
N ARG A 166 -9.30 13.80 11.60
CA ARG A 166 -8.72 14.45 12.78
C ARG A 166 -8.30 13.42 13.81
N SER A 167 -7.20 13.71 14.51
CA SER A 167 -6.67 12.85 15.54
C SER A 167 -5.70 13.67 16.36
N GLY A 168 -5.80 13.58 17.68
CA GLY A 168 -4.89 14.31 18.57
C GLY A 168 -4.73 15.78 18.25
N GLY A 169 -5.81 16.43 17.82
CA GLY A 169 -5.80 17.87 17.63
C GLY A 169 -5.29 18.37 16.30
N ARG A 170 -4.99 17.49 15.36
CA ARG A 170 -4.49 17.89 14.05
C ARG A 170 -5.47 17.47 12.98
N SER A 171 -5.80 18.39 12.08
CA SER A 171 -6.67 18.12 10.95
C SER A 171 -5.83 17.77 9.73
N HIS A 172 -6.26 16.74 9.00
CA HIS A 172 -5.58 16.31 7.79
C HIS A 172 -6.57 16.28 6.64
N CYS A 173 -6.04 16.44 5.43
CA CYS A 173 -6.81 16.25 4.20
C CYS A 173 -5.99 15.42 3.24
N VAL A 174 -6.54 14.28 2.81
CA VAL A 174 -5.90 13.47 1.78
C VAL A 174 -6.84 13.39 0.58
N PRO A 175 -6.47 13.93 -0.57
CA PRO A 175 -7.31 13.77 -1.76
C PRO A 175 -7.33 12.33 -2.24
N MET A 176 -8.51 11.87 -2.65
CA MET A 176 -8.75 10.52 -3.12
C MET A 176 -9.27 10.53 -4.54
N ASN A 177 -9.31 9.35 -5.15
CA ASN A 177 -10.03 9.19 -6.40
C ASN A 177 -10.59 7.77 -6.44
N THR A 178 -11.25 7.44 -7.55
CA THR A 178 -11.98 6.19 -7.67
C THR A 178 -11.10 4.99 -7.37
N GLY A 179 -11.58 4.10 -6.50
CA GLY A 179 -10.87 2.90 -6.15
C GLY A 179 -9.97 3.01 -4.93
N ASP A 180 -9.74 4.22 -4.41
CA ASP A 180 -9.09 4.37 -3.12
C ASP A 180 -10.07 3.97 -2.00
N SER A 181 -9.51 3.78 -0.81
CA SER A 181 -10.34 3.37 0.32
C SER A 181 -9.61 3.67 1.63
N VAL A 182 -10.37 3.72 2.72
CA VAL A 182 -9.80 4.00 4.02
C VAL A 182 -10.59 3.22 5.06
N TRP A 183 -9.91 2.82 6.12
CA TRP A 183 -10.52 2.15 7.26
C TRP A 183 -10.21 2.98 8.49
N GLY A 184 -11.20 3.18 9.36
CA GLY A 184 -11.07 4.17 10.42
C GLY A 184 -11.69 3.71 11.73
N LEU A 185 -11.12 4.22 12.82
CA LEU A 185 -11.42 3.79 14.18
C LEU A 185 -12.65 4.51 14.72
N PRO A 186 -13.27 3.96 15.77
CA PRO A 186 -14.42 4.62 16.39
C PRO A 186 -14.09 6.05 16.84
N PHE A 187 -15.07 6.94 16.67
CA PHE A 187 -15.07 8.32 17.17
C PHE A 187 -13.97 9.18 16.56
N ALA A 188 -13.39 8.76 15.45
CA ALA A 188 -12.45 9.62 14.74
C ALA A 188 -13.22 10.61 13.87
N PRO A 189 -13.13 11.92 14.12
CA PRO A 189 -13.92 12.87 13.33
C PRO A 189 -13.42 12.96 11.90
N HIS A 190 -14.35 13.14 10.96
CA HIS A 190 -13.96 13.15 9.55
C HIS A 190 -14.99 13.91 8.73
N SER A 191 -14.60 14.21 7.48
CA SER A 191 -15.49 14.89 6.53
C SER A 191 -15.10 14.51 5.12
N PHE A 192 -15.97 14.84 4.17
CA PHE A 192 -15.74 14.60 2.75
C PHE A 192 -16.26 15.78 1.93
N THR A 193 -15.49 16.18 0.91
CA THR A 193 -15.90 17.18 -0.06
C THR A 193 -15.58 16.68 -1.46
N ALA A 194 -16.08 17.39 -2.47
CA ALA A 194 -15.75 17.11 -3.86
C ALA A 194 -14.77 18.17 -4.36
N ARG A 195 -13.74 17.72 -5.08
CA ARG A 195 -12.80 18.65 -5.70
C ARG A 195 -13.34 19.28 -6.97
N SER A 196 -14.46 18.77 -7.48
CA SER A 196 -15.01 19.28 -8.73
C SER A 196 -16.52 19.15 -8.70
N ALA A 197 -17.20 20.07 -9.37
CA ALA A 197 -18.64 19.99 -9.56
C ALA A 197 -19.00 19.28 -10.85
N ASP A 198 -18.01 18.77 -11.59
CA ASP A 198 -18.22 18.32 -12.97
C ASP A 198 -18.43 16.81 -13.11
N GLU A 199 -17.94 16.02 -12.18
CA GLU A 199 -18.06 14.56 -12.28
C GLU A 199 -18.63 14.01 -10.99
N PRO A 200 -19.21 12.81 -11.02
CA PRO A 200 -19.76 12.21 -9.81
C PRO A 200 -18.69 12.10 -8.71
N ALA A 201 -19.08 12.46 -7.49
CA ALA A 201 -18.18 12.39 -6.34
C ALA A 201 -18.98 11.85 -5.17
N TYR A 202 -18.73 10.60 -4.79
CA TYR A 202 -19.51 9.99 -3.72
C TYR A 202 -18.68 8.88 -3.09
N ILE A 203 -19.20 8.34 -1.98
CA ILE A 203 -18.55 7.25 -1.26
C ILE A 203 -19.57 6.18 -0.95
N LEU A 204 -19.07 4.97 -0.77
CA LEU A 204 -19.79 3.91 -0.08
C LEU A 204 -19.18 3.89 1.31
N ALA A 205 -19.89 4.48 2.27
CA ALA A 205 -19.48 4.56 3.68
C ALA A 205 -20.07 3.37 4.40
N LEU A 206 -19.29 2.29 4.50
CA LEU A 206 -19.76 1.03 5.06
C LEU A 206 -19.33 0.96 6.52
N THR A 207 -20.14 1.58 7.38
CA THR A 207 -19.85 1.50 8.81
C THR A 207 -20.38 0.19 9.40
N TYR A 208 -19.75 -0.25 10.49
CA TYR A 208 -20.08 -1.52 11.11
C TYR A 208 -19.52 -1.51 12.53
N GLY A 209 -19.97 -2.48 13.32
CA GLY A 209 -19.73 -2.42 14.76
C GLY A 209 -18.85 -3.52 15.33
N GLY A 210 -19.25 -4.77 15.22
CA GLY A 210 -18.46 -5.78 15.85
C GLY A 210 -18.67 -5.97 17.34
N GLU A 211 -17.57 -6.31 18.00
CA GLU A 211 -17.61 -6.74 19.40
C GLU A 211 -17.83 -5.58 20.36
N LEU A 212 -17.36 -4.37 20.02
CA LEU A 212 -17.61 -3.20 20.87
C LEU A 212 -19.11 -2.97 21.08
N THR A 213 -19.92 -3.22 20.07
CA THR A 213 -21.35 -2.98 20.19
C THR A 213 -22.06 -4.24 20.70
N GLY A 214 -23.30 -4.08 21.12
CA GLY A 214 -23.98 -5.23 21.69
C GLY A 214 -23.59 -5.50 23.13
N ASP A 215 -23.42 -6.78 23.49
CA ASP A 215 -23.33 -7.17 24.91
C ASP A 215 -22.23 -6.41 25.63
N ALA A 216 -21.09 -6.21 24.97
CA ALA A 216 -19.96 -5.55 25.64
C ALA A 216 -20.32 -4.14 26.05
N GLN A 217 -21.01 -3.40 25.18
CA GLN A 217 -21.40 -2.03 25.53
C GLN A 217 -22.34 -2.01 26.72
N ARG A 218 -23.34 -2.90 26.73
CA ARG A 218 -24.32 -2.91 27.80
C ARG A 218 -23.65 -3.18 29.14
N GLU A 219 -22.74 -4.15 29.17
CA GLU A 219 -22.06 -4.52 30.41
C GLU A 219 -21.15 -3.39 30.87
N LEU A 220 -20.27 -2.93 29.97
CA LEU A 220 -19.35 -1.87 30.36
C LEU A 220 -20.08 -0.61 30.78
N ALA A 221 -21.22 -0.32 30.16
CA ALA A 221 -21.97 0.87 30.54
C ALA A 221 -22.41 0.82 31.99
N THR A 222 -22.67 -0.37 32.54
CA THR A 222 -23.05 -0.45 33.96
C THR A 222 -21.85 -0.32 34.88
N PHE A 223 -20.66 -0.73 34.44
CA PHE A 223 -19.49 -0.59 35.30
C PHE A 223 -19.05 0.87 35.43
N GLY A 224 -19.27 1.67 34.41
CA GLY A 224 -18.90 3.07 34.46
C GLY A 224 -17.60 3.35 33.72
N ARG A 225 -17.28 4.64 33.64
CA ARG A 225 -16.20 5.12 32.79
C ARG A 225 -14.82 4.74 33.33
N ALA A 226 -14.63 4.81 34.65
CA ALA A 226 -13.33 4.49 35.24
C ALA A 226 -12.99 3.02 35.06
N VAL A 227 -13.92 2.12 35.43
CA VAL A 227 -13.67 0.68 35.24
C VAL A 227 -13.43 0.37 33.76
N THR A 228 -14.25 0.96 32.88
CA THR A 228 -14.11 0.67 31.46
C THR A 228 -12.76 1.12 30.93
N SER A 229 -12.37 2.36 31.26
CA SER A 229 -11.05 2.84 30.86
C SER A 229 -9.96 1.90 31.34
N SER A 230 -10.10 1.38 32.56
CA SER A 230 -9.06 0.54 33.15
C SER A 230 -8.93 -0.82 32.47
N LEU A 231 -9.97 -1.28 31.77
CA LEU A 231 -9.87 -2.54 31.04
C LEU A 231 -9.18 -2.40 29.69
N ALA A 232 -8.95 -1.17 29.22
CA ALA A 232 -8.33 -0.98 27.90
C ALA A 232 -6.95 -1.61 27.86
N LEU A 233 -6.62 -2.17 26.69
CA LEU A 233 -5.29 -2.72 26.39
C LEU A 233 -4.76 -2.05 25.13
N THR A 234 -3.52 -1.56 25.18
CA THR A 234 -2.97 -0.89 24.01
C THR A 234 -2.47 -1.92 23.00
N PRO A 235 -2.86 -1.79 21.72
CA PRO A 235 -2.40 -2.76 20.72
C PRO A 235 -0.87 -2.88 20.72
N GLY A 236 -0.40 -4.11 20.53
CA GLY A 236 1.02 -4.38 20.49
C GLY A 236 1.73 -4.46 21.83
N ASP A 237 1.06 -4.18 22.95
CA ASP A 237 1.73 -4.20 24.25
C ASP A 237 1.61 -5.60 24.86
N HIS A 238 2.61 -6.43 24.57
CA HIS A 238 2.59 -7.81 25.07
C HIS A 238 2.85 -7.88 26.56
N GLY A 239 3.68 -6.99 27.10
CA GLY A 239 3.90 -7.00 28.53
C GLY A 239 2.62 -6.75 29.32
N ALA A 240 1.77 -5.85 28.81
CA ALA A 240 0.50 -5.57 29.49
C ALA A 240 -0.42 -6.78 29.47
N MET A 241 -0.46 -7.46 28.32
CA MET A 241 -1.21 -8.70 28.18
C MET A 241 -0.73 -9.75 29.18
N LEU A 242 0.58 -9.94 29.27
CA LEU A 242 1.13 -10.87 30.25
C LEU A 242 0.75 -10.46 31.67
N ARG A 243 0.92 -9.18 32.02
CA ARG A 243 0.51 -8.74 33.36
C ARG A 243 -0.97 -9.01 33.59
N SER A 244 -1.80 -8.81 32.56
CA SER A 244 -3.23 -8.99 32.73
C SER A 244 -3.58 -10.46 33.00
N VAL A 245 -2.94 -11.39 32.30
CA VAL A 245 -3.22 -12.80 32.54
C VAL A 245 -2.68 -13.23 33.88
N MET A 246 -1.52 -12.70 34.27
CA MET A 246 -0.99 -13.00 35.61
C MET A 246 -1.97 -12.54 36.69
N ALA A 247 -2.50 -11.32 36.56
CA ALA A 247 -3.49 -10.84 37.52
C ALA A 247 -4.74 -11.70 37.51
N ALA A 248 -5.15 -12.19 36.33
CA ALA A 248 -6.36 -13.01 36.25
C ALA A 248 -6.19 -14.34 36.95
N ARG A 249 -4.97 -14.87 36.96
CA ARG A 249 -4.64 -16.11 37.66
C ARG A 249 -4.21 -15.88 39.11
N LEU A 250 -3.99 -14.62 39.51
CA LEU A 250 -3.50 -14.30 40.85
C LEU A 250 -2.18 -15.03 41.11
N THR A 251 -1.35 -15.11 40.08
CA THR A 251 -0.03 -15.69 40.25
C THR A 251 0.95 -14.56 40.52
N THR A 252 2.21 -14.92 40.73
CA THR A 252 3.26 -13.98 41.07
C THR A 252 4.42 -14.23 40.10
N VAL A 253 5.36 -13.28 40.07
CA VAL A 253 6.52 -13.45 39.19
C VAL A 253 7.31 -14.71 39.54
N THR A 254 7.55 -14.95 40.84
CA THR A 254 8.37 -16.11 41.21
C THR A 254 7.62 -17.42 41.01
N GLU A 255 6.29 -17.42 41.25
CA GLU A 255 5.52 -18.64 41.03
C GLU A 255 5.42 -18.95 39.53
N LEU A 256 5.12 -17.94 38.71
CA LEU A 256 5.07 -18.15 37.27
C LEU A 256 6.43 -18.56 36.74
N ALA A 257 7.50 -17.98 37.28
CA ALA A 257 8.84 -18.41 36.89
C ALA A 257 9.05 -19.88 37.21
N ASP A 258 8.65 -20.31 38.41
CA ASP A 258 8.87 -21.69 38.82
C ASP A 258 8.01 -22.64 37.99
N ARG A 259 6.75 -22.27 37.73
CA ARG A 259 5.89 -23.13 36.93
C ARG A 259 6.35 -23.19 35.48
N SER A 260 6.84 -22.07 34.94
CA SER A 260 7.21 -22.05 33.52
C SER A 260 8.63 -22.53 33.27
N GLY A 261 9.49 -22.51 34.28
CA GLY A 261 10.88 -22.82 34.06
C GLY A 261 11.72 -21.65 33.59
N LEU A 262 11.15 -20.44 33.56
CA LEU A 262 11.89 -19.23 33.22
C LEU A 262 12.50 -18.64 34.47
N LYS A 263 13.52 -17.81 34.26
CA LYS A 263 14.11 -17.07 35.38
C LYS A 263 13.19 -15.95 35.83
N THR A 264 13.18 -15.67 37.13
CA THR A 264 12.33 -14.59 37.63
C THR A 264 12.70 -13.25 36.99
N ASP A 265 14.00 -13.01 36.78
CA ASP A 265 14.43 -11.78 36.11
C ASP A 265 13.81 -11.67 34.73
N ARG A 266 13.72 -12.79 34.01
CA ARG A 266 13.17 -12.76 32.66
C ARG A 266 11.67 -12.50 32.69
N VAL A 267 10.93 -13.16 33.59
CA VAL A 267 9.48 -12.92 33.67
C VAL A 267 9.21 -11.45 34.00
N ALA A 268 10.00 -10.89 34.92
CA ALA A 268 9.82 -9.49 35.27
C ALA A 268 10.08 -8.58 34.07
N ALA A 269 11.17 -8.86 33.34
CA ALA A 269 11.50 -8.07 32.16
C ALA A 269 10.40 -8.16 31.10
N LEU A 270 9.83 -9.36 30.90
CA LEU A 270 8.76 -9.48 29.92
C LEU A 270 7.51 -8.71 30.36
N CYS A 271 7.28 -8.55 31.66
CA CYS A 271 6.14 -7.77 32.11
C CYS A 271 6.29 -6.29 31.82
N ARG A 272 7.51 -5.82 31.56
CA ARG A 272 7.80 -4.40 31.41
C ARG A 272 8.06 -3.97 29.98
N THR A 273 7.79 -4.82 29.00
CA THR A 273 8.08 -4.43 27.63
C THR A 273 6.91 -4.74 26.72
N PRO A 274 6.67 -3.90 25.71
CA PRO A 274 5.63 -4.22 24.73
C PRO A 274 6.02 -5.33 23.78
N ALA A 275 7.33 -5.59 23.61
CA ALA A 275 7.78 -6.63 22.70
C ALA A 275 7.40 -8.01 23.23
N ARG A 276 6.97 -8.89 22.33
CA ARG A 276 6.59 -10.23 22.75
C ARG A 276 7.82 -11.03 23.17
N ALA A 277 7.58 -12.00 24.05
CA ALA A 277 8.61 -12.95 24.40
C ALA A 277 8.97 -13.82 23.18
N GLU A 278 10.06 -14.55 23.30
CA GLU A 278 10.43 -15.52 22.27
C GLU A 278 9.41 -16.67 22.27
N TRP A 279 9.23 -17.30 21.11
CA TRP A 279 8.23 -18.36 20.98
C TRP A 279 8.36 -19.45 22.04
N PRO A 280 9.54 -19.99 22.34
CA PRO A 280 9.62 -20.99 23.41
C PRO A 280 9.24 -20.44 24.77
N GLU A 281 9.53 -19.17 25.03
CA GLU A 281 9.09 -18.54 26.27
C GLU A 281 7.57 -18.38 26.30
N LEU A 282 6.98 -17.95 25.17
CA LEU A 282 5.53 -17.80 25.14
C LEU A 282 4.84 -19.14 25.41
N SER A 283 5.39 -20.23 24.86
CA SER A 283 4.76 -21.54 25.07
C SER A 283 4.82 -21.94 26.53
N ALA A 284 5.98 -21.74 27.16
CA ALA A 284 6.15 -22.09 28.57
C ALA A 284 5.26 -21.22 29.45
N LEU A 285 5.23 -19.92 29.20
CA LEU A 285 4.37 -19.04 29.99
C LEU A 285 2.90 -19.40 29.81
N ALA A 286 2.48 -19.63 28.57
CA ALA A 286 1.08 -19.98 28.32
C ALA A 286 0.67 -21.23 29.08
N GLU A 287 1.48 -22.29 29.01
CA GLU A 287 1.15 -23.52 29.72
C GLU A 287 1.07 -23.28 31.22
N ALA A 288 2.00 -22.49 31.75
CA ALA A 288 1.98 -22.21 33.17
C ALA A 288 0.74 -21.45 33.56
N LEU A 289 0.22 -20.62 32.65
CA LEU A 289 -0.95 -19.79 32.90
C LEU A 289 -2.25 -20.45 32.44
N GLY A 290 -2.19 -21.69 31.97
CA GLY A 290 -3.42 -22.37 31.57
C GLY A 290 -4.11 -21.75 30.39
N VAL A 291 -3.35 -21.18 29.45
CA VAL A 291 -3.95 -20.58 28.26
C VAL A 291 -3.18 -21.02 27.03
N SER A 292 -3.82 -20.89 25.89
CA SER A 292 -3.12 -21.05 24.62
C SER A 292 -2.20 -19.84 24.39
N VAL A 293 -1.11 -20.08 23.67
CA VAL A 293 -0.23 -18.99 23.25
C VAL A 293 -1.04 -17.88 22.61
N ARG A 294 -2.16 -18.24 21.97
CA ARG A 294 -3.05 -17.25 21.37
C ARG A 294 -3.36 -16.11 22.33
N GLU A 295 -3.55 -16.41 23.61
CA GLU A 295 -4.02 -15.40 24.55
C GLU A 295 -2.93 -14.45 25.04
N LEU A 296 -1.65 -14.74 24.78
CA LEU A 296 -0.57 -13.85 25.15
C LEU A 296 -0.10 -12.97 24.00
N LEU A 297 -0.68 -13.14 22.81
CA LEU A 297 -0.35 -12.35 21.63
C LEU A 297 -1.35 -11.20 21.49
N VAL A 298 -0.85 -10.04 21.08
CA VAL A 298 -1.65 -8.84 20.97
C VAL A 298 -1.57 -8.36 19.53
N PRO A 299 -2.67 -8.05 18.86
CA PRO A 299 -2.58 -7.57 17.50
C PRO A 299 -1.95 -6.20 17.46
N HIS A 300 -1.24 -5.94 16.37
CA HIS A 300 -0.79 -4.59 16.07
C HIS A 300 -1.81 -3.92 15.17
N THR A 301 -1.72 -2.62 15.09
CA THR A 301 -2.55 -1.89 14.15
C THR A 301 -1.65 -1.26 13.08
N THR A 302 -2.23 -1.00 11.91
CA THR A 302 -1.50 -0.27 10.86
C THR A 302 -2.00 1.15 10.70
N THR A 303 -2.91 1.59 11.59
CA THR A 303 -3.47 2.93 11.50
C THR A 303 -2.44 3.99 11.87
N GLU A 304 -2.63 5.18 11.31
CA GLU A 304 -1.89 6.38 11.64
C GLU A 304 -2.89 7.53 11.60
N ALA A 305 -2.93 8.33 12.66
CA ALA A 305 -4.01 9.30 12.84
C ALA A 305 -5.37 8.60 12.75
N ASP A 306 -5.43 7.39 13.29
CA ASP A 306 -6.66 6.60 13.50
C ASP A 306 -7.33 6.14 12.21
N VAL A 307 -6.64 6.22 11.07
CA VAL A 307 -7.14 5.70 9.80
C VAL A 307 -6.03 4.90 9.12
N ARG A 308 -6.43 4.00 8.23
CA ARG A 308 -5.49 3.29 7.35
C ARG A 308 -5.97 3.47 5.92
N ILE A 309 -5.20 4.21 5.13
CA ILE A 309 -5.57 4.53 3.75
C ILE A 309 -4.94 3.52 2.81
N GLN A 310 -5.75 2.96 1.90
CA GLN A 310 -5.24 2.05 0.87
C GLN A 310 -5.35 2.71 -0.50
N PRO A 311 -4.27 3.18 -1.09
CA PRO A 311 -4.35 3.63 -2.50
C PRO A 311 -4.75 2.46 -3.38
N GLY A 312 -5.70 2.71 -4.28
CA GLY A 312 -6.10 1.67 -5.20
C GLY A 312 -4.99 1.24 -6.13
N ARG A 313 -4.06 2.15 -6.45
CA ARG A 313 -3.02 1.85 -7.42
C ARG A 313 -2.05 0.79 -6.93
N THR A 314 -1.72 0.81 -5.64
CA THR A 314 -0.72 -0.11 -5.11
C THR A 314 -1.34 -1.30 -4.39
N ALA A 315 -2.66 -1.44 -4.44
CA ALA A 315 -3.34 -2.51 -3.73
C ALA A 315 -3.03 -3.87 -4.33
N SER A 316 -2.97 -4.89 -3.47
CA SER A 316 -2.70 -6.26 -3.93
C SER A 316 -3.81 -6.75 -4.86
N ARG A 317 -3.42 -7.45 -5.92
CA ARG A 317 -4.38 -7.96 -6.91
C ARG A 317 -4.08 -9.42 -7.20
N TRP A 318 -5.14 -10.22 -7.32
CA TRP A 318 -4.95 -11.63 -7.67
C TRP A 318 -6.25 -12.16 -8.26
N SER A 319 -6.15 -13.32 -8.88
CA SER A 319 -7.23 -13.93 -9.63
C SER A 319 -7.74 -15.17 -8.93
N TYR A 320 -9.00 -15.48 -9.15
CA TYR A 320 -9.63 -16.64 -8.51
C TYR A 320 -10.41 -17.42 -9.55
N PRO A 321 -10.25 -18.75 -9.61
CA PRO A 321 -9.45 -19.54 -8.67
C PRO A 321 -7.97 -19.52 -8.98
N GLY A 322 -7.61 -18.90 -10.09
CA GLY A 322 -6.22 -18.79 -10.47
C GLY A 322 -6.08 -18.18 -11.84
N PRO A 323 -4.84 -17.81 -12.21
CA PRO A 323 -4.64 -17.10 -13.49
C PRO A 323 -4.87 -17.96 -14.72
N ASP A 324 -4.83 -19.29 -14.61
CA ASP A 324 -5.02 -20.10 -15.81
C ASP A 324 -6.44 -19.95 -16.37
N ALA A 325 -7.45 -19.89 -15.49
CA ALA A 325 -8.84 -19.68 -15.90
C ALA A 325 -9.54 -18.83 -14.85
N PRO A 326 -9.34 -17.51 -14.89
CA PRO A 326 -9.83 -16.66 -13.81
C PRO A 326 -11.32 -16.41 -13.95
N ALA A 327 -12.04 -16.59 -12.85
CA ALA A 327 -13.44 -16.18 -12.80
C ALA A 327 -13.62 -14.80 -12.21
N TYR A 328 -12.76 -14.44 -11.26
CA TYR A 328 -12.83 -13.15 -10.59
C TYR A 328 -11.43 -12.61 -10.47
N ARG A 329 -11.32 -11.28 -10.45
CA ARG A 329 -10.06 -10.64 -10.10
C ARG A 329 -10.33 -9.78 -8.87
N PHE A 330 -9.58 -10.05 -7.80
CA PHE A 330 -9.80 -9.34 -6.54
C PHE A 330 -8.74 -8.27 -6.36
N THR A 331 -9.15 -7.16 -5.74
CA THR A 331 -8.25 -6.11 -5.29
C THR A 331 -8.48 -5.90 -3.80
N GLN A 332 -7.41 -5.94 -3.02
CA GLN A 332 -7.51 -5.81 -1.57
C GLN A 332 -7.62 -4.34 -1.18
N LEU A 333 -8.69 -3.99 -0.46
CA LEU A 333 -8.93 -2.61 -0.06
C LEU A 333 -8.53 -2.45 1.40
N ALA A 334 -8.81 -1.27 1.97
CA ALA A 334 -8.25 -0.93 3.27
C ALA A 334 -8.81 -1.81 4.38
N GLY A 335 -7.95 -2.19 5.31
CA GLY A 335 -8.39 -2.87 6.50
C GLY A 335 -7.38 -2.63 7.59
N ASP A 336 -7.44 -3.46 8.63
CA ASP A 336 -6.53 -3.30 9.76
C ASP A 336 -6.46 -4.58 10.57
N PRO A 337 -5.29 -4.97 11.08
CA PRO A 337 -5.19 -6.20 11.89
C PRO A 337 -5.91 -6.13 13.21
N LEU A 338 -6.33 -4.95 13.67
CA LEU A 338 -7.20 -4.92 14.84
C LEU A 338 -8.51 -5.61 14.56
N HIS A 339 -8.90 -5.64 13.29
CA HIS A 339 -10.11 -6.32 12.81
C HIS A 339 -9.71 -7.38 11.79
N PRO A 340 -9.11 -8.48 12.24
CA PRO A 340 -8.67 -9.51 11.29
C PRO A 340 -9.80 -10.13 10.49
N HIS A 341 -11.04 -10.06 10.97
CA HIS A 341 -12.18 -10.65 10.29
C HIS A 341 -12.87 -9.70 9.33
N THR A 342 -12.30 -8.51 9.10
CA THR A 342 -12.81 -7.58 8.11
C THR A 342 -11.98 -7.75 6.84
N THR A 343 -12.64 -8.14 5.75
CA THR A 343 -12.04 -8.23 4.42
C THR A 343 -12.78 -7.29 3.50
N SER A 344 -12.05 -6.39 2.84
CA SER A 344 -12.64 -5.47 1.88
C SER A 344 -12.03 -5.74 0.52
N LEU A 345 -12.88 -5.89 -0.51
CA LEU A 345 -12.43 -6.26 -1.84
C LEU A 345 -13.18 -5.51 -2.92
N ALA A 346 -12.44 -5.10 -3.95
CA ALA A 346 -13.05 -4.82 -5.24
C ALA A 346 -13.01 -6.11 -6.05
N VAL A 347 -14.15 -6.49 -6.62
CA VAL A 347 -14.28 -7.77 -7.29
C VAL A 347 -14.64 -7.51 -8.75
N ASP A 348 -13.74 -7.86 -9.66
CA ASP A 348 -14.07 -7.88 -11.08
C ASP A 348 -14.62 -9.26 -11.39
N VAL A 349 -15.89 -9.30 -11.79
CA VAL A 349 -16.54 -10.56 -12.12
C VAL A 349 -16.32 -10.79 -13.61
N LEU A 350 -15.52 -11.81 -13.93
CA LEU A 350 -15.08 -12.06 -15.29
C LEU A 350 -15.86 -13.16 -15.97
N THR A 351 -16.27 -14.18 -15.22
CA THR A 351 -16.91 -15.33 -15.83
C THR A 351 -18.38 -15.02 -16.13
N ALA A 352 -18.82 -15.55 -17.26
CA ALA A 352 -20.21 -15.54 -17.68
C ALA A 352 -20.95 -16.80 -17.24
N ARG A 353 -20.29 -17.71 -16.56
CA ARG A 353 -20.90 -18.95 -16.10
C ARG A 353 -21.00 -18.98 -14.59
N PRO A 354 -21.95 -19.76 -14.02
CA PRO A 354 -22.01 -19.96 -12.57
C PRO A 354 -21.04 -21.05 -12.09
N ASP A 355 -19.81 -21.01 -12.59
CA ASP A 355 -18.89 -22.11 -12.40
C ASP A 355 -17.89 -21.87 -11.28
N ALA A 356 -17.98 -20.76 -10.55
CA ALA A 356 -16.99 -20.41 -9.53
C ALA A 356 -17.65 -20.07 -8.21
N PRO A 357 -18.19 -21.07 -7.52
CA PRO A 357 -18.72 -20.80 -6.17
C PRO A 357 -17.61 -20.31 -5.26
N LEU A 358 -17.91 -19.27 -4.51
CA LEU A 358 -16.95 -18.79 -3.54
C LEU A 358 -16.99 -19.66 -2.28
N PRO A 359 -15.84 -19.93 -1.66
CA PRO A 359 -15.84 -20.72 -0.42
C PRO A 359 -16.69 -20.03 0.64
N PRO A 360 -17.53 -20.79 1.34
CA PRO A 360 -18.25 -20.20 2.47
C PRO A 360 -17.29 -19.63 3.49
N THR A 361 -17.67 -18.50 4.07
CA THR A 361 -16.89 -17.87 5.11
C THR A 361 -17.77 -17.69 6.35
N TYR A 362 -17.11 -17.61 7.51
CA TYR A 362 -17.79 -17.27 8.75
C TYR A 362 -18.22 -15.81 8.80
N GLN A 363 -17.82 -14.99 7.84
CA GLN A 363 -18.12 -13.56 7.87
C GLN A 363 -19.51 -13.29 7.29
N HIS A 364 -20.16 -12.25 7.81
CA HIS A 364 -21.23 -11.58 7.06
C HIS A 364 -20.64 -10.99 5.78
N GLN A 365 -21.46 -10.86 4.74
CA GLN A 365 -20.98 -10.18 3.53
C GLN A 365 -21.97 -9.14 3.04
N TYR A 366 -21.43 -8.05 2.52
CA TYR A 366 -22.19 -6.97 1.90
C TYR A 366 -21.65 -6.78 0.49
N LEU A 367 -22.54 -6.66 -0.49
CA LEU A 367 -22.14 -6.49 -1.88
C LEU A 367 -22.80 -5.23 -2.42
N TYR A 368 -22.08 -4.52 -3.31
CA TYR A 368 -22.64 -3.34 -3.96
C TYR A 368 -22.10 -3.31 -5.38
N VAL A 369 -22.98 -3.20 -6.37
CA VAL A 369 -22.57 -3.31 -7.77
C VAL A 369 -22.10 -1.96 -8.26
N LEU A 370 -20.79 -1.84 -8.50
CA LEU A 370 -20.18 -0.62 -9.02
C LEU A 370 -20.18 -0.55 -10.53
N GLY A 371 -20.04 -1.69 -11.20
CA GLY A 371 -19.83 -1.71 -12.63
C GLY A 371 -21.08 -1.34 -13.39
N GLU A 372 -21.00 -1.48 -14.71
CA GLU A 372 -22.07 -1.10 -15.60
C GLU A 372 -22.96 -2.26 -16.01
N GLN A 373 -22.53 -3.52 -15.77
CA GLN A 373 -23.35 -4.67 -16.11
C GLN A 373 -23.94 -5.29 -14.85
N PRO A 374 -25.11 -5.90 -14.95
CA PRO A 374 -25.67 -6.62 -13.80
C PRO A 374 -24.83 -7.84 -13.47
N VAL A 375 -24.94 -8.30 -12.23
CA VAL A 375 -24.25 -9.50 -11.75
C VAL A 375 -25.32 -10.52 -11.36
N SER A 376 -25.25 -11.70 -11.96
CA SER A 376 -26.15 -12.79 -11.56
C SER A 376 -25.54 -13.50 -10.36
N VAL A 377 -26.38 -13.78 -9.36
CA VAL A 377 -25.94 -14.43 -8.13
C VAL A 377 -26.72 -15.72 -7.97
N ARG A 378 -26.02 -16.80 -7.64
CA ARG A 378 -26.67 -18.09 -7.41
C ARG A 378 -26.18 -18.63 -6.08
N TRP A 379 -27.10 -19.05 -5.23
CA TRP A 379 -26.66 -19.42 -3.90
C TRP A 379 -27.54 -20.54 -3.37
N ARG A 380 -27.05 -21.17 -2.30
CA ARG A 380 -27.77 -22.24 -1.63
C ARG A 380 -27.92 -21.90 -0.16
N TYR A 381 -29.02 -22.37 0.44
CA TYR A 381 -29.26 -22.15 1.86
C TYR A 381 -30.32 -23.14 2.31
N ASN A 382 -29.97 -23.93 3.33
CA ASN A 382 -30.90 -24.88 3.95
C ASN A 382 -31.57 -25.77 2.91
N GLY A 383 -30.76 -26.37 2.05
CA GLY A 383 -31.26 -27.32 1.08
C GLY A 383 -32.02 -26.74 -0.09
N GLU A 384 -32.12 -25.42 -0.22
CA GLU A 384 -32.72 -24.79 -1.38
C GLU A 384 -31.65 -24.05 -2.17
N GLN A 385 -31.84 -23.99 -3.49
CA GLN A 385 -31.03 -23.16 -4.38
C GLN A 385 -31.85 -21.96 -4.82
N TYR A 386 -31.19 -20.81 -4.91
CA TYR A 386 -31.83 -19.57 -5.31
C TYR A 386 -30.96 -18.87 -6.35
N ASP A 387 -31.55 -17.92 -7.05
CA ASP A 387 -30.81 -17.10 -8.00
C ASP A 387 -31.40 -15.71 -8.04
N GLY A 388 -30.58 -14.73 -8.39
CA GLY A 388 -31.05 -13.37 -8.50
C GLY A 388 -30.06 -12.57 -9.31
N ARG A 389 -30.44 -11.35 -9.62
CA ARG A 389 -29.59 -10.48 -10.43
C ARG A 389 -29.53 -9.10 -9.82
N LEU A 390 -28.30 -8.64 -9.54
CA LEU A 390 -28.07 -7.30 -9.01
C LEU A 390 -27.75 -6.38 -10.18
N GLU A 391 -28.56 -5.34 -10.37
CA GLU A 391 -28.25 -4.31 -11.34
C GLU A 391 -27.25 -3.34 -10.75
N PRO A 392 -26.60 -2.51 -11.59
CA PRO A 392 -25.72 -1.47 -11.05
C PRO A 392 -26.42 -0.61 -10.01
N GLY A 393 -25.75 -0.42 -8.87
CA GLY A 393 -26.31 0.32 -7.76
C GLY A 393 -27.14 -0.50 -6.80
N ASP A 394 -27.50 -1.73 -7.17
CA ASP A 394 -28.14 -2.66 -6.24
C ASP A 394 -27.11 -3.15 -5.21
N SER A 395 -27.60 -3.63 -4.07
CA SER A 395 -26.72 -4.16 -3.04
C SER A 395 -27.32 -5.45 -2.49
N ALA A 396 -26.51 -6.18 -1.72
CA ALA A 396 -27.01 -7.41 -1.12
C ALA A 396 -26.35 -7.64 0.22
N TYR A 397 -27.08 -8.34 1.09
CA TYR A 397 -26.57 -8.79 2.37
C TYR A 397 -26.59 -10.31 2.38
N VAL A 398 -25.51 -10.92 2.91
CA VAL A 398 -25.35 -12.37 2.96
C VAL A 398 -24.97 -12.78 4.37
N ILE A 399 -25.69 -13.76 4.92
CA ILE A 399 -25.36 -14.27 6.27
C ILE A 399 -24.13 -15.15 6.18
N PRO A 400 -23.44 -15.40 7.30
CA PRO A 400 -22.32 -16.35 7.29
C PRO A 400 -22.74 -17.72 6.74
N GLY A 401 -21.79 -18.39 6.10
CA GLY A 401 -21.95 -19.78 5.72
C GLY A 401 -22.53 -20.03 4.34
N ILE A 402 -22.92 -18.99 3.61
CA ILE A 402 -23.60 -19.18 2.33
C ILE A 402 -22.60 -19.43 1.23
N GLU A 403 -22.83 -20.45 0.41
CA GLU A 403 -22.05 -20.67 -0.79
C GLU A 403 -22.76 -20.00 -1.96
N PHE A 404 -22.11 -19.01 -2.59
CA PHE A 404 -22.69 -18.38 -3.77
C PHE A 404 -21.63 -18.24 -4.86
N SER A 405 -22.13 -18.08 -6.08
CA SER A 405 -21.29 -17.74 -7.21
C SER A 405 -21.82 -16.47 -7.86
N LEU A 406 -20.93 -15.78 -8.58
CA LEU A 406 -21.25 -14.56 -9.29
C LEU A 406 -20.92 -14.75 -10.76
N SER A 407 -21.71 -14.12 -11.64
CA SER A 407 -21.40 -14.16 -13.06
C SER A 407 -21.95 -12.91 -13.72
N ALA A 408 -21.45 -12.63 -14.93
CA ALA A 408 -21.92 -11.46 -15.64
C ALA A 408 -21.71 -11.69 -17.12
N GLU A 409 -22.59 -11.11 -17.93
CA GLU A 409 -22.47 -11.32 -19.37
C GLU A 409 -21.24 -10.63 -19.94
N LYS A 410 -20.78 -9.56 -19.29
CA LYS A 410 -19.51 -8.91 -19.60
C LYS A 410 -18.88 -8.52 -18.28
N PRO A 411 -17.55 -8.45 -18.22
CA PRO A 411 -16.89 -8.16 -16.94
C PRO A 411 -17.45 -6.91 -16.29
N THR A 412 -17.67 -7.00 -14.98
CA THR A 412 -18.25 -5.91 -14.21
C THR A 412 -17.72 -5.99 -12.80
N GLU A 413 -17.78 -4.87 -12.09
CA GLU A 413 -17.14 -4.73 -10.79
C GLU A 413 -18.19 -4.63 -9.69
N LEU A 414 -17.89 -5.24 -8.55
CA LEU A 414 -18.69 -4.99 -7.35
C LEU A 414 -17.77 -4.76 -6.17
N LEU A 415 -18.34 -4.12 -5.14
CA LEU A 415 -17.64 -3.87 -3.89
C LEU A 415 -18.11 -4.91 -2.88
N MET A 416 -17.17 -5.52 -2.16
CA MET A 416 -17.48 -6.55 -1.16
C MET A 416 -16.85 -6.18 0.17
N LEU A 417 -17.67 -6.12 1.22
CA LEU A 417 -17.18 -5.93 2.57
C LEU A 417 -17.67 -7.10 3.42
N ARG A 418 -16.73 -7.82 4.01
CA ARG A 418 -17.00 -8.98 4.85
C ARG A 418 -16.54 -8.64 6.27
N ILE A 419 -17.39 -8.92 7.26
CA ILE A 419 -17.08 -8.57 8.64
C ILE A 419 -17.41 -9.76 9.53
N GLY A 420 -16.70 -9.86 10.66
CA GLY A 420 -17.04 -10.86 11.64
C GLY A 420 -18.34 -10.51 12.34
N GLY A 421 -19.12 -11.54 12.66
CA GLY A 421 -20.32 -11.39 13.43
C GLY A 421 -20.06 -11.69 14.88
N SER A 422 -21.16 -11.90 15.62
CA SER A 422 -21.05 -12.29 17.02
C SER A 422 -20.50 -13.70 17.19
N ALA A 423 -20.49 -14.52 16.14
CA ALA A 423 -19.84 -15.83 16.22
C ALA A 423 -18.35 -15.62 15.95
N THR A 424 -17.66 -15.24 17.01
CA THR A 424 -16.22 -14.99 17.01
C THR A 424 -15.45 -16.31 16.98
N PRO A 425 -14.13 -16.27 16.79
CA PRO A 425 -13.35 -17.51 16.91
C PRO A 425 -13.62 -18.25 18.21
N ASP A 426 -13.69 -17.55 19.35
CA ASP A 426 -13.93 -18.24 20.61
C ASP A 426 -15.28 -18.97 20.59
N VAL A 427 -16.31 -18.34 20.02
CA VAL A 427 -17.61 -19.01 19.89
C VAL A 427 -17.47 -20.25 19.00
N ARG A 428 -16.79 -20.10 17.87
CA ARG A 428 -16.67 -21.21 16.93
C ARG A 428 -15.95 -22.39 17.57
N PHE A 429 -14.93 -22.14 18.40
CA PHE A 429 -14.28 -23.25 19.07
C PHE A 429 -15.16 -23.87 20.14
N ALA A 430 -15.97 -23.04 20.82
CA ALA A 430 -16.96 -23.61 21.74
C ALA A 430 -17.96 -24.50 21.00
N LEU A 431 -18.46 -24.04 19.84
CA LEU A 431 -19.33 -24.88 19.03
C LEU A 431 -18.65 -26.20 18.67
N GLY A 432 -17.36 -26.15 18.35
CA GLY A 432 -16.63 -27.36 17.99
C GLY A 432 -16.43 -28.32 19.15
N ALA A 433 -16.47 -27.81 20.38
CA ALA A 433 -16.26 -28.66 21.55
C ALA A 433 -17.55 -29.30 22.05
N MET A 434 -18.71 -28.83 21.60
CA MET A 434 -19.98 -29.36 22.08
C MET A 434 -20.17 -30.81 21.66
N PRO A 435 -20.82 -31.61 22.49
CA PRO A 435 -21.14 -32.99 22.09
C PRO A 435 -22.16 -33.04 20.96
N ASP A 436 -22.21 -34.19 20.30
CA ASP A 436 -23.12 -34.40 19.17
C ASP A 436 -24.55 -34.09 19.57
N GLY A 437 -25.27 -33.42 18.66
CA GLY A 437 -26.64 -33.02 18.90
C GLY A 437 -26.81 -31.76 19.70
N ALA A 438 -25.77 -31.28 20.38
CA ALA A 438 -25.96 -30.18 21.32
C ALA A 438 -26.20 -28.86 20.60
N ILE A 439 -25.67 -28.69 19.39
CA ILE A 439 -25.83 -27.42 18.70
C ILE A 439 -27.31 -27.11 18.48
N GLY A 440 -28.10 -28.14 18.19
CA GLY A 440 -29.54 -27.94 18.05
C GLY A 440 -30.18 -27.34 19.29
N ARG A 441 -29.82 -27.84 20.47
CA ARG A 441 -30.42 -27.32 21.69
C ARG A 441 -29.89 -25.93 22.03
N TYR A 442 -28.63 -25.66 21.66
CA TYR A 442 -28.08 -24.32 21.81
C TYR A 442 -28.87 -23.31 20.97
N ILE A 443 -29.22 -23.70 19.74
CA ILE A 443 -30.03 -22.86 18.87
C ILE A 443 -31.42 -22.64 19.44
N ALA A 444 -32.03 -23.71 19.96
CA ALA A 444 -33.42 -23.63 20.39
C ALA A 444 -33.61 -24.70 21.46
N GLU A 445 -33.55 -24.29 22.72
CA GLU A 445 -33.79 -25.24 23.80
C GLU A 445 -35.22 -25.76 23.71
N ASP A 446 -35.37 -27.06 23.94
CA ASP A 446 -36.63 -27.73 23.69
C ASP A 446 -37.06 -28.63 24.86
N ARG A 447 -36.48 -28.44 26.04
CA ARG A 447 -36.79 -29.39 27.11
C ARG A 447 -36.32 -28.85 28.45
N LEU A 448 -36.97 -29.34 29.51
CA LEU A 448 -36.45 -29.19 30.86
C LEU A 448 -35.08 -29.85 30.96
N TRP A 449 -34.24 -29.33 31.86
CA TRP A 449 -32.84 -29.77 31.88
C TRP A 449 -32.66 -31.17 32.47
N TYR A 450 -33.72 -31.77 33.04
CA TYR A 450 -33.66 -33.15 33.51
C TYR A 450 -34.97 -33.85 33.21
N SER B 9 40.43 -0.25 -16.10
CA SER B 9 41.71 -0.02 -16.75
C SER B 9 41.86 1.40 -17.30
N ASP B 10 43.00 2.03 -17.02
CA ASP B 10 43.24 3.35 -17.58
C ASP B 10 43.50 3.29 -19.08
N ALA B 11 44.09 2.20 -19.56
CA ALA B 11 44.30 2.06 -20.99
C ALA B 11 42.98 1.89 -21.74
N ALA B 12 42.03 1.17 -21.14
CA ALA B 12 40.72 1.06 -21.76
C ALA B 12 39.97 2.38 -21.70
N ARG B 13 40.09 3.12 -20.60
CA ARG B 13 39.48 4.45 -20.57
C ARG B 13 40.12 5.35 -21.62
N ALA B 14 41.44 5.22 -21.79
CA ALA B 14 42.12 5.98 -22.84
C ALA B 14 41.58 5.63 -24.22
N ALA B 15 41.35 4.34 -24.48
CA ALA B 15 40.78 3.94 -25.76
C ALA B 15 39.38 4.53 -25.94
N ARG B 16 38.60 4.63 -24.86
CA ARG B 16 37.28 5.24 -25.00
C ARG B 16 37.40 6.71 -25.38
N ALA B 17 38.33 7.44 -24.75
CA ALA B 17 38.51 8.85 -25.08
C ALA B 17 39.03 9.02 -26.50
N ALA B 18 39.94 8.14 -26.92
CA ALA B 18 40.46 8.22 -28.29
C ALA B 18 39.34 7.99 -29.30
N ALA B 19 38.39 7.11 -28.99
CA ALA B 19 37.29 6.86 -29.91
C ALA B 19 36.34 8.05 -29.98
N LEU B 20 36.12 8.74 -28.85
CA LEU B 20 35.26 9.93 -28.87
C LEU B 20 35.88 11.05 -29.71
N LEU B 21 37.20 11.15 -29.72
CA LEU B 21 37.87 12.15 -30.56
C LEU B 21 37.63 11.86 -32.04
N ARG B 22 37.84 10.63 -32.48
CA ARG B 22 37.55 10.29 -33.88
C ARG B 22 36.08 10.55 -34.21
N ALA B 23 35.18 10.11 -33.32
CA ALA B 23 33.74 10.34 -33.55
C ALA B 23 33.42 11.81 -33.65
N ALA B 24 34.06 12.65 -32.81
CA ALA B 24 33.76 14.07 -32.86
C ALA B 24 34.25 14.69 -34.18
N ALA B 25 35.42 14.28 -34.64
CA ALA B 25 35.94 14.78 -35.91
C ALA B 25 35.12 14.26 -37.09
N ASN B 26 34.80 12.96 -37.09
CA ASN B 26 33.90 12.40 -38.11
C ASN B 26 32.60 13.22 -38.18
N ASP B 27 31.99 13.50 -37.04
CA ASP B 27 30.70 14.19 -37.00
C ASP B 27 30.79 15.59 -37.60
N LEU B 28 31.94 16.26 -37.45
CA LEU B 28 32.15 17.57 -38.02
C LEU B 28 32.69 17.52 -39.43
N LYS B 29 32.75 16.34 -40.03
CA LYS B 29 33.33 16.17 -41.37
C LYS B 29 34.74 16.77 -41.42
N ARG B 30 35.52 16.46 -40.39
CA ARG B 30 36.92 16.83 -40.30
C ARG B 30 37.75 15.55 -40.38
N ASN B 31 38.37 15.30 -41.53
CA ASN B 31 39.27 14.16 -41.62
C ASN B 31 40.57 14.47 -40.89
N ASP B 32 41.53 13.55 -40.96
CA ASP B 32 42.73 13.67 -40.15
C ASP B 32 43.45 14.99 -40.44
N ARG B 33 43.62 15.31 -41.73
CA ARG B 33 44.31 16.54 -42.09
C ARG B 33 43.57 17.78 -41.62
N ALA B 34 42.23 17.81 -41.79
CA ALA B 34 41.49 19.00 -41.39
C ALA B 34 41.48 19.15 -39.87
N ALA B 35 41.42 18.03 -39.15
CA ALA B 35 41.44 18.11 -37.69
C ALA B 35 42.79 18.60 -37.18
N GLU B 36 43.89 18.16 -37.82
CA GLU B 36 45.19 18.67 -37.42
C GLU B 36 45.29 20.17 -37.67
N ALA B 37 44.73 20.64 -38.79
CA ALA B 37 44.71 22.07 -39.06
C ALA B 37 43.91 22.81 -38.00
N ASP B 38 42.68 22.34 -37.73
CA ASP B 38 41.80 23.03 -36.79
C ASP B 38 42.41 23.07 -35.39
N LEU B 39 43.02 21.97 -34.96
CA LEU B 39 43.47 21.78 -33.59
C LEU B 39 44.93 22.18 -33.38
N GLY B 40 45.61 22.65 -34.42
CA GLY B 40 47.03 22.98 -34.30
C GLY B 40 47.90 21.81 -33.93
N LEU B 41 47.64 20.66 -34.49
CA LEU B 41 48.42 19.46 -34.23
C LEU B 41 49.48 19.28 -35.29
N PRO B 42 50.56 18.54 -35.00
CA PRO B 42 51.55 18.28 -36.04
C PRO B 42 50.97 17.41 -37.14
N PRO B 43 51.41 17.61 -38.38
CA PRO B 43 50.90 16.78 -39.48
C PRO B 43 51.10 15.30 -39.22
N GLY B 44 50.05 14.53 -39.49
CA GLY B 44 50.08 13.09 -39.31
C GLY B 44 49.90 12.60 -37.89
N SER B 45 49.65 13.48 -36.93
CA SER B 45 49.57 13.05 -35.54
C SER B 45 48.15 12.65 -35.12
N PHE B 46 47.11 13.11 -35.82
CA PHE B 46 45.75 12.80 -35.39
C PHE B 46 45.54 11.30 -35.26
N GLY B 47 46.07 10.53 -36.21
CA GLY B 47 45.99 9.08 -36.11
C GLY B 47 46.63 8.54 -34.85
N ASP B 48 47.68 9.20 -34.35
CA ASP B 48 48.31 8.77 -33.11
C ASP B 48 47.44 9.08 -31.89
N TYR B 49 46.71 10.19 -31.91
CA TYR B 49 45.78 10.47 -30.82
C TYR B 49 44.61 9.50 -30.82
N VAL B 50 44.06 9.19 -32.00
CA VAL B 50 42.88 8.31 -32.00
C VAL B 50 43.22 6.83 -31.89
N SER B 51 44.50 6.46 -32.05
CA SER B 51 44.92 5.08 -31.88
C SER B 51 45.49 4.80 -30.49
N GLY B 52 45.73 5.83 -29.69
CA GLY B 52 46.28 5.67 -28.37
C GLY B 52 47.78 5.83 -28.26
N ARG B 53 48.47 6.10 -29.36
CA ARG B 53 49.92 6.25 -29.32
C ARG B 53 50.33 7.53 -28.59
N LEU B 54 49.54 8.60 -28.70
CA LEU B 54 49.74 9.84 -27.97
C LEU B 54 48.57 10.07 -27.03
N PRO B 55 48.82 10.38 -25.76
CA PRO B 55 47.70 10.59 -24.83
C PRO B 55 46.92 11.85 -25.18
N ILE B 56 45.62 11.79 -24.94
CA ILE B 56 44.77 12.96 -25.12
C ILE B 56 44.77 13.74 -23.81
N THR B 57 45.22 14.98 -23.87
CA THR B 57 45.42 15.80 -22.68
C THR B 57 44.25 16.76 -22.51
N TRP B 58 44.15 17.32 -21.30
CA TRP B 58 43.17 18.37 -21.07
C TRP B 58 43.43 19.56 -21.98
N ASP B 59 44.71 19.85 -22.23
CA ASP B 59 45.05 20.91 -23.17
C ASP B 59 44.42 20.64 -24.53
N LEU B 60 44.54 19.40 -25.03
CA LEU B 60 43.97 19.09 -26.34
C LEU B 60 42.46 19.19 -26.33
N ILE B 61 41.84 18.69 -25.26
CA ILE B 61 40.40 18.74 -25.16
C ILE B 61 39.91 20.17 -25.09
N SER B 62 40.64 21.03 -24.36
CA SER B 62 40.28 22.45 -24.27
C SER B 62 40.41 23.12 -25.62
N ARG B 63 41.50 22.85 -26.33
CA ARG B 63 41.67 23.37 -27.69
C ARG B 63 40.52 22.98 -28.59
N ALA B 64 40.06 21.72 -28.47
CA ALA B 64 39.00 21.24 -29.34
C ALA B 64 37.71 21.99 -29.10
N ALA B 65 37.39 22.26 -27.82
CA ALA B 65 36.19 23.01 -27.50
C ALA B 65 36.27 24.46 -27.96
N GLN B 66 37.46 25.01 -28.16
CA GLN B 66 37.60 26.36 -28.69
C GLN B 66 37.55 26.37 -30.22
N ALA B 67 38.20 25.39 -30.86
CA ALA B 67 38.28 25.37 -32.32
C ALA B 67 36.97 24.89 -32.98
N TRP B 68 36.22 24.01 -32.30
CA TRP B 68 35.05 23.35 -32.82
C TRP B 68 33.83 23.64 -31.95
N PRO B 69 32.62 23.57 -32.49
CA PRO B 69 31.41 23.82 -31.71
C PRO B 69 30.99 22.64 -30.85
N LEU B 70 31.92 22.15 -30.04
CA LEU B 70 31.62 21.09 -29.09
C LEU B 70 32.13 21.47 -27.71
N ASN B 71 31.83 20.61 -26.73
CA ASN B 71 32.18 20.84 -25.34
C ASN B 71 33.26 19.85 -24.88
N GLU B 72 34.05 20.27 -23.90
CA GLU B 72 35.00 19.34 -23.28
C GLU B 72 34.29 18.06 -22.85
N ARG B 73 33.06 18.19 -22.34
CA ARG B 73 32.27 17.02 -21.95
C ARG B 73 32.14 16.02 -23.07
N ASP B 74 32.11 16.48 -24.32
CA ASP B 74 31.84 15.59 -25.44
C ASP B 74 33.02 14.70 -25.78
N LEU B 75 34.18 14.97 -25.21
CA LEU B 75 35.39 14.23 -25.52
C LEU B 75 35.89 13.40 -24.34
N LEU B 76 35.16 13.40 -23.23
CA LEU B 76 35.55 12.68 -22.04
C LEU B 76 34.69 11.44 -21.87
N PRO B 77 35.29 10.28 -21.73
CA PRO B 77 34.51 9.08 -21.36
C PRO B 77 34.25 9.14 -19.86
N ILE B 78 33.40 8.24 -19.39
CA ILE B 78 33.26 8.03 -17.96
C ILE B 78 34.13 6.84 -17.56
N HIS B 79 34.27 6.64 -16.25
CA HIS B 79 35.13 5.59 -15.73
C HIS B 79 34.35 4.29 -15.63
N ASN B 80 35.06 3.18 -15.75
CA ASN B 80 34.50 1.87 -15.44
C ASN B 80 35.10 1.44 -14.10
N ASP B 81 34.32 1.53 -13.03
CA ASP B 81 34.81 1.06 -11.75
C ASP B 81 34.10 -0.22 -11.32
N THR B 82 33.43 -0.89 -12.26
CA THR B 82 32.73 -2.15 -11.99
C THR B 82 33.16 -3.16 -13.05
N PRO B 83 34.44 -3.54 -13.05
CA PRO B 83 34.97 -4.40 -14.12
C PRO B 83 34.41 -5.80 -14.13
N GLN B 84 33.92 -6.31 -13.00
CA GLN B 84 33.31 -7.63 -12.97
C GLN B 84 31.81 -7.59 -13.20
N GLY B 85 31.24 -6.40 -13.48
CA GLY B 85 29.81 -6.26 -13.69
C GLY B 85 29.00 -6.12 -12.41
N LEU B 86 29.54 -6.56 -11.29
CA LEU B 86 28.94 -6.41 -9.98
C LEU B 86 30.08 -6.11 -9.02
N ARG B 87 29.85 -5.18 -8.09
CA ARG B 87 30.89 -4.85 -7.13
C ARG B 87 30.30 -4.73 -5.74
N MET B 88 30.99 -5.32 -4.78
CA MET B 88 30.54 -5.32 -3.39
C MET B 88 31.28 -4.26 -2.59
N MET B 89 30.60 -3.74 -1.57
CA MET B 89 31.17 -2.80 -0.63
C MET B 89 30.93 -3.33 0.77
N ARG B 90 31.96 -3.23 1.61
CA ARG B 90 31.96 -3.87 2.92
C ARG B 90 31.52 -2.93 4.03
N VAL B 91 30.83 -3.50 5.02
CA VAL B 91 30.51 -2.82 6.28
C VAL B 91 31.65 -1.93 6.75
N LYS B 92 32.87 -2.48 6.75
CA LYS B 92 34.02 -1.75 7.28
C LYS B 92 34.31 -0.51 6.45
N GLU B 93 34.17 -0.61 5.13
CA GLU B 93 34.34 0.55 4.27
C GLU B 93 33.24 1.58 4.49
N SER B 94 31.99 1.12 4.63
CA SER B 94 30.91 2.05 4.97
C SER B 94 31.21 2.78 6.28
N GLU B 95 31.64 2.03 7.31
CA GLU B 95 31.94 2.66 8.60
C GLU B 95 33.09 3.67 8.47
N ALA B 96 34.13 3.32 7.71
CA ALA B 96 35.24 4.24 7.51
C ALA B 96 34.80 5.56 6.87
N SER B 97 33.68 5.60 6.17
CA SER B 97 33.20 6.81 5.52
C SER B 97 32.29 7.64 6.41
N SER B 98 32.21 7.32 7.70
CA SER B 98 31.22 7.96 8.56
C SER B 98 31.45 9.46 8.63
N ARG B 99 30.37 10.23 8.42
CA ARG B 99 30.34 11.67 8.64
C ARG B 99 29.23 11.98 9.62
N ILE B 100 29.54 12.76 10.65
CA ILE B 100 28.52 13.25 11.57
C ILE B 100 28.28 14.72 11.27
N ILE B 101 27.02 15.09 11.12
CA ILE B 101 26.65 16.49 10.93
C ILE B 101 25.76 16.92 12.08
N GLU B 102 26.02 18.11 12.59
CA GLU B 102 25.24 18.72 13.65
C GLU B 102 24.22 19.69 13.07
N ARG B 103 23.04 19.71 13.66
CA ARG B 103 22.00 20.65 13.31
C ARG B 103 21.33 21.09 14.59
N GLY B 104 21.08 22.40 14.71
CA GLY B 104 20.43 22.91 15.90
C GLY B 104 21.23 22.72 17.17
N GLY B 105 22.55 22.83 17.08
CA GLY B 105 23.42 22.78 18.24
C GLY B 105 24.08 21.45 18.51
N GLY B 106 23.56 20.35 17.97
CA GLY B 106 24.08 19.05 18.31
C GLY B 106 23.99 18.04 17.19
N PRO B 107 24.66 16.90 17.37
CA PRO B 107 24.67 15.87 16.32
C PRO B 107 23.27 15.49 15.90
N TYR B 108 23.06 15.39 14.58
CA TYR B 108 21.73 15.14 14.06
C TYR B 108 21.65 13.90 13.19
N TYR B 109 22.63 13.68 12.32
CA TYR B 109 22.71 12.49 11.49
C TYR B 109 24.14 11.96 11.49
N GLU B 110 24.27 10.64 11.39
CA GLU B 110 25.52 10.01 10.95
C GLU B 110 25.26 9.39 9.58
N TYR B 111 26.05 9.80 8.59
CA TYR B 111 25.97 9.26 7.23
C TYR B 111 27.09 8.26 7.01
N ARG B 112 26.79 7.19 6.26
CA ARG B 112 27.81 6.30 5.72
C ARG B 112 27.51 6.02 4.26
N ASP B 113 28.55 5.94 3.44
CA ASP B 113 28.41 5.52 2.06
C ASP B 113 28.09 4.03 2.00
N THR B 114 27.26 3.64 1.03
CA THR B 114 27.16 2.25 0.58
C THR B 114 27.47 2.19 -0.92
N ALA B 115 27.35 1.00 -1.51
CA ALA B 115 27.90 0.73 -2.83
C ALA B 115 27.42 1.73 -3.88
N MET B 116 28.38 2.31 -4.60
CA MET B 116 28.17 3.34 -5.60
C MET B 116 29.06 3.07 -6.79
N SER B 117 28.75 3.73 -7.90
CA SER B 117 29.56 3.58 -9.10
C SER B 117 29.53 4.85 -9.93
N ARG B 118 30.67 5.12 -10.58
CA ARG B 118 30.74 6.16 -11.57
C ARG B 118 29.94 5.86 -12.82
N GLN B 119 29.43 4.63 -12.96
CA GLN B 119 28.61 4.24 -14.08
C GLN B 119 27.11 4.44 -13.84
N ALA B 120 26.72 4.91 -12.66
CA ALA B 120 25.32 4.98 -12.28
C ALA B 120 25.09 6.19 -11.37
N SER B 121 23.83 6.61 -11.27
CA SER B 121 23.50 7.83 -10.53
C SER B 121 23.13 7.61 -9.07
N TYR B 122 23.17 6.39 -8.55
CA TYR B 122 22.86 6.18 -7.13
C TYR B 122 23.72 7.08 -6.27
N ARG B 123 23.13 7.60 -5.19
CA ARG B 123 23.88 8.12 -4.04
C ARG B 123 23.19 7.53 -2.82
N PRO B 124 23.52 6.29 -2.46
CA PRO B 124 22.82 5.60 -1.36
C PRO B 124 23.54 5.76 -0.05
N GLU B 125 22.94 6.48 0.90
CA GLU B 125 23.52 6.68 2.20
C GLU B 125 22.74 5.92 3.25
N TRP B 126 23.47 5.15 4.07
CA TRP B 126 23.00 4.76 5.38
C TRP B 126 23.04 5.97 6.30
N ILE B 127 21.93 6.27 6.97
CA ILE B 127 21.87 7.46 7.82
C ILE B 127 21.22 7.09 9.15
N SER B 128 21.93 7.32 10.24
CA SER B 128 21.40 7.10 11.58
C SER B 128 20.75 8.38 12.11
N MET B 129 19.57 8.22 12.74
CA MET B 129 18.87 9.35 13.34
C MET B 129 19.44 9.61 14.73
N LEU B 130 20.15 10.73 14.90
CA LEU B 130 20.73 11.04 16.20
C LEU B 130 19.86 11.94 17.05
N ARG B 131 18.83 12.57 16.49
CA ARG B 131 17.94 13.43 17.23
C ARG B 131 16.73 12.62 17.71
N VAL B 132 16.49 12.62 19.02
CA VAL B 132 15.38 11.89 19.62
C VAL B 132 14.28 12.88 19.97
N VAL B 133 13.03 12.54 19.62
CA VAL B 133 11.86 13.35 19.94
C VAL B 133 10.95 12.54 20.86
N GLU B 134 10.12 13.28 21.61
CA GLU B 134 9.16 12.67 22.52
C GLU B 134 7.72 12.83 22.05
N ASP B 135 7.51 13.33 20.84
CA ASP B 135 6.19 13.36 20.24
C ASP B 135 6.35 13.27 18.73
N ASP B 136 5.22 13.16 18.03
CA ASP B 136 5.20 13.11 16.57
C ASP B 136 4.66 14.41 15.98
N ASP B 137 4.78 15.50 16.72
CA ASP B 137 4.37 16.83 16.25
C ASP B 137 5.29 17.27 15.12
N PRO B 138 4.77 17.57 13.93
CA PRO B 138 5.66 17.99 12.83
C PRO B 138 6.26 19.35 13.04
N ASP B 139 5.76 20.12 14.00
CA ASP B 139 6.29 21.45 14.33
C ASP B 139 7.18 21.43 15.55
N ASN B 140 7.52 20.24 16.05
CA ASN B 140 8.45 20.11 17.17
C ASN B 140 9.73 20.87 16.86
N PRO B 141 10.14 21.82 17.73
CA PRO B 141 11.33 22.62 17.40
C PRO B 141 12.63 21.84 17.36
N LEU B 142 12.63 20.59 17.83
CA LEU B 142 13.81 19.75 17.70
C LEU B 142 14.03 19.23 16.29
N VAL B 143 13.08 19.42 15.39
CA VAL B 143 13.21 18.90 14.03
C VAL B 143 13.96 19.92 13.20
N GLU B 144 15.07 19.48 12.61
CA GLU B 144 15.91 20.32 11.75
C GLU B 144 15.73 19.85 10.30
N TRP B 145 15.17 20.73 9.48
CA TRP B 145 14.84 20.41 8.09
C TRP B 145 16.02 20.66 7.18
N ASN B 146 16.09 19.92 6.08
CA ASN B 146 17.03 20.28 5.03
C ASN B 146 16.35 21.25 4.06
N LYS B 147 17.10 21.66 3.04
CA LYS B 147 16.61 22.61 2.06
C LYS B 147 15.91 21.93 0.89
N GLY B 148 15.78 20.61 0.92
CA GLY B 148 15.39 19.87 -0.26
C GLY B 148 16.58 19.73 -1.19
N HIS B 149 16.61 18.69 -2.02
CA HIS B 149 17.75 18.46 -2.91
C HIS B 149 17.25 17.95 -4.26
N LEU B 150 18.09 18.10 -5.28
CA LEU B 150 17.66 17.76 -6.64
C LEU B 150 17.33 16.28 -6.77
N LEU B 151 18.11 15.40 -6.14
CA LEU B 151 17.98 13.98 -6.41
C LEU B 151 16.64 13.44 -5.88
N TYR B 152 16.06 12.52 -6.63
CA TYR B 152 14.93 11.74 -6.15
C TYR B 152 15.36 10.92 -4.95
N GLN B 153 14.41 10.58 -4.09
CA GLN B 153 14.81 9.78 -2.94
C GLN B 153 13.84 8.63 -2.69
N PHE B 154 14.41 7.44 -2.57
CA PHE B 154 13.72 6.29 -2.01
C PHE B 154 14.30 6.07 -0.63
N THR B 155 13.44 6.00 0.39
CA THR B 155 13.89 5.84 1.77
C THR B 155 13.29 4.57 2.34
N TYR B 156 14.13 3.72 2.91
CA TYR B 156 13.70 2.53 3.63
C TYR B 156 13.99 2.72 5.11
N PHE B 157 13.02 2.41 5.98
CA PHE B 157 13.11 2.73 7.40
C PHE B 157 13.46 1.49 8.22
N VAL B 158 14.34 1.67 9.21
CA VAL B 158 14.62 0.64 10.21
C VAL B 158 14.47 1.29 11.58
N GLY B 159 13.57 0.74 12.40
CA GLY B 159 13.38 1.24 13.73
C GLY B 159 12.37 2.36 13.79
N PRO B 160 12.18 2.94 14.98
CA PRO B 160 11.14 3.97 15.21
C PRO B 160 11.57 5.34 14.72
N VAL B 161 11.58 5.48 13.39
CA VAL B 161 11.98 6.71 12.70
C VAL B 161 10.73 7.52 12.39
N ASN B 162 10.76 8.80 12.73
CA ASN B 162 9.73 9.74 12.30
C ASN B 162 10.18 10.40 10.99
N TYR B 163 9.28 10.42 10.00
CA TYR B 163 9.53 11.04 8.72
C TYR B 163 8.75 12.35 8.64
N TYR B 164 9.44 13.44 8.30
CA TYR B 164 8.87 14.77 8.25
C TYR B 164 8.94 15.29 6.83
N PHE B 165 7.83 15.84 6.33
CA PHE B 165 7.79 16.31 4.95
C PHE B 165 6.85 17.50 4.88
N ARG B 166 6.92 18.22 3.77
CA ARG B 166 6.10 19.39 3.50
C ARG B 166 5.05 19.09 2.44
N SER B 167 3.91 19.76 2.56
CA SER B 167 2.80 19.62 1.61
C SER B 167 1.74 20.68 1.87
N GLY B 168 1.27 21.33 0.81
CA GLY B 168 0.27 22.38 0.94
C GLY B 168 0.68 23.49 1.89
N GLY B 169 1.95 23.91 1.84
CA GLY B 169 2.45 24.90 2.76
C GLY B 169 2.61 24.44 4.19
N ARG B 170 2.16 23.23 4.52
CA ARG B 170 2.19 22.73 5.89
C ARG B 170 3.30 21.69 6.05
N SER B 171 3.65 21.46 7.32
CA SER B 171 4.59 20.42 7.70
C SER B 171 3.82 19.20 8.19
N HIS B 172 4.35 18.02 7.89
CA HIS B 172 3.70 16.76 8.18
C HIS B 172 4.71 15.81 8.81
N CYS B 173 4.22 14.99 9.74
CA CYS B 173 5.01 13.93 10.35
C CYS B 173 4.27 12.60 10.26
N VAL B 174 4.93 11.58 9.72
CA VAL B 174 4.40 10.22 9.71
C VAL B 174 5.37 9.32 10.46
N PRO B 175 5.01 8.79 11.62
CA PRO B 175 5.90 7.82 12.29
C PRO B 175 6.00 6.53 11.49
N MET B 176 7.22 6.07 11.27
CA MET B 176 7.49 4.87 10.50
C MET B 176 8.01 3.77 11.41
N ASN B 177 8.03 2.56 10.89
CA ASN B 177 8.63 1.42 11.55
C ASN B 177 9.41 0.61 10.53
N THR B 178 10.17 -0.37 11.02
CA THR B 178 11.00 -1.20 10.15
C THR B 178 10.19 -1.78 8.99
N GLY B 179 10.72 -1.60 7.78
CA GLY B 179 10.08 -2.13 6.60
C GLY B 179 9.16 -1.17 5.89
N ASP B 180 8.87 -0.01 6.46
CA ASP B 180 8.15 1.03 5.74
C ASP B 180 9.09 1.71 4.76
N SER B 181 8.50 2.42 3.78
CA SER B 181 9.33 3.13 2.80
C SER B 181 8.54 4.28 2.21
N VAL B 182 9.27 5.21 1.57
CA VAL B 182 8.66 6.37 0.94
C VAL B 182 9.51 6.76 -0.27
N TRP B 183 8.85 7.33 -1.27
CA TRP B 183 9.51 7.81 -2.48
C TRP B 183 9.19 9.28 -2.63
N GLY B 184 10.18 10.09 -3.01
CA GLY B 184 10.03 11.52 -2.93
C GLY B 184 10.62 12.24 -4.14
N LEU B 185 10.00 13.38 -4.47
CA LEU B 185 10.35 14.23 -5.61
C LEU B 185 11.52 15.16 -5.33
N PRO B 186 12.17 15.68 -6.40
CA PRO B 186 13.22 16.69 -6.21
C PRO B 186 12.76 17.87 -5.38
N PHE B 187 13.67 18.36 -4.54
CA PHE B 187 13.58 19.61 -3.79
C PHE B 187 12.48 19.60 -2.74
N ALA B 188 11.96 18.44 -2.40
CA ALA B 188 11.02 18.31 -1.30
C ALA B 188 11.79 18.32 0.01
N PRO B 189 11.62 19.34 0.85
CA PRO B 189 12.37 19.38 2.11
C PRO B 189 11.85 18.33 3.09
N HIS B 190 12.77 17.73 3.84
CA HIS B 190 12.36 16.66 4.75
C HIS B 190 13.31 16.57 5.92
N SER B 191 12.94 15.75 6.90
CA SER B 191 13.80 15.48 8.05
C SER B 191 13.41 14.13 8.64
N PHE B 192 14.28 13.64 9.52
CA PHE B 192 14.11 12.36 10.17
C PHE B 192 14.59 12.47 11.62
N THR B 193 13.82 11.89 12.54
CA THR B 193 14.20 11.82 13.94
C THR B 193 13.92 10.41 14.43
N ALA B 194 14.44 10.11 15.63
CA ALA B 194 14.18 8.83 16.29
C ALA B 194 13.19 9.06 17.42
N ARG B 195 12.22 8.16 17.55
CA ARG B 195 11.24 8.22 18.62
C ARG B 195 11.77 7.66 19.94
N SER B 196 12.94 7.02 19.92
CA SER B 196 13.49 6.41 21.12
C SER B 196 15.00 6.35 20.99
N ALA B 197 15.68 6.54 22.11
CA ALA B 197 17.14 6.43 22.17
C ALA B 197 17.62 5.01 22.40
N ASP B 198 16.70 4.05 22.55
CA ASP B 198 17.05 2.75 23.10
C ASP B 198 17.20 1.65 22.06
N GLU B 199 16.78 1.88 20.83
CA GLU B 199 16.89 0.87 19.78
C GLU B 199 17.40 1.55 18.52
N PRO B 200 17.99 0.78 17.60
CA PRO B 200 18.51 1.38 16.37
C PRO B 200 17.41 2.07 15.57
N ALA B 201 17.71 3.29 15.12
CA ALA B 201 16.80 4.07 14.30
C ALA B 201 17.61 4.65 13.14
N TYR B 202 17.41 4.14 11.94
CA TYR B 202 18.18 4.60 10.80
C TYR B 202 17.41 4.32 9.53
N ILE B 203 17.91 4.89 8.43
CA ILE B 203 17.30 4.72 7.12
C ILE B 203 18.40 4.36 6.12
N LEU B 204 17.97 3.71 5.05
CA LEU B 204 18.75 3.62 3.82
C LEU B 204 18.14 4.66 2.90
N ALA B 205 18.88 5.74 2.66
CA ALA B 205 18.40 6.89 1.90
C ALA B 205 19.03 6.75 0.52
N LEU B 206 18.29 6.14 -0.39
CA LEU B 206 18.80 5.76 -1.71
C LEU B 206 18.36 6.86 -2.67
N THR B 207 19.19 7.90 -2.79
CA THR B 207 18.87 8.94 -3.75
C THR B 207 19.47 8.60 -5.11
N TYR B 208 18.89 9.18 -6.16
CA TYR B 208 19.36 8.90 -7.50
C TYR B 208 18.83 10.00 -8.41
N GLY B 209 19.48 10.12 -9.56
CA GLY B 209 19.06 11.04 -10.59
C GLY B 209 18.51 10.21 -11.74
N GLY B 210 17.36 10.62 -12.25
CA GLY B 210 16.86 9.94 -13.42
C GLY B 210 17.10 10.77 -14.65
N GLU B 211 16.00 11.30 -15.19
CA GLU B 211 16.07 12.09 -16.41
C GLU B 211 16.78 13.42 -16.17
N LEU B 212 16.68 13.95 -14.96
CA LEU B 212 16.98 15.36 -14.73
C LEU B 212 18.48 15.62 -14.71
N THR B 213 19.25 14.69 -14.18
CA THR B 213 20.69 14.94 -14.03
C THR B 213 21.43 14.55 -15.31
N GLY B 214 22.64 15.05 -15.43
CA GLY B 214 23.40 14.74 -16.63
C GLY B 214 23.07 15.67 -17.78
N ASP B 215 23.05 15.15 -19.01
CA ASP B 215 22.97 15.99 -20.20
C ASP B 215 21.85 17.02 -20.12
N ALA B 216 20.69 16.61 -19.60
CA ALA B 216 19.54 17.51 -19.60
C ALA B 216 19.80 18.73 -18.73
N GLN B 217 20.40 18.50 -17.57
CA GLN B 217 20.71 19.63 -16.69
C GLN B 217 21.68 20.60 -17.36
N ARG B 218 22.73 20.07 -17.99
CA ARG B 218 23.72 20.94 -18.65
C ARG B 218 23.08 21.82 -19.71
N GLU B 219 22.19 21.24 -20.52
CA GLU B 219 21.58 21.97 -21.62
C GLU B 219 20.60 23.02 -21.10
N LEU B 220 19.68 22.59 -20.23
CA LEU B 220 18.72 23.53 -19.68
C LEU B 220 19.41 24.64 -18.90
N ALA B 221 20.54 24.35 -18.26
CA ALA B 221 21.24 25.40 -17.52
C ALA B 221 21.75 26.52 -18.44
N THR B 222 22.02 26.22 -19.71
CA THR B 222 22.45 27.32 -20.59
C THR B 222 21.27 28.16 -21.09
N PHE B 223 20.06 27.61 -21.06
CA PHE B 223 18.91 28.30 -21.63
C PHE B 223 18.41 29.43 -20.73
N GLY B 224 18.61 29.30 -19.42
CA GLY B 224 18.01 30.22 -18.46
C GLY B 224 16.73 29.65 -17.89
N ARG B 225 16.30 30.23 -16.76
CA ARG B 225 15.15 29.62 -16.11
C ARG B 225 13.83 30.01 -16.76
N ALA B 226 13.78 31.14 -17.48
CA ALA B 226 12.55 31.48 -18.19
C ALA B 226 12.24 30.44 -19.27
N VAL B 227 13.23 30.14 -20.12
CA VAL B 227 13.06 29.07 -21.11
C VAL B 227 12.79 27.73 -20.42
N THR B 228 13.59 27.39 -19.41
CA THR B 228 13.45 26.07 -18.78
C THR B 228 12.08 25.92 -18.14
N SER B 229 11.58 26.97 -17.48
CA SER B 229 10.25 26.89 -16.88
C SER B 229 9.18 26.71 -17.93
N SER B 230 9.35 27.36 -19.09
CA SER B 230 8.34 27.28 -20.14
C SER B 230 8.27 25.90 -20.77
N LEU B 231 9.29 25.07 -20.58
CA LEU B 231 9.30 23.73 -21.12
C LEU B 231 8.64 22.70 -20.21
N ALA B 232 8.29 23.08 -18.98
CA ALA B 232 7.69 22.13 -18.06
C ALA B 232 6.31 21.72 -18.56
N LEU B 233 5.97 20.46 -18.31
CA LEU B 233 4.64 19.91 -18.59
C LEU B 233 4.08 19.34 -17.30
N THR B 234 2.82 19.63 -17.02
CA THR B 234 2.19 19.12 -15.80
C THR B 234 1.85 17.65 -15.97
N PRO B 235 2.32 16.77 -15.08
CA PRO B 235 1.92 15.36 -15.18
C PRO B 235 0.41 15.23 -15.24
N GLY B 236 -0.06 14.25 -16.02
CA GLY B 236 -1.48 14.02 -16.21
C GLY B 236 -2.17 14.89 -17.24
N ASP B 237 -1.50 15.89 -17.81
CA ASP B 237 -2.16 16.88 -18.67
C ASP B 237 -1.98 16.49 -20.14
N HIS B 238 -2.93 15.68 -20.65
CA HIS B 238 -2.84 15.20 -22.02
C HIS B 238 -3.09 16.32 -23.03
N GLY B 239 -3.95 17.27 -22.72
CA GLY B 239 -4.15 18.41 -23.63
C GLY B 239 -2.88 19.22 -23.85
N ALA B 240 -2.11 19.44 -22.79
CA ALA B 240 -0.85 20.16 -22.94
C ALA B 240 0.14 19.37 -23.79
N MET B 241 0.12 18.04 -23.66
CA MET B 241 0.95 17.19 -24.49
C MET B 241 0.55 17.31 -25.96
N LEU B 242 -0.76 17.26 -26.24
CA LEU B 242 -1.23 17.41 -27.61
C LEU B 242 -0.85 18.78 -28.18
N ARG B 243 -1.03 19.85 -27.38
CA ARG B 243 -0.66 21.19 -27.86
C ARG B 243 0.83 21.27 -28.14
N SER B 244 1.63 20.58 -27.34
CA SER B 244 3.08 20.62 -27.50
C SER B 244 3.53 19.93 -28.80
N VAL B 245 2.95 18.78 -29.11
CA VAL B 245 3.30 18.11 -30.35
C VAL B 245 2.79 18.89 -31.55
N MET B 246 1.59 19.49 -31.44
CA MET B 246 1.07 20.33 -32.51
C MET B 246 1.99 21.51 -32.78
N ALA B 247 2.44 22.19 -31.71
CA ALA B 247 3.37 23.30 -31.87
C ALA B 247 4.70 22.82 -32.46
N ALA B 248 5.14 21.61 -32.09
CA ALA B 248 6.37 21.07 -32.65
C ALA B 248 6.25 20.83 -34.14
N ARG B 249 5.07 20.44 -34.62
CA ARG B 249 4.84 20.24 -36.04
C ARG B 249 4.44 21.51 -36.76
N LEU B 250 4.13 22.58 -36.01
CA LEU B 250 3.62 23.81 -36.61
C LEU B 250 2.34 23.55 -37.41
N THR B 251 1.54 22.62 -36.92
CA THR B 251 0.27 22.36 -37.57
C THR B 251 -0.81 23.23 -36.91
N THR B 252 -2.04 23.12 -37.40
CA THR B 252 -3.18 23.89 -36.90
C THR B 252 -4.31 22.93 -36.53
N VAL B 253 -5.32 23.44 -35.82
CA VAL B 253 -6.46 22.60 -35.47
C VAL B 253 -7.15 22.08 -36.74
N THR B 254 -7.33 22.94 -37.73
CA THR B 254 -8.03 22.54 -38.95
C THR B 254 -7.22 21.53 -39.75
N GLU B 255 -5.92 21.80 -39.93
CA GLU B 255 -5.09 20.87 -40.68
C GLU B 255 -5.01 19.51 -39.98
N LEU B 256 -4.85 19.50 -38.66
CA LEU B 256 -4.76 18.24 -37.94
C LEU B 256 -6.09 17.48 -37.97
N ALA B 257 -7.20 18.20 -37.86
CA ALA B 257 -8.50 17.55 -38.00
C ALA B 257 -8.64 16.94 -39.39
N ASP B 258 -8.23 17.68 -40.43
CA ASP B 258 -8.33 17.14 -41.79
C ASP B 258 -7.49 15.88 -41.94
N ARG B 259 -6.25 15.91 -41.46
CA ARG B 259 -5.35 14.76 -41.60
C ARG B 259 -5.82 13.57 -40.77
N SER B 260 -6.36 13.81 -39.57
CA SER B 260 -6.67 12.71 -38.65
C SER B 260 -8.09 12.18 -38.81
N GLY B 261 -8.96 12.89 -39.53
CA GLY B 261 -10.34 12.50 -39.64
C GLY B 261 -11.20 12.86 -38.46
N LEU B 262 -10.64 13.52 -37.44
CA LEU B 262 -11.42 14.03 -36.34
C LEU B 262 -12.08 15.34 -36.72
N LYS B 263 -13.14 15.69 -36.00
CA LYS B 263 -13.79 16.97 -36.21
C LYS B 263 -12.94 18.09 -35.62
N THR B 264 -12.98 19.26 -36.28
CA THR B 264 -12.17 20.39 -35.83
C THR B 264 -12.48 20.76 -34.38
N ASP B 265 -13.76 20.81 -34.03
CA ASP B 265 -14.14 21.13 -32.66
C ASP B 265 -13.59 20.11 -31.66
N ARG B 266 -13.51 18.84 -32.07
CA ARG B 266 -13.03 17.79 -31.20
C ARG B 266 -11.52 17.92 -30.97
N VAL B 267 -10.76 18.22 -32.03
CA VAL B 267 -9.34 18.50 -31.84
C VAL B 267 -9.14 19.68 -30.90
N ALA B 268 -9.92 20.75 -31.09
CA ALA B 268 -9.76 21.91 -30.24
C ALA B 268 -10.10 21.58 -28.79
N ALA B 269 -11.16 20.80 -28.57
CA ALA B 269 -11.55 20.43 -27.22
C ALA B 269 -10.46 19.61 -26.54
N LEU B 270 -9.87 18.66 -27.26
CA LEU B 270 -8.78 17.86 -26.71
C LEU B 270 -7.59 18.71 -26.30
N CYS B 271 -7.34 19.82 -27.00
CA CYS B 271 -6.23 20.68 -26.62
C CYS B 271 -6.47 21.41 -25.32
N ARG B 272 -7.71 21.44 -24.83
CA ARG B 272 -8.08 22.28 -23.69
C ARG B 272 -8.35 21.48 -22.42
N THR B 273 -8.20 20.16 -22.43
CA THR B 273 -8.49 19.35 -21.26
C THR B 273 -7.29 18.47 -20.91
N PRO B 274 -7.09 18.19 -19.62
CA PRO B 274 -6.06 17.22 -19.23
C PRO B 274 -6.44 15.77 -19.52
N ALA B 275 -7.74 15.49 -19.72
CA ALA B 275 -8.18 14.12 -19.96
C ALA B 275 -7.72 13.64 -21.34
N ARG B 276 -7.28 12.39 -21.40
CA ARG B 276 -6.81 11.87 -22.67
C ARG B 276 -7.97 11.63 -23.64
N ALA B 277 -7.67 11.72 -24.92
CA ALA B 277 -8.62 11.36 -25.96
C ALA B 277 -8.90 9.85 -25.92
N GLU B 278 -9.97 9.45 -26.59
CA GLU B 278 -10.29 8.02 -26.69
C GLU B 278 -9.21 7.31 -27.50
N TRP B 279 -9.03 6.02 -27.22
CA TRP B 279 -7.93 5.29 -27.87
C TRP B 279 -7.93 5.41 -29.40
N PRO B 280 -9.06 5.23 -30.11
CA PRO B 280 -9.02 5.42 -31.58
C PRO B 280 -8.70 6.84 -31.98
N GLU B 281 -9.10 7.82 -31.17
CA GLU B 281 -8.71 9.20 -31.45
C GLU B 281 -7.22 9.38 -31.29
N LEU B 282 -6.63 8.82 -30.23
CA LEU B 282 -5.18 8.93 -30.05
C LEU B 282 -4.44 8.30 -31.22
N SER B 283 -4.89 7.12 -31.68
CA SER B 283 -4.24 6.48 -32.82
C SER B 283 -4.32 7.35 -34.07
N ALA B 284 -5.48 7.96 -34.31
CA ALA B 284 -5.63 8.81 -35.48
C ALA B 284 -4.78 10.07 -35.36
N LEU B 285 -4.74 10.67 -34.17
CA LEU B 285 -3.92 11.86 -33.99
C LEU B 285 -2.43 11.55 -34.12
N ALA B 286 -1.98 10.46 -33.49
CA ALA B 286 -0.57 10.08 -33.53
C ALA B 286 -0.11 9.87 -34.96
N GLU B 287 -0.88 9.10 -35.73
CA GLU B 287 -0.52 8.85 -37.12
C GLU B 287 -0.44 10.16 -37.90
N ALA B 288 -1.39 11.08 -37.67
CA ALA B 288 -1.37 12.33 -38.41
C ALA B 288 -0.21 13.23 -37.99
N LEU B 289 0.25 13.11 -36.75
CA LEU B 289 1.36 13.91 -36.25
C LEU B 289 2.70 13.21 -36.39
N GLY B 290 2.72 12.05 -37.03
CA GLY B 290 3.98 11.34 -37.23
C GLY B 290 4.66 10.89 -35.97
N VAL B 291 3.90 10.52 -34.94
CA VAL B 291 4.43 10.00 -33.69
C VAL B 291 3.67 8.73 -33.34
N SER B 292 4.24 7.97 -32.42
CA SER B 292 3.55 6.83 -31.82
C SER B 292 2.61 7.31 -30.73
N VAL B 293 1.56 6.51 -30.45
CA VAL B 293 0.60 6.88 -29.41
C VAL B 293 1.30 7.14 -28.09
N ARG B 294 2.43 6.48 -27.84
CA ARG B 294 3.14 6.70 -26.59
C ARG B 294 3.53 8.16 -26.40
N GLU B 295 3.71 8.91 -27.50
CA GLU B 295 4.11 10.31 -27.39
C GLU B 295 2.95 11.24 -27.08
N LEU B 296 1.71 10.76 -27.16
CA LEU B 296 0.57 11.56 -26.74
C LEU B 296 0.10 11.22 -25.34
N LEU B 297 0.66 10.20 -24.72
CA LEU B 297 0.33 9.82 -23.36
C LEU B 297 1.29 10.50 -22.40
N VAL B 298 0.84 10.68 -21.17
CA VAL B 298 1.67 11.41 -20.20
C VAL B 298 1.70 10.58 -18.92
N PRO B 299 2.82 10.55 -18.21
CA PRO B 299 2.83 9.87 -16.91
C PRO B 299 1.93 10.62 -15.94
N HIS B 300 1.44 9.86 -14.95
CA HIS B 300 0.60 10.41 -13.89
C HIS B 300 1.32 10.27 -12.56
N THR B 301 1.48 11.39 -11.86
CA THR B 301 1.99 11.35 -10.49
C THR B 301 1.04 12.12 -9.60
N THR B 302 0.94 11.68 -8.35
CA THR B 302 0.00 12.31 -7.43
C THR B 302 0.44 12.01 -6.00
N THR B 303 -0.05 12.84 -5.08
CA THR B 303 0.03 12.57 -3.65
C THR B 303 -1.26 11.96 -3.12
N GLU B 304 -2.21 11.64 -4.00
CA GLU B 304 -3.51 11.17 -3.56
C GLU B 304 -3.39 9.85 -2.80
N ALA B 305 -4.22 9.70 -1.76
CA ALA B 305 -4.24 8.52 -0.91
C ALA B 305 -2.88 8.23 -0.26
N ASP B 306 -2.01 9.24 -0.14
CA ASP B 306 -0.67 9.05 0.45
C ASP B 306 0.08 7.92 -0.26
N VAL B 307 -0.09 7.83 -1.58
CA VAL B 307 0.45 6.72 -2.33
C VAL B 307 1.99 6.66 -2.31
N ARG B 308 2.67 7.79 -2.07
CA ARG B 308 4.15 7.82 -2.08
C ARG B 308 4.75 7.14 -0.87
N ILE B 309 3.96 6.88 0.16
CA ILE B 309 4.37 6.14 1.34
C ILE B 309 3.86 4.71 1.20
N GLN B 310 4.75 3.73 1.39
CA GLN B 310 4.35 2.32 1.40
C GLN B 310 4.55 1.72 2.79
N PRO B 311 3.50 1.47 3.55
CA PRO B 311 3.69 0.69 4.78
C PRO B 311 4.14 -0.71 4.41
N GLY B 312 5.11 -1.23 5.17
CA GLY B 312 5.60 -2.57 4.89
C GLY B 312 4.54 -3.63 5.08
N ARG B 313 3.69 -3.46 6.10
CA ARG B 313 2.75 -4.53 6.44
C ARG B 313 1.69 -4.73 5.37
N THR B 314 1.38 -3.70 4.60
CA THR B 314 0.32 -3.78 3.59
C THR B 314 0.87 -3.94 2.17
N ALA B 315 2.18 -4.11 2.01
CA ALA B 315 2.77 -4.11 0.68
C ALA B 315 2.46 -5.42 -0.07
N SER B 316 2.38 -5.33 -1.39
CA SER B 316 2.18 -6.51 -2.21
C SER B 316 3.41 -7.43 -2.19
N ARG B 317 3.16 -8.74 -2.20
CA ARG B 317 4.21 -9.75 -2.06
C ARG B 317 3.99 -10.88 -3.04
N TRP B 318 5.08 -11.43 -3.58
CA TRP B 318 5.01 -12.58 -4.45
C TRP B 318 6.33 -13.33 -4.40
N SER B 319 6.35 -14.55 -4.95
CA SER B 319 7.50 -15.42 -4.87
C SER B 319 8.05 -15.71 -6.27
N TYR B 320 9.35 -15.95 -6.34
CA TYR B 320 10.03 -16.17 -7.61
C TYR B 320 10.93 -17.39 -7.50
N PRO B 321 10.93 -18.26 -8.52
CA PRO B 321 10.23 -18.17 -9.81
C PRO B 321 8.71 -18.34 -9.73
N GLY B 322 8.23 -18.91 -8.63
CA GLY B 322 6.82 -19.06 -8.44
C GLY B 322 6.54 -19.72 -7.12
N PRO B 323 5.26 -19.78 -6.73
CA PRO B 323 4.93 -20.35 -5.41
C PRO B 323 5.20 -21.83 -5.30
N ASP B 324 5.33 -22.56 -6.42
CA ASP B 324 5.52 -24.00 -6.32
C ASP B 324 6.89 -24.34 -5.78
N ALA B 325 7.90 -23.54 -6.10
CA ALA B 325 9.26 -23.76 -5.61
C ALA B 325 9.94 -22.40 -5.49
N PRO B 326 9.63 -21.65 -4.44
CA PRO B 326 10.16 -20.28 -4.33
C PRO B 326 11.64 -20.29 -3.96
N ALA B 327 12.42 -19.48 -4.67
CA ALA B 327 13.78 -19.18 -4.28
C ALA B 327 13.89 -17.82 -3.62
N TYR B 328 12.98 -16.91 -3.95
CA TYR B 328 12.95 -15.57 -3.40
C TYR B 328 11.51 -15.17 -3.14
N ARG B 329 11.31 -14.34 -2.13
CA ARG B 329 10.01 -13.73 -1.87
C ARG B 329 10.22 -12.23 -1.95
N PHE B 330 9.46 -11.58 -2.82
CA PHE B 330 9.62 -10.15 -3.06
C PHE B 330 8.49 -9.37 -2.39
N THR B 331 8.83 -8.21 -1.84
CA THR B 331 7.84 -7.27 -1.31
C THR B 331 8.01 -5.95 -2.02
N GLN B 332 6.90 -5.41 -2.56
CA GLN B 332 6.96 -4.17 -3.33
C GLN B 332 7.04 -2.99 -2.38
N LEU B 333 8.08 -2.15 -2.54
CA LEU B 333 8.25 -1.00 -1.67
C LEU B 333 7.80 0.27 -2.42
N ALA B 334 8.03 1.42 -1.81
CA ALA B 334 7.48 2.66 -2.34
C ALA B 334 8.09 2.98 -3.70
N GLY B 335 7.28 3.60 -4.55
CA GLY B 335 7.69 4.00 -5.88
C GLY B 335 6.70 5.02 -6.41
N ASP B 336 6.74 5.23 -7.71
CA ASP B 336 5.83 6.21 -8.33
C ASP B 336 5.80 6.01 -9.83
N PRO B 337 4.65 6.17 -10.50
CA PRO B 337 4.59 5.99 -11.96
C PRO B 337 5.33 7.07 -12.74
N LEU B 338 5.71 8.18 -12.11
CA LEU B 338 6.60 9.13 -12.78
C LEU B 338 7.93 8.49 -13.12
N HIS B 339 8.36 7.49 -12.34
CA HIS B 339 9.57 6.72 -12.57
C HIS B 339 9.22 5.25 -12.78
N PRO B 340 8.70 4.90 -13.94
CA PRO B 340 8.31 3.50 -14.18
C PRO B 340 9.50 2.55 -14.17
N HIS B 341 10.71 3.07 -14.31
CA HIS B 341 11.91 2.22 -14.33
C HIS B 341 12.54 2.07 -12.95
N THR B 342 11.94 2.63 -11.91
CA THR B 342 12.41 2.42 -10.56
C THR B 342 11.59 1.29 -9.96
N THR B 343 12.28 0.23 -9.53
CA THR B 343 11.67 -0.90 -8.83
C THR B 343 12.34 -1.03 -7.48
N SER B 344 11.58 -0.91 -6.40
CA SER B 344 12.12 -1.06 -5.06
C SER B 344 11.50 -2.30 -4.42
N LEU B 345 12.35 -3.15 -3.85
CA LEU B 345 11.87 -4.42 -3.31
C LEU B 345 12.62 -4.77 -2.03
N ALA B 346 11.92 -5.39 -1.08
CA ALA B 346 12.57 -6.20 -0.08
C ALA B 346 12.63 -7.61 -0.63
N VAL B 347 13.77 -8.28 -0.44
CA VAL B 347 14.00 -9.60 -1.00
C VAL B 347 14.34 -10.54 0.14
N ASP B 348 13.46 -11.51 0.40
CA ASP B 348 13.81 -12.64 1.26
C ASP B 348 14.41 -13.74 0.39
N VAL B 349 15.67 -14.05 0.65
CA VAL B 349 16.40 -15.08 -0.07
C VAL B 349 16.12 -16.40 0.63
N LEU B 350 15.40 -17.29 -0.05
CA LEU B 350 14.91 -18.54 0.55
C LEU B 350 15.76 -19.75 0.23
N THR B 351 16.41 -19.78 -0.93
CA THR B 351 17.17 -20.94 -1.37
C THR B 351 18.59 -20.88 -0.83
N ALA B 352 19.15 -22.06 -0.57
CA ALA B 352 20.58 -22.21 -0.30
C ALA B 352 21.36 -22.63 -1.53
N ARG B 353 20.69 -22.82 -2.64
CA ARG B 353 21.45 -23.21 -3.82
C ARG B 353 21.61 -22.01 -4.75
N PRO B 354 22.74 -21.91 -5.46
CA PRO B 354 22.97 -20.75 -6.32
C PRO B 354 22.50 -20.97 -7.75
N ASP B 355 21.39 -21.68 -7.93
CA ASP B 355 20.93 -22.06 -9.26
C ASP B 355 19.58 -21.43 -9.60
N ALA B 356 19.26 -20.28 -9.02
CA ALA B 356 18.03 -19.55 -9.31
C ALA B 356 18.39 -18.17 -9.84
N PRO B 357 18.80 -18.06 -11.10
CA PRO B 357 19.23 -16.75 -11.61
C PRO B 357 18.04 -15.81 -11.80
N LEU B 358 18.23 -14.55 -11.44
CA LEU B 358 17.22 -13.57 -11.76
C LEU B 358 17.33 -13.17 -13.23
N PRO B 359 16.22 -12.94 -13.91
CA PRO B 359 16.29 -12.45 -15.29
C PRO B 359 17.06 -11.14 -15.37
N PRO B 360 17.94 -11.01 -16.36
CA PRO B 360 18.63 -9.73 -16.55
C PRO B 360 17.62 -8.62 -16.77
N THR B 361 17.97 -7.42 -16.31
CA THR B 361 17.12 -6.26 -16.51
C THR B 361 17.94 -5.14 -17.13
N TYR B 362 17.26 -4.19 -17.75
CA TYR B 362 17.92 -3.01 -18.28
C TYR B 362 18.26 -2.02 -17.19
N GLN B 363 17.79 -2.26 -15.96
CA GLN B 363 18.03 -1.33 -14.85
C GLN B 363 19.40 -1.57 -14.23
N HIS B 364 19.96 -0.51 -13.64
CA HIS B 364 21.01 -0.67 -12.63
C HIS B 364 20.39 -1.29 -11.39
N GLN B 365 21.19 -1.98 -10.59
CA GLN B 365 20.69 -2.54 -9.34
C GLN B 365 21.62 -2.21 -8.19
N TYR B 366 21.02 -1.99 -7.02
CA TYR B 366 21.71 -1.75 -5.76
C TYR B 366 21.13 -2.73 -4.75
N LEU B 367 22.00 -3.39 -3.99
CA LEU B 367 21.60 -4.35 -2.97
C LEU B 367 22.18 -3.94 -1.63
N TYR B 368 21.44 -4.18 -0.56
CA TYR B 368 21.93 -3.94 0.78
C TYR B 368 21.39 -5.06 1.68
N VAL B 369 22.28 -5.76 2.38
CA VAL B 369 21.88 -6.91 3.19
C VAL B 369 21.37 -6.43 4.54
N LEU B 370 20.05 -6.55 4.73
CA LEU B 370 19.40 -6.21 6.00
C LEU B 370 19.44 -7.38 6.98
N GLY B 371 19.48 -8.59 6.47
CA GLY B 371 19.31 -9.77 7.30
C GLY B 371 20.54 -10.07 8.13
N GLU B 372 20.40 -11.11 8.96
CA GLU B 372 21.43 -11.45 9.93
C GLU B 372 22.38 -12.53 9.43
N GLN B 373 22.13 -13.11 8.26
CA GLN B 373 22.99 -14.10 7.65
C GLN B 373 23.59 -13.57 6.36
N PRO B 374 24.79 -14.02 6.00
CA PRO B 374 25.38 -13.60 4.72
C PRO B 374 24.57 -14.12 3.54
N VAL B 375 24.77 -13.45 2.41
CA VAL B 375 24.09 -13.77 1.15
C VAL B 375 25.17 -14.06 0.11
N SER B 376 25.17 -15.28 -0.41
CA SER B 376 26.08 -15.63 -1.50
C SER B 376 25.53 -15.16 -2.85
N VAL B 377 26.43 -14.71 -3.72
CA VAL B 377 26.08 -14.18 -5.03
C VAL B 377 26.93 -14.89 -6.07
N ARG B 378 26.29 -15.41 -7.10
CA ARG B 378 26.97 -15.93 -8.28
C ARG B 378 26.49 -15.13 -9.48
N TRP B 379 27.42 -14.70 -10.34
CA TRP B 379 27.03 -13.92 -11.50
C TRP B 379 27.97 -14.17 -12.66
N ARG B 380 27.54 -13.77 -13.84
CA ARG B 380 28.32 -13.89 -15.07
C ARG B 380 28.48 -12.52 -15.71
N TYR B 381 29.66 -12.28 -16.28
CA TYR B 381 29.92 -11.06 -17.03
C TYR B 381 31.02 -11.35 -18.05
N ASN B 382 30.78 -10.95 -19.29
CA ASN B 382 31.77 -11.07 -20.36
C ASN B 382 32.34 -12.50 -20.44
N GLY B 383 31.45 -13.48 -20.34
CA GLY B 383 31.84 -14.88 -20.40
C GLY B 383 32.40 -15.47 -19.14
N GLU B 384 32.76 -14.66 -18.15
CA GLU B 384 33.34 -15.16 -16.90
C GLU B 384 32.26 -15.36 -15.84
N GLN B 385 32.46 -16.37 -15.00
CA GLN B 385 31.60 -16.62 -13.85
C GLN B 385 32.32 -16.16 -12.59
N TYR B 386 31.57 -15.50 -11.70
CA TYR B 386 32.12 -14.97 -10.47
C TYR B 386 31.26 -15.43 -9.29
N ASP B 387 31.89 -15.52 -8.13
CA ASP B 387 31.25 -15.90 -6.88
C ASP B 387 31.74 -14.97 -5.78
N GLY B 388 30.82 -14.49 -4.95
CA GLY B 388 31.19 -13.68 -3.80
C GLY B 388 30.18 -13.89 -2.69
N ARG B 389 30.37 -13.16 -1.60
CA ARG B 389 29.48 -13.26 -0.46
C ARG B 389 29.29 -11.90 0.20
N LEU B 390 28.04 -11.52 0.42
CA LEU B 390 27.67 -10.27 1.09
C LEU B 390 27.32 -10.55 2.54
N GLU B 391 28.09 -9.96 3.47
CA GLU B 391 27.75 -10.05 4.89
C GLU B 391 26.63 -9.06 5.22
N PRO B 392 25.99 -9.22 6.38
CA PRO B 392 25.02 -8.22 6.82
C PRO B 392 25.65 -6.83 6.86
N GLY B 393 24.96 -5.87 6.23
CA GLY B 393 25.46 -4.53 6.15
C GLY B 393 26.37 -4.26 4.96
N ASP B 394 26.81 -5.29 4.23
CA ASP B 394 27.49 -5.05 2.97
C ASP B 394 26.47 -4.63 1.92
N SER B 395 26.96 -4.07 0.82
CA SER B 395 26.08 -3.64 -0.24
C SER B 395 26.76 -3.95 -1.56
N ALA B 396 25.98 -3.83 -2.63
CA ALA B 396 26.52 -4.15 -3.95
C ALA B 396 25.88 -3.27 -5.00
N TYR B 397 26.63 -3.05 -6.09
CA TYR B 397 26.13 -2.36 -7.26
C TYR B 397 26.24 -3.31 -8.45
N VAL B 398 25.22 -3.32 -9.29
CA VAL B 398 25.16 -4.24 -10.45
C VAL B 398 24.85 -3.42 -11.69
N ILE B 399 25.61 -3.63 -12.77
CA ILE B 399 25.33 -2.90 -14.00
C ILE B 399 24.12 -3.51 -14.69
N PRO B 400 23.48 -2.82 -15.63
CA PRO B 400 22.40 -3.43 -16.40
C PRO B 400 22.88 -4.69 -17.09
N GLY B 401 21.98 -5.66 -17.21
CA GLY B 401 22.22 -6.82 -18.05
C GLY B 401 22.83 -8.01 -17.36
N ILE B 402 23.20 -7.90 -16.07
CA ILE B 402 23.88 -9.01 -15.40
C ILE B 402 22.86 -10.05 -14.98
N GLU B 403 23.20 -11.32 -15.23
CA GLU B 403 22.48 -12.45 -14.66
C GLU B 403 23.16 -12.88 -13.38
N PHE B 404 22.46 -12.77 -12.25
CA PHE B 404 23.03 -13.21 -10.99
C PHE B 404 21.98 -13.99 -10.21
N SER B 405 22.46 -14.76 -9.25
CA SER B 405 21.60 -15.50 -8.32
C SER B 405 22.05 -15.20 -6.89
N LEU B 406 21.12 -15.32 -5.95
CA LEU B 406 21.39 -15.11 -4.54
C LEU B 406 21.03 -16.37 -3.78
N SER B 407 21.77 -16.64 -2.70
CA SER B 407 21.45 -17.78 -1.85
C SER B 407 21.94 -17.52 -0.44
N ALA B 408 21.38 -18.28 0.50
CA ALA B 408 21.72 -18.13 1.90
C ALA B 408 21.42 -19.44 2.61
N GLU B 409 22.11 -19.69 3.72
CA GLU B 409 21.90 -20.94 4.46
C GLU B 409 20.62 -20.92 5.26
N LYS B 410 20.15 -19.73 5.63
CA LYS B 410 18.87 -19.50 6.27
C LYS B 410 18.21 -18.31 5.58
N PRO B 411 16.88 -18.25 5.56
CA PRO B 411 16.20 -17.09 4.95
C PRO B 411 16.76 -15.79 5.49
N THR B 412 17.11 -14.89 4.57
CA THR B 412 17.72 -13.62 4.97
C THR B 412 17.29 -12.55 3.97
N GLU B 413 17.20 -11.32 4.45
CA GLU B 413 16.57 -10.24 3.70
C GLU B 413 17.60 -9.30 3.10
N LEU B 414 17.35 -8.88 1.86
CA LEU B 414 18.10 -7.78 1.26
C LEU B 414 17.15 -6.68 0.83
N LEU B 415 17.70 -5.48 0.73
CA LEU B 415 17.02 -4.36 0.10
C LEU B 415 17.55 -4.22 -1.32
N MET B 416 16.65 -4.07 -2.28
CA MET B 416 17.01 -3.98 -3.70
C MET B 416 16.39 -2.73 -4.27
N LEU B 417 17.20 -1.87 -4.89
CA LEU B 417 16.67 -0.72 -5.62
C LEU B 417 17.21 -0.80 -7.04
N ARG B 418 16.31 -0.89 -8.00
CA ARG B 418 16.63 -0.90 -9.42
C ARG B 418 16.16 0.42 -10.03
N ILE B 419 17.01 1.02 -10.87
CA ILE B 419 16.66 2.29 -11.48
C ILE B 419 17.09 2.27 -12.94
N GLY B 420 16.39 3.04 -13.75
CA GLY B 420 16.79 3.21 -15.13
C GLY B 420 18.06 4.04 -15.18
N GLY B 421 18.91 3.70 -16.14
CA GLY B 421 20.08 4.49 -16.43
C GLY B 421 19.87 5.36 -17.65
N SER B 422 20.97 5.85 -18.22
CA SER B 422 20.92 6.73 -19.38
C SER B 422 20.43 6.03 -20.62
N ALA B 423 20.47 4.70 -20.64
CA ALA B 423 19.91 3.91 -21.74
C ALA B 423 18.41 3.78 -21.52
N THR B 424 17.69 4.84 -21.88
CA THR B 424 16.24 4.94 -21.76
C THR B 424 15.54 4.00 -22.74
N PRO B 425 14.22 3.83 -22.62
CA PRO B 425 13.50 3.12 -23.70
C PRO B 425 13.79 3.67 -25.09
N ASP B 426 13.89 4.99 -25.25
CA ASP B 426 14.19 5.57 -26.55
C ASP B 426 15.58 5.15 -27.05
N VAL B 427 16.56 5.14 -26.15
CA VAL B 427 17.89 4.68 -26.54
C VAL B 427 17.84 3.22 -26.97
N ARG B 428 17.09 2.39 -26.24
CA ARG B 428 17.08 0.96 -26.54
C ARG B 428 16.42 0.67 -27.89
N PHE B 429 15.38 1.42 -28.26
CA PHE B 429 14.81 1.22 -29.58
C PHE B 429 15.76 1.71 -30.67
N ALA B 430 16.54 2.76 -30.39
CA ALA B 430 17.54 3.19 -31.36
C ALA B 430 18.61 2.14 -31.55
N LEU B 431 19.03 1.49 -30.45
CA LEU B 431 19.95 0.36 -30.56
C LEU B 431 19.35 -0.75 -31.43
N GLY B 432 18.06 -1.02 -31.26
CA GLY B 432 17.43 -2.09 -32.03
C GLY B 432 17.28 -1.78 -33.51
N ALA B 433 17.37 -0.52 -33.89
CA ALA B 433 17.28 -0.11 -35.29
C ALA B 433 18.65 0.02 -35.95
N MET B 434 19.72 -0.40 -35.26
CA MET B 434 21.04 -0.20 -35.87
C MET B 434 21.41 -1.36 -36.78
N PRO B 435 22.11 -1.08 -37.87
CA PRO B 435 22.61 -2.15 -38.74
C PRO B 435 23.69 -2.96 -38.06
N ASP B 436 23.98 -4.12 -38.64
CA ASP B 436 24.99 -5.02 -38.11
C ASP B 436 26.33 -4.31 -37.97
N GLY B 437 26.99 -4.55 -36.83
CA GLY B 437 28.27 -3.94 -36.54
C GLY B 437 28.20 -2.51 -36.07
N ALA B 438 27.03 -1.87 -36.15
CA ALA B 438 26.95 -0.47 -35.77
C ALA B 438 27.10 -0.30 -34.26
N ILE B 439 26.50 -1.20 -33.47
CA ILE B 439 26.60 -1.09 -32.03
C ILE B 439 28.05 -1.06 -31.59
N GLY B 440 28.90 -1.87 -32.23
CA GLY B 440 30.31 -1.85 -31.91
C GLY B 440 30.96 -0.50 -32.19
N ARG B 441 30.63 0.11 -33.33
CA ARG B 441 31.18 1.44 -33.64
C ARG B 441 30.57 2.52 -32.76
N TYR B 442 29.31 2.38 -32.38
CA TYR B 442 28.69 3.32 -31.44
C TYR B 442 29.42 3.32 -30.11
N ILE B 443 29.85 2.13 -29.66
CA ILE B 443 30.57 2.03 -28.39
C ILE B 443 31.99 2.55 -28.54
N ALA B 444 32.63 2.27 -29.66
CA ALA B 444 34.00 2.75 -29.84
C ALA B 444 34.23 2.91 -31.33
N GLU B 445 34.13 4.16 -31.81
CA GLU B 445 34.44 4.45 -33.20
C GLU B 445 35.87 4.06 -33.50
N ASP B 446 36.07 3.48 -34.67
CA ASP B 446 37.37 2.90 -34.97
C ASP B 446 37.82 3.25 -36.38
N ARG B 447 37.18 4.20 -37.05
CA ARG B 447 37.59 4.47 -38.43
C ARG B 447 37.12 5.85 -38.87
N LEU B 448 37.83 6.40 -39.86
CA LEU B 448 37.34 7.55 -40.61
C LEU B 448 35.99 7.22 -41.23
N TRP B 449 35.15 8.25 -41.44
CA TRP B 449 33.78 7.97 -41.87
C TRP B 449 33.67 7.56 -43.32
N TYR B 450 34.76 7.61 -44.08
CA TYR B 450 34.75 7.18 -45.47
C TYR B 450 36.08 6.52 -45.77
N ASP C 5 29.43 39.51 -24.29
CA ASP C 5 28.71 38.24 -24.36
C ASP C 5 29.65 37.06 -24.12
N ALA C 6 30.79 37.05 -24.83
CA ALA C 6 31.78 36.01 -24.62
C ALA C 6 32.36 36.08 -23.21
N LEU C 7 32.62 37.29 -22.71
CA LEU C 7 33.08 37.46 -21.34
C LEU C 7 31.99 37.06 -20.34
N GLY C 8 30.74 37.43 -20.61
CA GLY C 8 29.66 36.98 -19.76
C GLY C 8 29.38 35.50 -19.88
N SER C 9 29.63 34.93 -21.06
CA SER C 9 29.40 33.50 -21.25
C SER C 9 30.42 32.67 -20.50
N ASP C 10 31.71 32.98 -20.65
CA ASP C 10 32.73 32.22 -19.93
C ASP C 10 32.50 32.30 -18.44
N ALA C 11 32.04 33.46 -17.97
CA ALA C 11 31.79 33.62 -16.55
C ALA C 11 30.61 32.77 -16.10
N ALA C 12 29.50 32.81 -16.85
CA ALA C 12 28.37 31.98 -16.47
C ALA C 12 28.73 30.51 -16.56
N ARG C 13 29.55 30.14 -17.54
CA ARG C 13 30.04 28.76 -17.59
C ARG C 13 30.86 28.43 -16.35
N ALA C 14 31.69 29.38 -15.89
CA ALA C 14 32.43 29.17 -14.65
C ALA C 14 31.50 29.04 -13.45
N ALA C 15 30.40 29.80 -13.45
CA ALA C 15 29.43 29.67 -12.36
C ALA C 15 28.71 28.33 -12.43
N ARG C 16 28.43 27.83 -13.62
CA ARG C 16 27.82 26.52 -13.74
C ARG C 16 28.75 25.43 -13.26
N ALA C 17 30.05 25.54 -13.56
CA ALA C 17 30.99 24.56 -13.05
C ALA C 17 31.04 24.59 -11.53
N ALA C 18 31.03 25.78 -10.94
CA ALA C 18 31.06 25.89 -9.48
C ALA C 18 29.82 25.26 -8.87
N ALA C 19 28.65 25.48 -9.49
CA ALA C 19 27.41 24.89 -8.99
C ALA C 19 27.43 23.37 -9.10
N LEU C 20 28.02 22.83 -10.16
CA LEU C 20 28.15 21.38 -10.28
C LEU C 20 29.06 20.81 -9.21
N LEU C 21 30.08 21.55 -8.81
CA LEU C 21 30.95 21.11 -7.71
C LEU C 21 30.19 21.09 -6.38
N ARG C 22 29.44 22.16 -6.08
CA ARG C 22 28.62 22.14 -4.86
C ARG C 22 27.59 21.01 -4.92
N ALA C 23 26.95 20.82 -6.09
CA ALA C 23 25.92 19.80 -6.20
C ALA C 23 26.50 18.40 -6.01
N ALA C 24 27.72 18.19 -6.51
CA ALA C 24 28.37 16.89 -6.35
C ALA C 24 28.63 16.58 -4.88
N ALA C 25 29.14 17.57 -4.14
CA ALA C 25 29.37 17.38 -2.71
C ALA C 25 28.06 17.21 -1.97
N ASN C 26 27.06 18.05 -2.27
CA ASN C 26 25.73 17.94 -1.67
C ASN C 26 25.18 16.53 -1.84
N ASP C 27 25.30 16.00 -3.07
CA ASP C 27 24.71 14.70 -3.39
C ASP C 27 25.41 13.57 -2.67
N LEU C 28 26.69 13.74 -2.32
CA LEU C 28 27.43 12.77 -1.53
C LEU C 28 27.37 13.06 -0.03
N LYS C 29 26.56 14.03 0.39
CA LYS C 29 26.48 14.41 1.79
C LYS C 29 27.86 14.74 2.36
N ARG C 30 28.64 15.54 1.59
CA ARG C 30 29.89 16.12 2.06
C ARG C 30 29.68 17.62 2.19
N ASN C 31 29.72 18.14 3.42
CA ASN C 31 29.78 19.58 3.59
C ASN C 31 31.20 20.06 3.31
N ASP C 32 31.44 21.37 3.48
CA ASP C 32 32.73 21.95 3.12
C ASP C 32 33.89 21.19 3.75
N ARG C 33 33.81 20.93 5.06
CA ARG C 33 34.93 20.31 5.75
C ARG C 33 35.14 18.87 5.29
N ALA C 34 34.06 18.13 5.04
CA ALA C 34 34.20 16.76 4.55
C ALA C 34 34.79 16.73 3.15
N ALA C 35 34.34 17.63 2.28
CA ALA C 35 34.92 17.70 0.94
C ALA C 35 36.40 18.07 0.98
N GLU C 36 36.78 19.00 1.86
CA GLU C 36 38.20 19.37 1.94
C GLU C 36 39.04 18.18 2.41
N ALA C 37 38.52 17.38 3.33
CA ALA C 37 39.23 16.18 3.75
C ALA C 37 39.32 15.17 2.60
N ASP C 38 38.19 14.88 1.97
CA ASP C 38 38.17 13.92 0.87
C ASP C 38 39.10 14.33 -0.27
N LEU C 39 39.09 15.62 -0.63
CA LEU C 39 39.87 16.08 -1.76
C LEU C 39 41.27 16.54 -1.37
N GLY C 40 41.62 16.46 -0.09
CA GLY C 40 42.92 16.87 0.38
C GLY C 40 43.17 18.36 0.30
N LEU C 41 42.14 19.18 0.49
CA LEU C 41 42.27 20.62 0.29
C LEU C 41 42.56 21.33 1.59
N PRO C 42 43.12 22.54 1.53
CA PRO C 42 43.31 23.32 2.75
C PRO C 42 41.96 23.74 3.33
N PRO C 43 41.89 23.93 4.65
CA PRO C 43 40.61 24.37 5.24
C PRO C 43 40.17 25.71 4.67
N GLY C 44 38.89 25.79 4.29
CA GLY C 44 38.36 26.96 3.64
C GLY C 44 38.40 26.95 2.13
N SER C 45 39.17 26.05 1.53
CA SER C 45 39.33 26.03 0.08
C SER C 45 38.01 25.72 -0.65
N PHE C 46 37.18 24.85 -0.08
CA PHE C 46 36.07 24.36 -0.89
C PHE C 46 35.07 25.46 -1.18
N GLY C 47 34.76 26.30 -0.19
CA GLY C 47 33.85 27.40 -0.42
C GLY C 47 34.45 28.43 -1.36
N ASP C 48 35.78 28.51 -1.39
CA ASP C 48 36.45 29.42 -2.33
C ASP C 48 36.35 28.92 -3.77
N TYR C 49 36.41 27.59 -3.97
CA TYR C 49 36.17 27.03 -5.30
C TYR C 49 34.74 27.29 -5.75
N VAL C 50 33.79 27.12 -4.84
CA VAL C 50 32.39 27.35 -5.19
C VAL C 50 32.16 28.83 -5.50
N SER C 51 32.77 29.72 -4.72
CA SER C 51 32.52 31.14 -4.88
C SER C 51 33.27 31.75 -6.06
N GLY C 52 34.33 31.09 -6.52
CA GLY C 52 35.18 31.64 -7.55
C GLY C 52 36.39 32.37 -7.02
N ARG C 53 36.54 32.49 -5.69
CA ARG C 53 37.77 33.03 -5.13
C ARG C 53 38.97 32.21 -5.58
N LEU C 54 38.80 30.91 -5.75
CA LEU C 54 39.81 30.06 -6.37
C LEU C 54 39.26 29.43 -7.64
N PRO C 55 40.03 29.41 -8.72
CA PRO C 55 39.53 28.80 -9.95
C PRO C 55 39.46 27.29 -9.83
N ILE C 56 38.36 26.72 -10.31
CA ILE C 56 38.29 25.28 -10.48
C ILE C 56 39.18 24.88 -11.64
N THR C 57 40.06 23.92 -11.40
CA THR C 57 41.09 23.50 -12.36
C THR C 57 40.81 22.06 -12.78
N TRP C 58 41.46 21.66 -13.88
CA TRP C 58 41.45 20.26 -14.27
C TRP C 58 42.03 19.37 -13.18
N ASP C 59 43.08 19.86 -12.49
CA ASP C 59 43.65 19.10 -11.38
C ASP C 59 42.59 18.81 -10.30
N LEU C 60 41.80 19.82 -9.93
CA LEU C 60 40.80 19.63 -8.88
C LEU C 60 39.71 18.67 -9.33
N ILE C 61 39.29 18.78 -10.59
CA ILE C 61 38.26 17.90 -11.11
C ILE C 61 38.78 16.47 -11.21
N SER C 62 40.05 16.31 -11.62
CA SER C 62 40.66 14.98 -11.63
C SER C 62 40.75 14.40 -10.22
N ARG C 63 41.17 15.22 -9.25
CA ARG C 63 41.21 14.75 -7.87
C ARG C 63 39.84 14.31 -7.39
N ALA C 64 38.80 15.06 -7.76
CA ALA C 64 37.44 14.70 -7.33
C ALA C 64 37.01 13.36 -7.91
N ALA C 65 37.33 13.09 -9.18
CA ALA C 65 36.97 11.81 -9.78
C ALA C 65 37.74 10.65 -9.20
N GLN C 66 38.92 10.90 -8.60
CA GLN C 66 39.60 9.82 -7.89
C GLN C 66 39.03 9.60 -6.48
N ALA C 67 38.72 10.69 -5.76
CA ALA C 67 38.33 10.57 -4.36
C ALA C 67 36.87 10.17 -4.18
N TRP C 68 36.02 10.49 -5.14
CA TRP C 68 34.58 10.34 -5.09
C TRP C 68 34.13 9.49 -6.26
N PRO C 69 33.00 8.79 -6.12
CA PRO C 69 32.47 7.96 -7.23
C PRO C 69 31.79 8.81 -8.30
N LEU C 70 32.52 9.76 -8.87
CA LEU C 70 31.99 10.52 -9.98
C LEU C 70 33.06 10.63 -11.05
N ASN C 71 32.68 11.22 -12.16
CA ASN C 71 33.54 11.35 -13.33
C ASN C 71 33.90 12.82 -13.54
N GLU C 72 35.08 13.05 -14.14
CA GLU C 72 35.45 14.41 -14.52
C GLU C 72 34.34 15.06 -15.34
N ARG C 73 33.74 14.28 -16.23
CA ARG C 73 32.66 14.77 -17.07
C ARG C 73 31.50 15.31 -16.25
N ASP C 74 31.25 14.74 -15.06
CA ASP C 74 30.15 15.18 -14.22
C ASP C 74 30.37 16.58 -13.62
N LEU C 75 31.60 17.08 -13.60
CA LEU C 75 31.87 18.38 -13.03
C LEU C 75 32.05 19.45 -14.10
N LEU C 76 31.79 19.11 -15.35
CA LEU C 76 31.96 20.05 -16.43
C LEU C 76 30.61 20.50 -16.96
N PRO C 77 30.39 21.80 -17.10
CA PRO C 77 29.19 22.30 -17.76
C PRO C 77 29.38 22.27 -19.27
N ILE C 78 28.34 22.62 -20.00
CA ILE C 78 28.50 22.85 -21.43
C ILE C 78 28.55 24.36 -21.67
N HIS C 79 28.98 24.75 -22.86
CA HIS C 79 29.14 26.15 -23.20
C HIS C 79 27.82 26.74 -23.66
N ASN C 80 27.66 28.03 -23.43
CA ASN C 80 26.60 28.80 -24.06
C ASN C 80 27.27 29.65 -25.14
N ASP C 81 26.98 29.36 -26.41
CA ASP C 81 27.52 30.17 -27.49
C ASP C 81 26.41 30.86 -28.28
N THR C 82 25.23 30.97 -27.67
CA THR C 82 24.04 31.57 -28.29
C THR C 82 23.45 32.57 -27.31
N PRO C 83 24.19 33.63 -26.98
CA PRO C 83 23.77 34.51 -25.87
C PRO C 83 22.47 35.25 -26.13
N GLN C 84 22.08 35.43 -27.38
CA GLN C 84 20.81 36.10 -27.67
C GLN C 84 19.69 35.10 -27.97
N GLY C 85 19.91 33.81 -27.71
CA GLY C 85 18.91 32.77 -27.93
C GLY C 85 18.76 32.34 -29.37
N LEU C 86 19.21 33.16 -30.31
CA LEU C 86 19.27 32.83 -31.72
C LEU C 86 20.56 33.45 -32.23
N ARG C 87 21.27 32.70 -33.07
CA ARG C 87 22.51 33.19 -33.63
C ARG C 87 22.52 32.90 -35.12
N MET C 88 22.96 33.88 -35.90
CA MET C 88 23.04 33.72 -37.35
C MET C 88 24.48 33.40 -37.75
N MET C 89 24.61 32.60 -38.81
CA MET C 89 25.89 32.35 -39.44
C MET C 89 25.83 32.78 -40.89
N ARG C 90 26.89 33.43 -41.36
CA ARG C 90 26.90 34.09 -42.66
C ARG C 90 27.55 33.23 -43.72
N VAL C 91 27.06 33.40 -44.96
CA VAL C 91 27.66 32.82 -46.17
C VAL C 91 29.18 32.89 -46.12
N LYS C 92 29.72 34.07 -45.79
CA LYS C 92 31.17 34.25 -45.82
C LYS C 92 31.85 33.30 -44.83
N GLU C 93 31.25 33.13 -43.65
CA GLU C 93 31.80 32.21 -42.67
C GLU C 93 31.67 30.76 -43.15
N SER C 94 30.54 30.42 -43.75
CA SER C 94 30.41 29.07 -44.32
C SER C 94 31.44 28.83 -45.40
N GLU C 95 31.60 29.81 -46.30
CA GLU C 95 32.62 29.71 -47.35
C GLU C 95 34.01 29.54 -46.76
N ALA C 96 34.34 30.30 -45.71
CA ALA C 96 35.66 30.19 -45.09
C ALA C 96 35.92 28.81 -44.54
N SER C 97 34.88 28.05 -44.20
CA SER C 97 35.05 26.70 -43.68
C SER C 97 35.13 25.63 -44.78
N SER C 98 35.21 26.02 -46.04
CA SER C 98 35.16 25.07 -47.14
C SER C 98 36.23 23.98 -47.01
N ARG C 99 35.80 22.73 -47.22
CA ARG C 99 36.66 21.55 -47.26
C ARG C 99 36.29 20.77 -48.51
N ILE C 100 37.23 20.58 -49.42
CA ILE C 100 37.04 19.67 -50.54
C ILE C 100 37.75 18.36 -50.24
N ILE C 101 37.03 17.25 -50.37
CA ILE C 101 37.58 15.92 -50.13
C ILE C 101 37.52 15.15 -51.44
N GLU C 102 38.63 14.50 -51.80
CA GLU C 102 38.69 13.68 -52.99
C GLU C 102 38.39 12.23 -52.64
N ARG C 103 37.69 11.56 -53.54
CA ARG C 103 37.39 10.15 -53.43
C ARG C 103 37.50 9.56 -54.83
N GLY C 104 38.09 8.38 -54.95
CA GLY C 104 38.18 7.73 -56.24
C GLY C 104 38.98 8.48 -57.27
N GLY C 105 39.98 9.27 -56.84
CA GLY C 105 40.92 9.89 -57.75
C GLY C 105 40.67 11.35 -58.05
N GLY C 106 39.57 11.93 -57.60
CA GLY C 106 39.32 13.34 -57.84
C GLY C 106 38.34 13.94 -56.85
N PRO C 107 38.20 15.27 -56.90
CA PRO C 107 37.27 15.94 -55.96
C PRO C 107 35.89 15.31 -56.00
N TYR C 108 35.32 15.08 -54.81
CA TYR C 108 34.03 14.40 -54.71
C TYR C 108 32.96 15.23 -54.00
N TYR C 109 33.33 15.91 -52.92
CA TYR C 109 32.43 16.79 -52.18
C TYR C 109 33.15 18.07 -51.83
N GLU C 110 32.40 19.19 -51.83
CA GLU C 110 32.80 20.38 -51.09
C GLU C 110 31.87 20.53 -49.88
N TYR C 111 32.47 20.59 -48.69
CA TYR C 111 31.75 20.78 -47.43
C TYR C 111 31.85 22.22 -46.95
N ARG C 112 30.74 22.76 -46.41
CA ARG C 112 30.76 24.02 -45.67
C ARG C 112 29.94 23.86 -44.39
N ASP C 113 30.49 24.31 -43.26
CA ASP C 113 29.72 24.42 -42.03
C ASP C 113 28.58 25.41 -42.22
N THR C 114 27.44 25.12 -41.60
CA THR C 114 26.41 26.12 -41.36
C THR C 114 26.13 26.16 -39.85
N ALA C 115 25.09 26.92 -39.45
CA ALA C 115 24.95 27.34 -38.05
C ALA C 115 24.91 26.16 -37.09
N MET C 116 25.80 26.20 -36.09
CA MET C 116 25.96 25.15 -35.09
C MET C 116 26.07 25.76 -33.71
N SER C 117 25.90 24.91 -32.69
CA SER C 117 26.03 25.35 -31.31
C SER C 117 26.47 24.21 -30.41
N ARG C 118 27.31 24.57 -29.43
CA ARG C 118 27.67 23.66 -28.35
C ARG C 118 26.47 23.31 -27.49
N GLN C 119 25.35 24.02 -27.64
CA GLN C 119 24.16 23.70 -26.88
C GLN C 119 23.28 22.64 -27.55
N ALA C 120 23.62 22.23 -28.78
CA ALA C 120 22.77 21.33 -29.56
C ALA C 120 23.62 20.31 -30.33
N SER C 121 22.95 19.31 -30.88
CA SER C 121 23.65 18.19 -31.52
C SER C 121 23.76 18.34 -33.03
N TYR C 122 23.21 19.39 -33.62
CA TYR C 122 23.32 19.59 -35.07
C TYR C 122 24.76 19.54 -35.52
N ARG C 123 24.99 18.87 -36.65
CA ARG C 123 26.22 18.98 -37.43
C ARG C 123 25.79 19.20 -38.88
N PRO C 124 25.34 20.41 -39.20
CA PRO C 124 24.68 20.64 -40.48
C PRO C 124 25.65 21.19 -41.51
N GLU C 125 25.86 20.46 -42.59
CA GLU C 125 26.81 20.83 -43.64
C GLU C 125 26.06 21.10 -44.93
N TRP C 126 26.39 22.22 -45.56
CA TRP C 126 26.19 22.39 -46.99
C TRP C 126 27.22 21.57 -47.73
N ILE C 127 26.80 20.75 -48.69
CA ILE C 127 27.76 19.89 -49.39
C ILE C 127 27.42 19.90 -50.88
N SER C 128 28.40 20.26 -51.71
CA SER C 128 28.23 20.26 -53.15
C SER C 128 28.68 18.92 -53.70
N MET C 129 27.86 18.34 -54.59
CA MET C 129 28.25 17.14 -55.31
C MET C 129 29.22 17.53 -56.44
N LEU C 130 30.45 17.02 -56.38
CA LEU C 130 31.45 17.30 -57.41
C LEU C 130 31.62 16.15 -58.40
N ARG C 131 31.01 15.00 -58.13
CA ARG C 131 31.10 13.85 -59.03
C ARG C 131 29.83 13.78 -59.87
N VAL C 132 30.00 13.81 -61.20
CA VAL C 132 28.89 13.69 -62.14
C VAL C 132 28.84 12.26 -62.66
N VAL C 133 27.64 11.68 -62.69
CA VAL C 133 27.42 10.36 -63.26
C VAL C 133 26.54 10.48 -64.50
N GLU C 134 26.52 9.41 -65.29
CA GLU C 134 25.73 9.40 -66.52
C GLU C 134 24.59 8.39 -66.46
N ASP C 135 24.33 7.80 -65.30
CA ASP C 135 23.22 6.88 -65.13
C ASP C 135 22.88 6.86 -63.64
N ASP C 136 21.82 6.13 -63.31
CA ASP C 136 21.32 6.04 -61.95
C ASP C 136 21.51 4.64 -61.38
N ASP C 137 22.53 3.96 -61.85
CA ASP C 137 22.90 2.62 -61.41
C ASP C 137 23.53 2.67 -60.03
N PRO C 138 22.96 1.98 -59.02
CA PRO C 138 23.55 2.04 -57.68
C PRO C 138 24.93 1.42 -57.61
N ASP C 139 25.30 0.55 -58.55
CA ASP C 139 26.62 -0.05 -58.58
C ASP C 139 27.61 0.71 -59.46
N ASN C 140 27.27 1.92 -59.89
CA ASN C 140 28.17 2.69 -60.75
C ASN C 140 29.51 2.87 -60.05
N PRO C 141 30.63 2.53 -60.70
CA PRO C 141 31.93 2.63 -60.01
C PRO C 141 32.40 4.05 -59.78
N LEU C 142 31.71 5.06 -60.31
CA LEU C 142 32.03 6.44 -59.99
C LEU C 142 31.49 6.85 -58.62
N VAL C 143 30.61 6.06 -58.03
CA VAL C 143 30.06 6.39 -56.73
C VAL C 143 31.02 5.94 -55.64
N GLU C 144 31.39 6.86 -54.76
CA GLU C 144 32.28 6.59 -53.64
C GLU C 144 31.47 6.70 -52.36
N TRP C 145 31.28 5.57 -51.68
CA TRP C 145 30.41 5.46 -50.53
C TRP C 145 31.15 5.82 -49.24
N ASN C 146 30.41 6.39 -48.28
CA ASN C 146 30.96 6.47 -46.94
C ASN C 146 30.71 5.15 -46.23
N LYS C 147 31.15 5.06 -44.98
CA LYS C 147 31.02 3.83 -44.21
C LYS C 147 29.85 3.86 -43.24
N GLY C 148 28.99 4.86 -43.35
CA GLY C 148 28.00 5.09 -42.31
C GLY C 148 28.61 5.91 -41.19
N HIS C 149 27.84 6.84 -40.63
CA HIS C 149 28.33 7.67 -39.54
C HIS C 149 27.30 7.68 -38.41
N LEU C 150 27.77 8.08 -37.24
CA LEU C 150 26.99 7.94 -36.01
C LEU C 150 25.68 8.72 -36.09
N LEU C 151 25.72 9.95 -36.58
CA LEU C 151 24.57 10.83 -36.45
C LEU C 151 23.46 10.46 -37.44
N TYR C 152 22.23 10.74 -37.02
CA TYR C 152 21.08 10.68 -37.92
C TYR C 152 21.27 11.64 -39.09
N GLN C 153 20.72 11.26 -40.24
CA GLN C 153 20.70 12.12 -41.43
C GLN C 153 19.32 12.75 -41.59
N PHE C 154 19.27 14.05 -41.79
CA PHE C 154 18.18 14.67 -42.53
C PHE C 154 18.82 15.45 -43.67
N THR C 155 18.44 15.14 -44.90
CA THR C 155 19.07 15.78 -46.05
C THR C 155 18.02 16.40 -46.94
N TYR C 156 18.24 17.64 -47.36
CA TYR C 156 17.38 18.34 -48.30
C TYR C 156 18.16 18.55 -49.59
N PHE C 157 17.52 18.28 -50.72
CA PHE C 157 18.20 18.23 -52.01
C PHE C 157 17.93 19.48 -52.84
N VAL C 158 18.98 19.97 -53.51
CA VAL C 158 18.86 21.07 -54.48
C VAL C 158 19.52 20.62 -55.77
N GLY C 159 18.77 20.65 -56.86
CA GLY C 159 19.28 20.26 -58.15
C GLY C 159 19.27 18.77 -58.36
N PRO C 160 19.84 18.32 -59.47
CA PRO C 160 19.75 16.90 -59.90
C PRO C 160 20.77 16.02 -59.19
N VAL C 161 20.51 15.77 -57.91
CA VAL C 161 21.36 14.94 -57.07
C VAL C 161 20.80 13.52 -57.02
N ASN C 162 21.69 12.54 -57.15
CA ASN C 162 21.34 11.14 -56.91
C ASN C 162 21.68 10.78 -55.47
N TYR C 163 20.75 10.13 -54.79
CA TYR C 163 20.97 9.65 -53.43
C TYR C 163 21.23 8.14 -53.49
N TYR C 164 22.35 7.72 -52.93
CA TYR C 164 22.73 6.32 -52.84
C TYR C 164 22.68 5.88 -51.38
N PHE C 165 22.09 4.72 -51.12
CA PHE C 165 21.98 4.29 -49.73
C PHE C 165 22.03 2.77 -49.67
N ARG C 166 22.55 2.27 -48.56
CA ARG C 166 22.86 0.85 -48.41
C ARG C 166 22.19 0.33 -47.15
N SER C 167 21.67 -0.89 -47.24
CA SER C 167 21.11 -1.56 -46.08
C SER C 167 21.15 -3.06 -46.33
N GLY C 168 21.56 -3.81 -45.31
CA GLY C 168 21.75 -5.24 -45.49
C GLY C 168 22.73 -5.57 -46.59
N GLY C 169 23.70 -4.69 -46.85
CA GLY C 169 24.67 -4.90 -47.91
C GLY C 169 24.15 -4.65 -49.31
N ARG C 170 22.88 -4.27 -49.47
CA ARG C 170 22.29 -4.00 -50.77
C ARG C 170 22.29 -2.51 -51.05
N SER C 171 22.70 -2.13 -52.26
CA SER C 171 22.83 -0.74 -52.66
C SER C 171 21.59 -0.28 -53.42
N HIS C 172 21.22 0.97 -53.21
CA HIS C 172 20.04 1.59 -53.83
C HIS C 172 20.43 2.96 -54.35
N CYS C 173 19.75 3.40 -55.40
CA CYS C 173 19.92 4.76 -55.90
C CYS C 173 18.54 5.35 -56.21
N VAL C 174 18.25 6.50 -55.61
CA VAL C 174 17.01 7.22 -55.90
C VAL C 174 17.36 8.61 -56.41
N PRO C 175 17.13 8.88 -57.69
CA PRO C 175 17.38 10.23 -58.23
C PRO C 175 16.47 11.24 -57.57
N MET C 176 17.06 12.31 -57.04
CA MET C 176 16.34 13.37 -56.36
C MET C 176 16.30 14.63 -57.22
N ASN C 177 15.44 15.56 -56.80
CA ASN C 177 15.35 16.88 -57.40
C ASN C 177 15.13 17.88 -56.26
N THR C 178 15.17 19.17 -56.61
CA THR C 178 15.04 20.23 -55.62
C THR C 178 13.75 20.05 -54.83
N GLY C 179 13.86 20.07 -53.50
CA GLY C 179 12.71 19.92 -52.64
C GLY C 179 12.46 18.52 -52.10
N ASP C 180 13.10 17.50 -52.66
CA ASP C 180 13.03 16.18 -52.04
C ASP C 180 13.87 16.19 -50.75
N SER C 181 13.63 15.19 -49.90
CA SER C 181 14.34 15.09 -48.65
C SER C 181 14.34 13.64 -48.20
N VAL C 182 15.28 13.32 -47.31
CA VAL C 182 15.41 11.98 -46.78
C VAL C 182 15.85 12.05 -45.31
N TRP C 183 15.34 11.12 -44.50
CA TRP C 183 15.73 10.96 -43.11
C TRP C 183 16.37 9.59 -42.98
N GLY C 184 17.51 9.49 -42.31
CA GLY C 184 18.28 8.26 -42.31
C GLY C 184 18.76 7.87 -40.92
N LEU C 185 18.85 6.56 -40.71
CA LEU C 185 19.24 6.00 -39.43
C LEU C 185 20.76 6.00 -39.25
N PRO C 186 21.22 5.96 -38.00
CA PRO C 186 22.66 5.92 -37.73
C PRO C 186 23.36 4.77 -38.45
N PHE C 187 24.53 5.10 -38.99
CA PHE C 187 25.49 4.18 -39.61
C PHE C 187 25.02 3.58 -40.92
N ALA C 188 23.94 4.09 -41.52
CA ALA C 188 23.53 3.64 -42.85
C ALA C 188 24.46 4.24 -43.89
N PRO C 189 25.21 3.44 -44.65
CA PRO C 189 26.15 4.01 -45.62
C PRO C 189 25.40 4.64 -46.79
N HIS C 190 25.97 5.74 -47.31
CA HIS C 190 25.29 6.47 -48.37
C HIS C 190 26.32 7.27 -49.17
N SER C 191 25.83 7.86 -50.26
CA SER C 191 26.66 8.68 -51.13
C SER C 191 25.75 9.60 -51.93
N PHE C 192 26.36 10.58 -52.60
CA PHE C 192 25.64 11.53 -53.44
C PHE C 192 26.46 11.79 -54.69
N THR C 193 25.79 11.97 -55.82
CA THR C 193 26.43 12.41 -57.06
C THR C 193 25.47 13.37 -57.75
N ALA C 194 25.96 14.00 -58.82
CA ALA C 194 25.16 14.91 -59.64
C ALA C 194 24.85 14.25 -60.97
N ARG C 195 23.66 14.49 -61.51
CA ARG C 195 23.31 13.94 -62.81
C ARG C 195 23.72 14.84 -63.95
N SER C 196 24.20 16.03 -63.65
CA SER C 196 24.54 17.03 -64.65
C SER C 196 25.61 17.93 -64.08
N ALA C 197 26.48 18.44 -64.97
CA ALA C 197 27.40 19.49 -64.59
C ALA C 197 26.87 20.87 -64.96
N ASP C 198 25.62 20.96 -65.39
CA ASP C 198 25.09 22.16 -66.02
C ASP C 198 24.27 23.02 -65.08
N GLU C 199 24.09 22.61 -63.83
CA GLU C 199 23.31 23.37 -62.87
C GLU C 199 23.75 22.98 -61.46
N PRO C 200 23.50 23.83 -60.47
CA PRO C 200 23.96 23.52 -59.12
C PRO C 200 23.33 22.23 -58.61
N ALA C 201 24.17 21.40 -57.99
CA ALA C 201 23.72 20.14 -57.41
C ALA C 201 24.35 20.02 -56.03
N TYR C 202 23.54 20.16 -54.99
CA TYR C 202 24.08 20.17 -53.64
C TYR C 202 22.98 19.82 -52.66
N ILE C 203 23.39 19.63 -51.41
CA ILE C 203 22.48 19.23 -50.36
C ILE C 203 22.74 20.06 -49.12
N LEU C 204 21.71 20.17 -48.30
CA LEU C 204 21.87 20.56 -46.91
C LEU C 204 21.81 19.25 -46.12
N ALA C 205 22.97 18.80 -45.66
CA ALA C 205 23.10 17.54 -44.94
C ALA C 205 23.08 17.86 -43.45
N LEU C 206 21.87 17.89 -42.87
CA LEU C 206 21.66 18.36 -41.51
C LEU C 206 21.67 17.15 -40.58
N THR C 207 22.86 16.66 -40.28
CA THR C 207 22.94 15.53 -39.36
C THR C 207 22.78 16.03 -37.93
N TYR C 208 22.33 15.14 -37.06
CA TYR C 208 22.06 15.54 -35.68
C TYR C 208 22.03 14.29 -34.82
N GLY C 209 22.08 14.51 -33.51
CA GLY C 209 22.10 13.44 -32.55
C GLY C 209 20.74 13.26 -31.88
N GLY C 210 20.57 12.10 -31.27
CA GLY C 210 19.36 11.86 -30.50
C GLY C 210 19.72 11.56 -29.06
N GLU C 211 18.94 10.72 -28.40
CA GLU C 211 19.36 10.32 -27.06
C GLU C 211 20.55 9.38 -27.09
N LEU C 212 20.88 8.82 -28.25
CA LEU C 212 22.05 7.95 -28.37
C LEU C 212 23.34 8.65 -27.95
N THR C 213 23.49 9.92 -28.28
CA THR C 213 24.76 10.58 -27.99
C THR C 213 24.75 11.16 -26.58
N GLY C 214 25.92 11.24 -25.98
CA GLY C 214 26.06 11.82 -24.66
C GLY C 214 26.01 10.76 -23.58
N ASP C 215 25.22 11.02 -22.53
CA ASP C 215 25.20 10.14 -21.35
C ASP C 215 25.05 8.68 -21.73
N ALA C 216 24.11 8.36 -22.63
CA ALA C 216 23.84 6.96 -22.92
C ALA C 216 25.07 6.28 -23.51
N GLN C 217 25.75 6.96 -24.45
CA GLN C 217 26.93 6.35 -25.05
C GLN C 217 28.02 6.10 -24.01
N ARG C 218 28.19 7.04 -23.07
CA ARG C 218 29.20 6.88 -22.02
C ARG C 218 28.93 5.66 -21.18
N GLU C 219 27.69 5.49 -20.72
CA GLU C 219 27.35 4.33 -19.90
C GLU C 219 27.52 3.03 -20.70
N LEU C 220 26.86 2.95 -21.85
CA LEU C 220 26.88 1.71 -22.60
C LEU C 220 28.31 1.33 -23.01
N ALA C 221 29.16 2.32 -23.28
CA ALA C 221 30.54 2.01 -23.61
C ALA C 221 31.28 1.36 -22.45
N THR C 222 30.90 1.66 -21.19
CA THR C 222 31.53 0.93 -20.09
C THR C 222 30.96 -0.47 -19.92
N PHE C 223 29.69 -0.69 -20.27
CA PHE C 223 29.10 -2.03 -20.09
C PHE C 223 29.64 -3.02 -21.10
N GLY C 224 29.97 -2.55 -22.31
CA GLY C 224 30.53 -3.39 -23.36
C GLY C 224 29.50 -3.75 -24.41
N ARG C 225 30.01 -4.35 -25.49
CA ARG C 225 29.16 -4.63 -26.65
C ARG C 225 28.09 -5.68 -26.36
N ALA C 226 28.44 -6.70 -25.57
CA ALA C 226 27.47 -7.78 -25.33
C ALA C 226 26.29 -7.28 -24.52
N VAL C 227 26.55 -6.57 -23.42
CA VAL C 227 25.47 -6.00 -22.63
C VAL C 227 24.65 -5.02 -23.46
N THR C 228 25.33 -4.15 -24.21
CA THR C 228 24.61 -3.15 -24.99
C THR C 228 23.69 -3.81 -26.00
N SER C 229 24.17 -4.83 -26.69
CA SER C 229 23.32 -5.52 -27.65
C SER C 229 22.13 -6.17 -26.95
N SER C 230 22.33 -6.69 -25.74
CA SER C 230 21.24 -7.34 -25.02
C SER C 230 20.14 -6.36 -24.60
N LEU C 231 20.46 -5.06 -24.51
CA LEU C 231 19.48 -4.05 -24.15
C LEU C 231 18.70 -3.51 -25.35
N ALA C 232 19.07 -3.89 -26.57
CA ALA C 232 18.37 -3.38 -27.75
C ALA C 232 16.93 -3.87 -27.80
N LEU C 233 16.03 -2.99 -28.24
CA LEU C 233 14.62 -3.33 -28.48
C LEU C 233 14.26 -2.99 -29.92
N THR C 234 13.58 -3.92 -30.59
CA THR C 234 13.21 -3.74 -31.98
C THR C 234 11.98 -2.85 -32.10
N PRO C 235 12.03 -1.80 -32.92
CA PRO C 235 10.84 -0.95 -33.11
C PRO C 235 9.64 -1.76 -33.54
N GLY C 236 8.48 -1.43 -32.96
CA GLY C 236 7.24 -2.13 -33.25
C GLY C 236 6.98 -3.37 -32.42
N ASP C 237 7.96 -3.83 -31.63
CA ASP C 237 7.86 -5.12 -30.95
C ASP C 237 7.25 -4.93 -29.57
N HIS C 238 5.92 -5.02 -29.49
CA HIS C 238 5.23 -4.81 -28.22
C HIS C 238 5.49 -5.94 -27.23
N GLY C 239 5.59 -7.18 -27.73
CA GLY C 239 5.86 -8.29 -26.83
C GLY C 239 7.19 -8.15 -26.10
N ALA C 240 8.22 -7.69 -26.81
CA ALA C 240 9.51 -7.46 -26.16
C ALA C 240 9.43 -6.33 -25.15
N MET C 241 8.62 -5.30 -25.42
CA MET C 241 8.45 -4.24 -24.43
C MET C 241 7.79 -4.77 -23.18
N LEU C 242 6.75 -5.59 -23.37
CA LEU C 242 6.08 -6.21 -22.24
C LEU C 242 7.06 -7.04 -21.42
N ARG C 243 7.84 -7.90 -22.09
CA ARG C 243 8.81 -8.74 -21.38
C ARG C 243 9.81 -7.89 -20.62
N SER C 244 10.18 -6.74 -21.20
CA SER C 244 11.14 -5.84 -20.56
C SER C 244 10.58 -5.30 -19.25
N VAL C 245 9.34 -4.80 -19.27
CA VAL C 245 8.75 -4.29 -18.04
C VAL C 245 8.55 -5.41 -17.04
N MET C 246 8.18 -6.60 -17.52
CA MET C 246 8.04 -7.75 -16.61
C MET C 246 9.36 -8.07 -15.92
N ALA C 247 10.46 -8.05 -16.67
CA ALA C 247 11.76 -8.35 -16.07
C ALA C 247 12.13 -7.29 -15.05
N ALA C 248 11.79 -6.03 -15.34
CA ALA C 248 12.09 -4.95 -14.41
C ALA C 248 11.29 -5.06 -13.12
N ARG C 249 10.07 -5.60 -13.19
CA ARG C 249 9.21 -5.78 -12.03
C ARG C 249 9.27 -7.18 -11.44
N LEU C 250 10.06 -8.08 -12.02
CA LEU C 250 10.20 -9.44 -11.49
C LEU C 250 8.85 -10.17 -11.45
N THR C 251 8.03 -9.98 -12.48
CA THR C 251 6.77 -10.68 -12.63
C THR C 251 6.86 -11.68 -13.77
N THR C 252 6.57 -12.94 -13.47
CA THR C 252 6.46 -13.96 -14.51
C THR C 252 5.18 -13.74 -15.29
N VAL C 253 5.04 -14.52 -16.37
CA VAL C 253 3.78 -14.55 -17.11
C VAL C 253 2.64 -14.94 -16.19
N THR C 254 2.85 -15.95 -15.35
CA THR C 254 1.78 -16.40 -14.47
C THR C 254 1.44 -15.34 -13.42
N GLU C 255 2.44 -14.67 -12.86
CA GLU C 255 2.18 -13.62 -11.88
C GLU C 255 1.46 -12.43 -12.52
N LEU C 256 1.87 -12.03 -13.72
CA LEU C 256 1.23 -10.90 -14.38
C LEU C 256 -0.22 -11.22 -14.75
N ALA C 257 -0.48 -12.44 -15.24
CA ALA C 257 -1.86 -12.87 -15.41
C ALA C 257 -2.63 -12.82 -14.09
N ASP C 258 -2.03 -13.34 -13.01
CA ASP C 258 -2.69 -13.35 -11.71
C ASP C 258 -3.15 -11.95 -11.30
N ARG C 259 -2.29 -10.95 -11.50
CA ARG C 259 -2.60 -9.60 -11.05
C ARG C 259 -3.61 -8.92 -11.97
N SER C 260 -3.51 -9.17 -13.27
CA SER C 260 -4.24 -8.39 -14.26
C SER C 260 -5.61 -8.97 -14.57
N GLY C 261 -5.87 -10.21 -14.18
CA GLY C 261 -7.09 -10.88 -14.56
C GLY C 261 -7.12 -11.44 -15.97
N LEU C 262 -6.03 -11.32 -16.73
CA LEU C 262 -5.95 -11.98 -18.04
C LEU C 262 -5.48 -13.42 -17.85
N LYS C 263 -5.97 -14.31 -18.73
CA LYS C 263 -5.57 -15.70 -18.67
C LYS C 263 -4.06 -15.86 -18.87
N THR C 264 -3.48 -16.85 -18.19
CA THR C 264 -2.06 -17.15 -18.36
C THR C 264 -1.67 -17.30 -19.84
N ASP C 265 -2.47 -18.07 -20.60
CA ASP C 265 -2.15 -18.30 -22.00
C ASP C 265 -2.19 -17.03 -22.83
N ARG C 266 -3.07 -16.09 -22.47
CA ARG C 266 -3.12 -14.83 -23.19
C ARG C 266 -1.88 -13.98 -22.91
N VAL C 267 -1.47 -13.88 -21.65
CA VAL C 267 -0.26 -13.13 -21.34
C VAL C 267 0.94 -13.76 -22.02
N ALA C 268 0.99 -15.10 -22.06
CA ALA C 268 2.12 -15.77 -22.71
C ALA C 268 2.12 -15.49 -24.21
N ALA C 269 0.94 -15.51 -24.84
CA ALA C 269 0.84 -15.15 -26.26
C ALA C 269 1.29 -13.72 -26.50
N LEU C 270 0.90 -12.79 -25.61
CA LEU C 270 1.28 -11.40 -25.83
C LEU C 270 2.79 -11.20 -25.69
N CYS C 271 3.45 -11.98 -24.84
CA CYS C 271 4.90 -11.86 -24.70
C CYS C 271 5.66 -12.38 -25.90
N ARG C 272 5.00 -13.06 -26.83
CA ARG C 272 5.67 -13.68 -27.96
C ARG C 272 5.29 -13.06 -29.30
N THR C 273 4.62 -11.92 -29.32
CA THR C 273 4.26 -11.30 -30.59
C THR C 273 4.59 -9.82 -30.56
N PRO C 274 4.99 -9.25 -31.71
CA PRO C 274 5.21 -7.80 -31.74
C PRO C 274 3.92 -7.02 -31.73
N ALA C 275 2.79 -7.66 -32.05
CA ALA C 275 1.53 -6.94 -32.11
C ALA C 275 1.05 -6.56 -30.72
N ARG C 276 0.56 -5.33 -30.58
CA ARG C 276 0.14 -4.86 -29.27
C ARG C 276 -1.13 -5.58 -28.81
N ALA C 277 -1.28 -5.64 -27.49
CA ALA C 277 -2.51 -6.14 -26.89
C ALA C 277 -3.66 -5.17 -27.19
N GLU C 278 -4.89 -5.63 -26.97
CA GLU C 278 -6.03 -4.72 -27.07
C GLU C 278 -5.90 -3.64 -26.00
N TRP C 279 -6.51 -2.47 -26.27
CA TRP C 279 -6.38 -1.37 -25.32
C TRP C 279 -6.85 -1.73 -23.92
N PRO C 280 -7.97 -2.44 -23.73
CA PRO C 280 -8.34 -2.82 -22.35
C PRO C 280 -7.34 -3.76 -21.71
N GLU C 281 -6.71 -4.63 -22.50
CA GLU C 281 -5.67 -5.49 -21.94
C GLU C 281 -4.44 -4.68 -21.57
N LEU C 282 -4.02 -3.72 -22.42
CA LEU C 282 -2.88 -2.87 -22.05
C LEU C 282 -3.15 -2.15 -20.73
N SER C 283 -4.36 -1.60 -20.58
CA SER C 283 -4.69 -0.89 -19.34
C SER C 283 -4.59 -1.82 -18.13
N ALA C 284 -5.10 -3.05 -18.25
CA ALA C 284 -5.05 -3.99 -17.13
C ALA C 284 -3.61 -4.42 -16.83
N LEU C 285 -2.84 -4.71 -17.87
CA LEU C 285 -1.44 -5.10 -17.68
C LEU C 285 -0.62 -3.96 -17.08
N ALA C 286 -0.82 -2.73 -17.56
CA ALA C 286 -0.10 -1.58 -17.03
C ALA C 286 -0.42 -1.38 -15.55
N GLU C 287 -1.70 -1.41 -15.20
CA GLU C 287 -2.09 -1.33 -13.79
C GLU C 287 -1.40 -2.41 -12.96
N ALA C 288 -1.38 -3.64 -13.48
CA ALA C 288 -0.76 -4.75 -12.75
C ALA C 288 0.75 -4.56 -12.57
N LEU C 289 1.41 -3.86 -13.49
CA LEU C 289 2.86 -3.66 -13.47
C LEU C 289 3.28 -2.35 -12.84
N GLY C 290 2.33 -1.51 -12.41
CA GLY C 290 2.67 -0.24 -11.81
C GLY C 290 3.21 0.79 -12.75
N VAL C 291 2.73 0.81 -14.00
CA VAL C 291 3.21 1.72 -15.02
C VAL C 291 2.03 2.29 -15.81
N SER C 292 2.32 3.36 -16.54
CA SER C 292 1.39 3.88 -17.54
C SER C 292 1.34 2.92 -18.73
N VAL C 293 0.20 2.91 -19.43
CA VAL C 293 0.13 2.21 -20.73
C VAL C 293 1.25 2.71 -21.64
N ARG C 294 1.65 3.97 -21.45
CA ARG C 294 2.75 4.54 -22.21
C ARG C 294 3.99 3.65 -22.20
N GLU C 295 4.27 2.99 -21.07
CA GLU C 295 5.48 2.18 -20.99
C GLU C 295 5.31 0.78 -21.59
N LEU C 296 4.11 0.40 -22.04
CA LEU C 296 3.94 -0.83 -22.80
C LEU C 296 3.87 -0.59 -24.31
N LEU C 297 3.86 0.66 -24.74
CA LEU C 297 3.81 1.01 -26.13
C LEU C 297 5.22 1.20 -26.66
N VAL C 298 5.35 1.16 -27.98
CA VAL C 298 6.67 1.21 -28.62
C VAL C 298 6.59 2.11 -29.83
N PRO C 299 7.71 2.70 -30.21
CA PRO C 299 7.75 3.44 -31.47
C PRO C 299 7.81 2.48 -32.65
N HIS C 300 7.24 2.93 -33.76
CA HIS C 300 7.31 2.23 -35.02
C HIS C 300 8.13 3.08 -35.99
N THR C 301 8.52 2.48 -37.10
CA THR C 301 9.28 3.23 -38.09
C THR C 301 8.58 3.13 -39.45
N THR C 302 8.79 4.15 -40.27
CA THR C 302 8.33 4.13 -41.65
C THR C 302 9.47 3.95 -42.63
N THR C 303 10.70 3.85 -42.12
CA THR C 303 11.85 3.68 -43.00
C THR C 303 11.83 2.33 -43.69
N GLU C 304 12.50 2.27 -44.82
CA GLU C 304 12.79 1.04 -45.56
C GLU C 304 14.22 1.16 -46.04
N ALA C 305 14.99 0.08 -45.90
CA ALA C 305 16.42 0.16 -46.18
C ALA C 305 17.07 1.29 -45.37
N ASP C 306 16.55 1.49 -44.15
CA ASP C 306 17.08 2.39 -43.13
C ASP C 306 16.91 3.87 -43.46
N VAL C 307 16.08 4.24 -44.44
CA VAL C 307 15.81 5.64 -44.73
C VAL C 307 14.32 5.84 -44.96
N ARG C 308 13.89 7.10 -44.83
CA ARG C 308 12.54 7.51 -45.17
C ARG C 308 12.67 8.67 -46.16
N ILE C 309 12.23 8.44 -47.39
CA ILE C 309 12.36 9.45 -48.46
C ILE C 309 11.03 10.17 -48.56
N GLN C 310 11.06 11.49 -48.61
CA GLN C 310 9.87 12.31 -48.82
C GLN C 310 10.02 13.04 -50.13
N PRO C 311 9.35 12.61 -51.20
CA PRO C 311 9.35 13.43 -52.42
C PRO C 311 8.70 14.77 -52.12
N GLY C 312 9.31 15.84 -52.65
CA GLY C 312 8.82 17.17 -52.37
C GLY C 312 7.47 17.47 -52.99
N ARG C 313 7.19 16.91 -54.17
CA ARG C 313 5.99 17.29 -54.90
C ARG C 313 4.71 16.74 -54.27
N THR C 314 4.81 15.66 -53.50
CA THR C 314 3.64 15.10 -52.82
C THR C 314 3.64 15.38 -51.32
N ALA C 315 4.61 16.13 -50.82
CA ALA C 315 4.65 16.41 -49.39
C ALA C 315 3.44 17.26 -48.99
N SER C 316 2.94 17.02 -47.78
CA SER C 316 1.80 17.79 -47.29
C SER C 316 2.19 19.24 -47.13
N ARG C 317 1.26 20.14 -47.47
CA ARG C 317 1.49 21.58 -47.36
C ARG C 317 0.27 22.22 -46.74
N TRP C 318 0.49 23.25 -45.92
CA TRP C 318 -0.66 23.95 -45.33
C TRP C 318 -0.26 25.38 -45.01
N SER C 319 -1.27 26.25 -44.95
CA SER C 319 -1.10 27.66 -44.64
C SER C 319 -1.08 27.88 -43.13
N TYR C 320 -0.36 28.91 -42.71
CA TYR C 320 -0.20 29.22 -41.29
C TYR C 320 -0.19 30.72 -41.04
N PRO C 321 -0.90 31.20 -40.01
CA PRO C 321 -1.64 30.36 -39.06
C PRO C 321 -2.95 29.87 -39.63
N GLY C 322 -3.38 30.44 -40.74
CA GLY C 322 -4.60 30.03 -41.38
C GLY C 322 -4.61 30.35 -42.86
N PRO C 323 -5.62 29.84 -43.56
CA PRO C 323 -5.66 30.03 -45.02
C PRO C 323 -6.10 31.41 -45.48
N ASP C 324 -6.81 32.19 -44.66
CA ASP C 324 -7.33 33.46 -45.14
C ASP C 324 -6.23 34.52 -45.27
N ALA C 325 -5.40 34.64 -44.25
CA ALA C 325 -4.32 35.62 -44.23
C ALA C 325 -3.05 34.91 -43.78
N PRO C 326 -2.53 33.99 -44.60
CA PRO C 326 -1.37 33.22 -44.16
C PRO C 326 -0.12 34.07 -44.13
N ALA C 327 0.67 33.89 -43.08
CA ALA C 327 2.01 34.43 -43.06
C ALA C 327 3.00 33.49 -43.69
N TYR C 328 2.75 32.18 -43.60
CA TYR C 328 3.68 31.17 -44.07
C TYR C 328 2.91 30.06 -44.77
N ARG C 329 3.59 29.35 -45.67
CA ARG C 329 3.13 28.06 -46.13
C ARG C 329 4.20 27.05 -45.75
N PHE C 330 3.80 25.99 -45.07
CA PHE C 330 4.71 24.96 -44.59
C PHE C 330 4.61 23.73 -45.47
N THR C 331 5.75 23.11 -45.78
CA THR C 331 5.78 21.82 -46.48
C THR C 331 6.47 20.79 -45.60
N GLN C 332 5.80 19.67 -45.34
CA GLN C 332 6.33 18.65 -44.44
C GLN C 332 7.41 17.83 -45.12
N LEU C 333 8.62 17.86 -44.57
CA LEU C 333 9.74 17.15 -45.18
C LEU C 333 9.96 15.84 -44.44
N ALA C 334 11.00 15.12 -44.85
CA ALA C 334 11.20 13.76 -44.37
C ALA C 334 11.47 13.70 -42.87
N GLY C 335 10.89 12.69 -42.23
CA GLY C 335 11.10 12.41 -40.83
C GLY C 335 10.67 10.98 -40.58
N ASP C 336 10.49 10.64 -39.29
CA ASP C 336 10.12 9.27 -38.93
C ASP C 336 9.64 9.18 -37.48
N PRO C 337 8.68 8.31 -37.16
CA PRO C 337 8.23 8.21 -35.77
C PRO C 337 9.26 7.66 -34.80
N LEU C 338 10.37 7.09 -35.26
CA LEU C 338 11.45 6.77 -34.33
C LEU C 338 12.03 8.02 -33.69
N HIS C 339 11.93 9.16 -34.39
CA HIS C 339 12.36 10.46 -33.87
C HIS C 339 11.15 11.39 -33.86
N PRO C 340 10.27 11.20 -32.90
CA PRO C 340 9.03 11.99 -32.88
C PRO C 340 9.26 13.48 -32.68
N HIS C 341 10.40 13.87 -32.14
CA HIS C 341 10.70 15.27 -31.86
C HIS C 341 11.46 15.93 -32.99
N THR C 342 11.58 15.28 -34.14
CA THR C 342 12.15 15.90 -35.33
C THR C 342 11.04 16.38 -36.25
N THR C 343 11.06 17.69 -36.54
CA THR C 343 10.18 18.32 -37.50
C THR C 343 11.04 18.96 -38.59
N SER C 344 10.84 18.55 -39.83
CA SER C 344 11.53 19.19 -40.94
C SER C 344 10.49 19.85 -41.81
N LEU C 345 10.74 21.11 -42.18
CA LEU C 345 9.79 21.90 -42.95
C LEU C 345 10.52 22.74 -43.97
N ALA C 346 9.92 22.86 -45.16
CA ALA C 346 10.25 23.98 -46.05
C ALA C 346 9.26 25.09 -45.75
N VAL C 347 9.77 26.29 -45.48
CA VAL C 347 8.94 27.43 -45.08
C VAL C 347 8.95 28.44 -46.19
N ASP C 348 7.78 28.69 -46.76
CA ASP C 348 7.61 29.78 -47.71
C ASP C 348 7.14 30.98 -46.90
N VAL C 349 7.99 31.99 -46.81
CA VAL C 349 7.69 33.17 -46.00
C VAL C 349 6.87 34.12 -46.86
N LEU C 350 5.58 34.22 -46.56
CA LEU C 350 4.66 34.94 -47.42
C LEU C 350 4.45 36.38 -46.99
N THR C 351 4.66 36.69 -45.73
CA THR C 351 4.32 38.00 -45.20
C THR C 351 5.57 38.87 -45.18
N ALA C 352 5.39 40.11 -45.57
CA ALA C 352 6.44 41.11 -45.48
C ALA C 352 6.52 41.73 -44.10
N ARG C 353 5.72 41.25 -43.16
CA ARG C 353 5.62 41.86 -41.85
C ARG C 353 5.98 40.86 -40.77
N PRO C 354 6.64 41.30 -39.69
CA PRO C 354 6.95 40.39 -38.59
C PRO C 354 5.77 40.19 -37.65
N ASP C 355 4.58 40.00 -38.21
CA ASP C 355 3.36 40.04 -37.42
C ASP C 355 2.81 38.66 -37.09
N ALA C 356 3.53 37.58 -37.42
CA ALA C 356 3.09 36.22 -37.15
C ALA C 356 4.18 35.45 -36.43
N PRO C 357 4.41 35.76 -35.15
CA PRO C 357 5.42 35.03 -34.38
C PRO C 357 5.03 33.56 -34.24
N LEU C 358 6.01 32.70 -34.48
CA LEU C 358 5.78 31.27 -34.32
C LEU C 358 5.70 30.92 -32.84
N PRO C 359 4.79 30.04 -32.45
CA PRO C 359 4.73 29.63 -31.03
C PRO C 359 6.03 28.96 -30.62
N PRO C 360 6.46 29.16 -29.38
CA PRO C 360 7.71 28.51 -28.94
C PRO C 360 7.55 26.99 -28.93
N THR C 361 8.66 26.31 -29.15
CA THR C 361 8.68 24.85 -29.11
C THR C 361 9.78 24.38 -28.17
N TYR C 362 9.62 23.16 -27.67
CA TYR C 362 10.66 22.53 -26.87
C TYR C 362 11.87 22.10 -27.71
N GLN C 363 11.72 22.11 -29.03
CA GLN C 363 12.81 21.72 -29.92
C GLN C 363 13.83 22.84 -30.10
N HIS C 364 15.09 22.43 -30.29
CA HIS C 364 16.08 23.27 -30.97
C HIS C 364 15.61 23.53 -32.39
N GLN C 365 16.08 24.64 -32.99
CA GLN C 365 15.77 24.90 -34.38
C GLN C 365 17.01 25.30 -35.15
N TYR C 366 17.01 24.90 -36.41
CA TYR C 366 18.03 25.28 -37.38
C TYR C 366 17.30 25.86 -38.58
N LEU C 367 17.78 26.99 -39.11
CA LEU C 367 17.19 27.60 -40.29
C LEU C 367 18.27 27.83 -41.33
N TYR C 368 17.88 27.70 -42.60
CA TYR C 368 18.77 27.99 -43.72
C TYR C 368 17.98 28.64 -44.84
N VAL C 369 18.46 29.77 -45.37
CA VAL C 369 17.72 30.49 -46.39
C VAL C 369 18.08 29.92 -47.75
N LEU C 370 17.14 29.15 -48.32
CA LEU C 370 17.27 28.60 -49.66
C LEU C 370 16.96 29.64 -50.73
N GLY C 371 16.03 30.55 -50.45
CA GLY C 371 15.51 31.46 -51.46
C GLY C 371 16.55 32.46 -51.93
N GLU C 372 16.10 33.38 -52.77
CA GLU C 372 16.98 34.38 -53.36
C GLU C 372 16.80 35.76 -52.75
N GLN C 373 15.88 35.91 -51.82
CA GLN C 373 15.65 37.13 -51.07
C GLN C 373 16.04 36.93 -49.61
N PRO C 374 16.46 38.00 -48.92
CA PRO C 374 16.73 37.88 -47.49
C PRO C 374 15.45 37.65 -46.69
N VAL C 375 15.64 37.09 -45.50
CA VAL C 375 14.55 36.82 -44.57
C VAL C 375 14.85 37.58 -43.29
N SER C 376 13.94 38.48 -42.90
CA SER C 376 14.11 39.21 -41.65
C SER C 376 13.58 38.35 -40.51
N VAL C 377 14.26 38.43 -39.37
CA VAL C 377 13.93 37.63 -38.19
C VAL C 377 13.82 38.57 -37.01
N ARG C 378 12.73 38.45 -36.27
CA ARG C 378 12.56 39.21 -35.04
C ARG C 378 12.26 38.21 -33.94
N TRP C 379 12.98 38.31 -32.83
CA TRP C 379 12.79 37.34 -31.77
C TRP C 379 12.98 38.01 -30.43
N ARG C 380 12.58 37.30 -29.38
CA ARG C 380 12.71 37.78 -28.02
C ARG C 380 13.47 36.76 -27.20
N TYR C 381 14.26 37.25 -26.25
CA TYR C 381 14.94 36.37 -25.29
C TYR C 381 15.21 37.19 -24.04
N ASN C 382 14.74 36.69 -22.89
CA ASN C 382 14.85 37.37 -21.60
C ASN C 382 14.38 38.83 -21.69
N GLY C 383 13.17 39.01 -22.21
CA GLY C 383 12.52 40.30 -22.24
C GLY C 383 13.12 41.34 -23.18
N GLU C 384 13.95 40.90 -24.13
CA GLU C 384 14.57 41.82 -25.09
C GLU C 384 14.08 41.47 -26.49
N GLN C 385 13.84 42.49 -27.30
CA GLN C 385 13.55 42.27 -28.71
C GLN C 385 14.85 42.37 -29.51
N TYR C 386 15.05 41.41 -30.40
CA TYR C 386 16.17 41.39 -31.32
C TYR C 386 15.64 41.39 -32.74
N ASP C 387 16.44 41.95 -33.64
CA ASP C 387 16.10 41.98 -35.06
C ASP C 387 17.35 41.66 -35.85
N GLY C 388 17.19 40.82 -36.87
CA GLY C 388 18.27 40.48 -37.76
C GLY C 388 17.73 40.16 -39.13
N ARG C 389 18.64 39.89 -40.05
CA ARG C 389 18.24 39.54 -41.41
C ARG C 389 19.18 38.47 -41.94
N LEU C 390 18.60 37.37 -42.41
CA LEU C 390 19.36 36.29 -43.02
C LEU C 390 19.40 36.49 -44.53
N GLU C 391 20.60 36.63 -45.08
CA GLU C 391 20.74 36.67 -46.52
C GLU C 391 20.60 35.26 -47.09
N PRO C 392 20.35 35.12 -48.39
CA PRO C 392 20.40 33.78 -48.98
C PRO C 392 21.72 33.09 -48.66
N GLY C 393 21.62 31.83 -48.23
CA GLY C 393 22.78 31.06 -47.84
C GLY C 393 23.18 31.24 -46.39
N ASP C 394 22.64 32.25 -45.71
CA ASP C 394 22.85 32.39 -44.28
C ASP C 394 22.03 31.32 -43.54
N SER C 395 22.43 31.05 -42.30
CA SER C 395 21.74 30.05 -41.50
C SER C 395 21.64 30.55 -40.06
N ALA C 396 20.83 29.86 -39.27
CA ALA C 396 20.64 30.31 -37.89
C ALA C 396 20.43 29.10 -37.00
N TYR C 397 20.79 29.26 -35.73
CA TYR C 397 20.51 28.29 -34.69
C TYR C 397 19.67 28.97 -33.61
N VAL C 398 18.66 28.25 -33.10
CA VAL C 398 17.71 28.79 -32.11
C VAL C 398 17.61 27.79 -30.97
N ILE C 399 17.78 28.26 -29.74
CA ILE C 399 17.56 27.38 -28.58
C ILE C 399 16.07 27.11 -28.41
N PRO C 400 15.70 26.05 -27.67
CA PRO C 400 14.29 25.84 -27.30
C PRO C 400 13.66 27.08 -26.69
N GLY C 401 12.37 27.26 -26.97
CA GLY C 401 11.56 28.22 -26.24
C GLY C 401 11.54 29.63 -26.80
N ILE C 402 12.27 29.90 -27.88
CA ILE C 402 12.32 31.25 -28.42
C ILE C 402 11.10 31.49 -29.30
N GLU C 403 10.46 32.64 -29.12
CA GLU C 403 9.43 33.10 -30.05
C GLU C 403 10.08 33.98 -31.11
N PHE C 404 9.93 33.60 -32.38
CA PHE C 404 10.44 34.43 -33.46
C PHE C 404 9.44 34.49 -34.60
N SER C 405 9.56 35.55 -35.40
CA SER C 405 8.80 35.73 -36.61
C SER C 405 9.74 35.84 -37.79
N LEU C 406 9.25 35.44 -38.97
CA LEU C 406 9.98 35.53 -40.22
C LEU C 406 9.17 36.41 -41.16
N SER C 407 9.87 37.22 -41.96
CA SER C 407 9.20 38.08 -42.92
C SER C 407 10.15 38.33 -44.09
N ALA C 408 9.56 38.64 -45.24
CA ALA C 408 10.36 38.89 -46.43
C ALA C 408 9.58 39.80 -47.35
N GLU C 409 10.30 40.70 -48.03
CA GLU C 409 9.61 41.64 -48.91
C GLU C 409 8.96 40.92 -50.09
N LYS C 410 9.46 39.75 -50.45
CA LYS C 410 8.91 38.86 -51.46
C LYS C 410 8.88 37.45 -50.90
N PRO C 411 7.90 36.64 -51.28
CA PRO C 411 7.88 35.24 -50.84
C PRO C 411 9.24 34.58 -51.03
N THR C 412 9.73 33.96 -49.97
CA THR C 412 11.09 33.44 -49.92
C THR C 412 11.10 32.14 -49.14
N GLU C 413 11.92 31.18 -49.61
CA GLU C 413 11.93 29.85 -49.02
C GLU C 413 13.08 29.69 -48.02
N LEU C 414 12.76 29.08 -46.89
CA LEU C 414 13.74 28.75 -45.86
C LEU C 414 13.56 27.29 -45.48
N LEU C 415 14.66 26.60 -45.19
CA LEU C 415 14.65 25.23 -44.71
C LEU C 415 14.71 25.25 -43.18
N MET C 416 13.88 24.46 -42.53
CA MET C 416 13.81 24.44 -41.08
C MET C 416 13.92 23.01 -40.58
N LEU C 417 14.85 22.76 -39.66
CA LEU C 417 14.97 21.48 -38.98
C LEU C 417 14.88 21.70 -37.48
N ARG C 418 13.88 21.10 -36.85
CA ARG C 418 13.64 21.19 -35.41
C ARG C 418 13.88 19.82 -34.80
N ILE C 419 14.69 19.74 -33.74
CA ILE C 419 15.00 18.45 -33.12
C ILE C 419 14.81 18.51 -31.60
N GLY C 420 14.52 17.36 -31.01
CA GLY C 420 14.51 17.27 -29.56
C GLY C 420 15.93 17.35 -29.01
N GLY C 421 16.07 18.04 -27.89
CA GLY C 421 17.33 18.09 -27.16
C GLY C 421 17.33 17.08 -26.03
N SER C 422 18.21 17.30 -25.06
CA SER C 422 18.28 16.40 -23.91
C SER C 422 17.10 16.56 -22.97
N ALA C 423 16.33 17.63 -23.08
CA ALA C 423 15.10 17.78 -22.32
C ALA C 423 14.01 16.99 -23.04
N THR C 424 13.97 15.69 -22.74
CA THR C 424 12.99 14.76 -23.31
C THR C 424 11.61 15.00 -22.70
N PRO C 425 10.56 14.36 -23.23
CA PRO C 425 9.26 14.46 -22.56
C PRO C 425 9.33 14.12 -21.09
N ASP C 426 10.09 13.08 -20.74
CA ASP C 426 10.22 12.70 -19.33
C ASP C 426 10.88 13.80 -18.52
N VAL C 427 11.88 14.46 -19.08
CA VAL C 427 12.49 15.60 -18.38
C VAL C 427 11.47 16.70 -18.17
N ARG C 428 10.66 16.99 -19.19
CA ARG C 428 9.70 18.08 -19.08
C ARG C 428 8.62 17.79 -18.04
N PHE C 429 8.19 16.54 -17.94
CA PHE C 429 7.23 16.22 -16.88
C PHE C 429 7.86 16.29 -15.50
N ALA C 430 9.16 15.99 -15.39
CA ALA C 430 9.85 16.13 -14.11
C ALA C 430 9.97 17.61 -13.73
N LEU C 431 10.18 18.47 -14.72
CA LEU C 431 10.17 19.91 -14.47
C LEU C 431 8.82 20.38 -13.97
N GLY C 432 7.73 19.83 -14.54
CA GLY C 432 6.40 20.22 -14.13
C GLY C 432 6.04 19.74 -12.74
N ALA C 433 6.72 18.72 -12.24
CA ALA C 433 6.45 18.20 -10.91
C ALA C 433 7.26 18.91 -9.83
N MET C 434 8.22 19.74 -10.21
CA MET C 434 9.05 20.45 -9.25
C MET C 434 8.29 21.55 -8.54
N PRO C 435 8.64 21.86 -7.29
CA PRO C 435 7.94 22.91 -6.56
C PRO C 435 8.17 24.29 -7.16
N ASP C 436 7.43 25.26 -6.63
CA ASP C 436 7.56 26.64 -7.08
C ASP C 436 8.95 27.16 -6.74
N GLY C 437 9.65 27.69 -7.75
CA GLY C 437 10.92 28.33 -7.55
C GLY C 437 12.14 27.43 -7.59
N ALA C 438 11.94 26.11 -7.71
CA ALA C 438 13.09 25.21 -7.69
C ALA C 438 13.85 25.16 -9.02
N ILE C 439 13.30 25.71 -10.11
CA ILE C 439 13.98 25.56 -11.39
C ILE C 439 15.29 26.35 -11.40
N GLY C 440 15.32 27.51 -10.74
CA GLY C 440 16.58 28.21 -10.59
C GLY C 440 17.65 27.37 -9.89
N ARG C 441 17.25 26.66 -8.83
CA ARG C 441 18.22 25.83 -8.10
C ARG C 441 18.66 24.65 -8.94
N TYR C 442 17.74 24.08 -9.72
CA TYR C 442 18.09 23.00 -10.64
C TYR C 442 19.16 23.45 -11.63
N ILE C 443 19.01 24.66 -12.15
CA ILE C 443 19.94 25.20 -13.15
C ILE C 443 21.32 25.45 -12.55
N ALA C 444 21.37 25.95 -11.32
CA ALA C 444 22.66 26.23 -10.70
C ALA C 444 22.49 26.14 -9.18
N GLU C 445 22.98 25.06 -8.59
CA GLU C 445 22.85 24.89 -7.15
C GLU C 445 23.54 26.01 -6.42
N ASP C 446 22.81 26.66 -5.51
CA ASP C 446 23.26 27.89 -4.86
C ASP C 446 23.46 27.75 -3.36
N ARG C 447 23.43 26.54 -2.81
CA ARG C 447 23.47 26.42 -1.36
C ARG C 447 23.86 25.01 -0.96
N LEU C 448 24.34 24.91 0.29
CA LEU C 448 24.49 23.62 0.95
C LEU C 448 23.11 22.99 1.14
N TRP C 449 23.08 21.66 1.23
CA TRP C 449 21.78 20.98 1.22
C TRP C 449 21.00 21.14 2.54
N TYR C 450 21.60 21.73 3.57
CA TYR C 450 20.92 21.96 4.83
C TYR C 450 21.38 23.29 5.43
N SER D 9 -30.73 1.74 40.14
CA SER D 9 -31.24 3.06 39.78
C SER D 9 -32.02 3.02 38.46
N ASP D 10 -33.34 3.14 38.58
CA ASP D 10 -34.18 3.19 37.38
C ASP D 10 -33.91 4.45 36.56
N ALA D 11 -33.60 5.57 37.22
CA ALA D 11 -33.32 6.80 36.48
C ALA D 11 -32.06 6.67 35.63
N ALA D 12 -31.01 6.08 36.19
CA ALA D 12 -29.78 5.88 35.41
C ALA D 12 -30.04 4.91 34.24
N ARG D 13 -30.83 3.86 34.47
CA ARG D 13 -31.09 2.91 33.40
C ARG D 13 -31.91 3.55 32.30
N ALA D 14 -32.89 4.39 32.66
CA ALA D 14 -33.65 5.11 31.65
C ALA D 14 -32.75 6.01 30.82
N ALA D 15 -31.77 6.66 31.46
CA ALA D 15 -30.81 7.46 30.70
C ALA D 15 -29.97 6.59 29.77
N ARG D 16 -29.56 5.40 30.21
CA ARG D 16 -28.85 4.49 29.32
C ARG D 16 -29.71 4.13 28.11
N ALA D 17 -31.01 3.89 28.32
CA ALA D 17 -31.88 3.54 27.19
C ALA D 17 -32.02 4.71 26.22
N ALA D 18 -32.17 5.93 26.75
CA ALA D 18 -32.25 7.10 25.87
C ALA D 18 -31.00 7.22 25.02
N ALA D 19 -29.83 7.00 25.61
CA ALA D 19 -28.58 7.10 24.88
C ALA D 19 -28.49 6.07 23.76
N LEU D 20 -29.01 4.85 24.00
CA LEU D 20 -29.01 3.83 22.96
C LEU D 20 -29.91 4.24 21.80
N LEU D 21 -30.99 4.95 22.09
CA LEU D 21 -31.90 5.42 21.04
C LEU D 21 -31.21 6.47 20.16
N ARG D 22 -30.53 7.43 20.80
CA ARG D 22 -29.75 8.39 20.02
C ARG D 22 -28.67 7.70 19.22
N ALA D 23 -27.97 6.73 19.83
CA ALA D 23 -26.93 6.01 19.10
C ALA D 23 -27.50 5.29 17.89
N ALA D 24 -28.65 4.63 18.05
CA ALA D 24 -29.24 3.90 16.93
C ALA D 24 -29.61 4.85 15.80
N ALA D 25 -30.14 6.03 16.13
CA ALA D 25 -30.47 6.99 15.09
C ALA D 25 -29.21 7.53 14.43
N ASN D 26 -28.20 7.88 15.24
CA ASN D 26 -26.91 8.31 14.69
C ASN D 26 -26.35 7.28 13.72
N ASP D 27 -26.37 5.99 14.10
CA ASP D 27 -25.75 4.97 13.27
C ASP D 27 -26.46 4.82 11.93
N LEU D 28 -27.75 5.11 11.88
CA LEU D 28 -28.53 5.05 10.65
C LEU D 28 -28.58 6.38 9.92
N LYS D 29 -27.83 7.38 10.39
CA LYS D 29 -27.82 8.71 9.77
C LYS D 29 -29.23 9.31 9.70
N ARG D 30 -30.00 9.13 10.77
CA ARG D 30 -31.31 9.77 10.94
C ARG D 30 -31.15 10.85 12.01
N ASN D 31 -31.29 12.12 11.62
CA ASN D 31 -31.38 13.15 12.65
C ASN D 31 -32.82 13.13 13.21
N ASP D 32 -33.15 14.09 14.07
CA ASP D 32 -34.43 14.08 14.77
C ASP D 32 -35.62 14.03 13.81
N ARG D 33 -35.63 14.94 12.84
CA ARG D 33 -36.78 15.02 11.93
C ARG D 33 -36.88 13.76 11.07
N ALA D 34 -35.75 13.25 10.61
CA ALA D 34 -35.78 12.02 9.82
C ALA D 34 -36.26 10.84 10.65
N ALA D 35 -35.83 10.76 11.90
CA ALA D 35 -36.28 9.67 12.76
C ALA D 35 -37.79 9.74 13.01
N GLU D 36 -38.29 10.96 13.22
CA GLU D 36 -39.73 11.13 13.44
C GLU D 36 -40.51 10.68 12.22
N ALA D 37 -40.01 11.02 11.02
CA ALA D 37 -40.65 10.55 9.79
C ALA D 37 -40.67 9.03 9.72
N ASP D 38 -39.53 8.39 9.99
CA ASP D 38 -39.43 6.93 9.88
C ASP D 38 -40.34 6.23 10.88
N LEU D 39 -40.39 6.76 12.11
CA LEU D 39 -41.10 6.12 13.20
C LEU D 39 -42.55 6.58 13.32
N GLY D 40 -43.01 7.47 12.45
CA GLY D 40 -44.37 7.97 12.56
C GLY D 40 -44.62 8.79 13.81
N LEU D 41 -43.64 9.55 14.26
CA LEU D 41 -43.79 10.31 15.49
C LEU D 41 -44.15 11.76 15.19
N PRO D 42 -44.82 12.42 16.12
CA PRO D 42 -45.11 13.85 15.93
C PRO D 42 -43.84 14.67 16.03
N PRO D 43 -43.77 15.81 15.34
CA PRO D 43 -42.56 16.63 15.37
C PRO D 43 -42.15 17.02 16.79
N GLY D 44 -40.84 16.96 17.05
CA GLY D 44 -40.30 17.27 18.35
C GLY D 44 -40.27 16.12 19.32
N SER D 45 -40.96 15.03 19.03
CA SER D 45 -41.07 13.95 20.01
C SER D 45 -39.77 13.14 20.10
N PHE D 46 -39.00 13.04 19.03
CA PHE D 46 -37.80 12.23 19.14
C PHE D 46 -36.78 12.85 20.09
N GLY D 47 -36.67 14.18 20.06
CA GLY D 47 -35.87 14.86 21.07
C GLY D 47 -36.38 14.63 22.47
N ASP D 48 -37.70 14.64 22.65
CA ASP D 48 -38.28 14.35 23.97
C ASP D 48 -37.86 12.96 24.44
N TYR D 49 -37.84 11.97 23.54
CA TYR D 49 -37.46 10.62 23.96
C TYR D 49 -35.99 10.57 24.33
N VAL D 50 -35.12 11.15 23.50
CA VAL D 50 -33.69 11.09 23.77
C VAL D 50 -33.35 11.90 25.03
N SER D 51 -34.05 13.00 25.27
CA SER D 51 -33.72 13.85 26.42
C SER D 51 -34.31 13.32 27.72
N GLY D 52 -35.30 12.43 27.66
CA GLY D 52 -35.98 11.97 28.85
C GLY D 52 -37.26 12.70 29.18
N ARG D 53 -37.64 13.70 28.39
CA ARG D 53 -38.92 14.37 28.65
C ARG D 53 -40.10 13.42 28.44
N LEU D 54 -39.97 12.47 27.52
CA LEU D 54 -40.95 11.42 27.36
C LEU D 54 -40.30 10.07 27.65
N PRO D 55 -40.96 9.20 28.40
CA PRO D 55 -40.38 7.88 28.67
C PRO D 55 -40.35 7.05 27.40
N ILE D 56 -39.31 6.23 27.27
CA ILE D 56 -39.23 5.28 26.19
C ILE D 56 -40.10 4.08 26.56
N THR D 57 -41.00 3.71 25.65
CA THR D 57 -41.99 2.68 25.89
C THR D 57 -41.70 1.47 25.00
N TRP D 58 -42.28 0.32 25.38
CA TRP D 58 -42.19 -0.84 24.52
C TRP D 58 -42.79 -0.56 23.14
N ASP D 59 -43.81 0.29 23.09
CA ASP D 59 -44.42 0.63 21.81
C ASP D 59 -43.42 1.33 20.90
N LEU D 60 -42.69 2.31 21.43
CA LEU D 60 -41.67 3.00 20.64
C LEU D 60 -40.56 2.03 20.19
N ILE D 61 -40.08 1.19 21.10
CA ILE D 61 -39.01 0.26 20.74
C ILE D 61 -39.50 -0.72 19.68
N SER D 62 -40.76 -1.18 19.80
CA SER D 62 -41.32 -2.05 18.77
C SER D 62 -41.44 -1.32 17.42
N ARG D 63 -41.87 -0.06 17.45
CA ARG D 63 -41.93 0.73 16.22
C ARG D 63 -40.55 0.85 15.57
N ALA D 64 -39.54 1.14 16.39
CA ALA D 64 -38.18 1.26 15.87
C ALA D 64 -37.73 -0.02 15.20
N ALA D 65 -38.04 -1.18 15.79
CA ALA D 65 -37.62 -2.44 15.19
C ALA D 65 -38.39 -2.74 13.91
N GLN D 66 -39.58 -2.14 13.71
CA GLN D 66 -40.32 -2.36 12.48
C GLN D 66 -39.86 -1.43 11.37
N ALA D 67 -39.59 -0.17 11.72
CA ALA D 67 -39.24 0.84 10.73
C ALA D 67 -37.77 0.82 10.37
N TRP D 68 -36.91 0.36 11.28
CA TRP D 68 -35.48 0.37 11.09
C TRP D 68 -34.91 -1.04 11.14
N PRO D 69 -33.74 -1.28 10.52
CA PRO D 69 -33.11 -2.61 10.55
C PRO D 69 -32.38 -2.89 11.86
N LEU D 70 -33.12 -2.79 12.97
CA LEU D 70 -32.58 -3.13 14.27
C LEU D 70 -33.58 -4.01 15.02
N ASN D 71 -33.13 -4.49 16.17
CA ASN D 71 -33.93 -5.34 17.03
C ASN D 71 -34.31 -4.60 18.30
N GLU D 72 -35.50 -4.92 18.83
CA GLU D 72 -35.90 -4.39 20.13
C GLU D 72 -34.78 -4.56 21.14
N ARG D 73 -34.13 -5.72 21.10
CA ARG D 73 -33.01 -6.03 21.97
C ARG D 73 -31.94 -4.94 21.90
N ASP D 74 -31.71 -4.36 20.72
CA ASP D 74 -30.67 -3.37 20.54
C ASP D 74 -30.96 -2.04 21.25
N LEU D 75 -32.18 -1.80 21.72
CA LEU D 75 -32.49 -0.54 22.35
C LEU D 75 -32.63 -0.68 23.87
N LEU D 76 -32.29 -1.83 24.43
CA LEU D 76 -32.48 -2.05 25.84
C LEU D 76 -31.14 -2.09 26.55
N PRO D 77 -30.95 -1.31 27.61
CA PRO D 77 -29.77 -1.48 28.45
C PRO D 77 -29.94 -2.71 29.34
N ILE D 78 -28.88 -3.09 30.03
CA ILE D 78 -29.00 -4.08 31.08
C ILE D 78 -29.13 -3.35 32.42
N HIS D 79 -29.54 -4.07 33.45
CA HIS D 79 -29.71 -3.50 34.79
C HIS D 79 -28.38 -3.45 35.53
N ASN D 80 -28.18 -2.39 36.31
CA ASN D 80 -27.12 -2.34 37.30
C ASN D 80 -27.73 -2.74 38.63
N ASP D 81 -27.37 -3.92 39.13
CA ASP D 81 -27.85 -4.35 40.45
C ASP D 81 -26.70 -4.50 41.42
N THR D 82 -25.54 -3.93 41.11
CA THR D 82 -24.37 -3.99 41.98
C THR D 82 -23.82 -2.57 42.14
N PRO D 83 -24.59 -1.68 42.77
CA PRO D 83 -24.23 -0.26 42.77
C PRO D 83 -22.92 0.06 43.46
N GLN D 84 -22.50 -0.76 44.43
CA GLN D 84 -21.23 -0.56 45.12
C GLN D 84 -20.08 -1.36 44.51
N GLY D 85 -20.29 -2.03 43.38
CA GLY D 85 -19.22 -2.77 42.72
C GLY D 85 -19.02 -4.17 43.25
N LEU D 86 -19.38 -4.37 44.51
CA LEU D 86 -19.38 -5.67 45.14
C LEU D 86 -20.69 -5.78 45.91
N ARG D 87 -21.31 -6.96 45.84
CA ARG D 87 -22.57 -7.18 46.55
C ARG D 87 -22.54 -8.54 47.22
N MET D 88 -22.93 -8.59 48.50
CA MET D 88 -22.96 -9.83 49.26
C MET D 88 -24.37 -10.40 49.26
N MET D 89 -24.44 -11.73 49.38
CA MET D 89 -25.69 -12.46 49.58
C MET D 89 -25.56 -13.33 50.82
N ARG D 90 -26.62 -13.35 51.65
CA ARG D 90 -26.54 -13.99 52.96
C ARG D 90 -27.18 -15.38 52.96
N VAL D 91 -26.66 -16.23 53.84
CA VAL D 91 -27.19 -17.57 54.08
C VAL D 91 -28.70 -17.56 54.13
N LYS D 92 -29.26 -16.60 54.88
CA LYS D 92 -30.71 -16.53 55.01
C LYS D 92 -31.40 -16.37 53.65
N GLU D 93 -30.87 -15.48 52.80
CA GLU D 93 -31.43 -15.32 51.47
C GLU D 93 -31.25 -16.59 50.62
N SER D 94 -30.10 -17.24 50.70
CA SER D 94 -29.91 -18.49 49.98
C SER D 94 -30.92 -19.55 50.43
N GLU D 95 -31.07 -19.71 51.76
CA GLU D 95 -32.05 -20.67 52.27
C GLU D 95 -33.45 -20.33 51.80
N ALA D 96 -33.77 -19.04 51.70
CA ALA D 96 -35.11 -18.64 51.27
C ALA D 96 -35.40 -19.07 49.84
N SER D 97 -34.36 -19.24 49.01
CA SER D 97 -34.50 -19.64 47.62
C SER D 97 -34.52 -21.16 47.45
N SER D 98 -34.64 -21.91 48.54
CA SER D 98 -34.56 -23.37 48.51
C SER D 98 -35.57 -23.95 47.54
N ARG D 99 -35.11 -24.92 46.75
CA ARG D 99 -35.98 -25.70 45.87
C ARG D 99 -35.57 -27.17 45.99
N ILE D 100 -36.53 -28.04 46.29
CA ILE D 100 -36.30 -29.47 46.40
C ILE D 100 -36.81 -30.12 45.13
N ILE D 101 -35.96 -30.93 44.51
CA ILE D 101 -36.35 -31.65 43.29
C ILE D 101 -36.28 -33.14 43.57
N GLU D 102 -37.37 -33.84 43.22
CA GLU D 102 -37.40 -35.28 43.25
C GLU D 102 -37.02 -35.85 41.88
N ARG D 103 -36.30 -36.97 41.90
CA ARG D 103 -36.04 -37.75 40.69
C ARG D 103 -36.15 -39.22 41.06
N GLY D 104 -36.73 -40.02 40.18
CA GLY D 104 -36.93 -41.43 40.48
C GLY D 104 -37.78 -41.69 41.70
N GLY D 105 -38.70 -40.77 42.01
CA GLY D 105 -39.68 -41.03 43.05
C GLY D 105 -39.27 -40.68 44.46
N GLY D 106 -38.17 -39.95 44.64
CA GLY D 106 -37.73 -39.51 45.95
C GLY D 106 -36.84 -38.30 45.86
N PRO D 107 -36.45 -37.73 47.00
CA PRO D 107 -35.64 -36.49 46.98
C PRO D 107 -34.30 -36.73 46.31
N TYR D 108 -33.90 -35.79 45.46
CA TYR D 108 -32.61 -35.91 44.78
C TYR D 108 -31.68 -34.74 45.07
N TYR D 109 -32.16 -33.50 44.97
CA TYR D 109 -31.34 -32.31 45.18
C TYR D 109 -32.11 -31.27 45.99
N GLU D 110 -31.39 -30.54 46.83
CA GLU D 110 -31.87 -29.24 47.29
C GLU D 110 -30.99 -28.18 46.65
N TYR D 111 -31.60 -27.21 45.98
CA TYR D 111 -30.90 -26.08 45.39
C TYR D 111 -31.10 -24.82 46.23
N ARG D 112 -30.07 -23.98 46.30
CA ARG D 112 -30.16 -22.66 46.89
C ARG D 112 -29.36 -21.70 46.02
N ASP D 113 -29.95 -20.56 45.67
CA ASP D 113 -29.21 -19.53 44.95
C ASP D 113 -28.08 -19.00 45.83
N THR D 114 -26.98 -18.65 45.19
CA THR D 114 -25.96 -17.81 45.81
C THR D 114 -25.76 -16.58 44.91
N ALA D 115 -24.81 -15.72 45.29
CA ALA D 115 -24.72 -14.38 44.71
C ALA D 115 -24.71 -14.38 43.18
N MET D 116 -25.55 -13.54 42.60
CA MET D 116 -25.75 -13.43 41.15
C MET D 116 -25.94 -11.97 40.77
N SER D 117 -25.85 -11.71 39.47
CA SER D 117 -26.03 -10.33 39.02
C SER D 117 -26.54 -10.32 37.59
N ARG D 118 -27.42 -9.35 37.30
CA ARG D 118 -27.82 -9.10 35.93
C ARG D 118 -26.65 -8.60 35.09
N GLN D 119 -25.53 -8.26 35.71
CA GLN D 119 -24.35 -7.81 34.98
C GLN D 119 -23.39 -8.94 34.60
N ALA D 120 -23.66 -10.19 35.00
CA ALA D 120 -22.72 -11.29 34.77
C ALA D 120 -23.49 -12.55 34.43
N SER D 121 -22.77 -13.59 33.99
CA SER D 121 -23.43 -14.80 33.51
C SER D 121 -23.50 -15.91 34.56
N TYR D 122 -22.94 -15.70 35.76
CA TYR D 122 -22.97 -16.71 36.79
C TYR D 122 -24.40 -17.21 37.02
N ARG D 123 -24.54 -18.52 37.17
CA ARG D 123 -25.73 -19.13 37.76
C ARG D 123 -25.23 -20.10 38.82
N PRO D 124 -24.85 -19.58 40.01
CA PRO D 124 -24.14 -20.41 40.99
C PRO D 124 -25.09 -20.94 42.04
N GLU D 125 -25.25 -22.25 42.10
CA GLU D 125 -26.16 -22.88 43.04
C GLU D 125 -25.40 -23.72 44.05
N TRP D 126 -25.74 -23.54 45.33
CA TRP D 126 -25.45 -24.52 46.35
C TRP D 126 -26.44 -25.66 46.20
N ILE D 127 -25.94 -26.90 46.15
CA ILE D 127 -26.78 -28.06 45.89
C ILE D 127 -26.39 -29.18 46.83
N SER D 128 -27.34 -29.66 47.61
CA SER D 128 -27.11 -30.77 48.52
C SER D 128 -27.53 -32.07 47.83
N MET D 129 -26.69 -33.10 47.95
CA MET D 129 -27.00 -34.41 47.38
C MET D 129 -27.96 -35.14 48.32
N LEU D 130 -29.19 -35.36 47.87
CA LEU D 130 -30.18 -36.03 48.70
C LEU D 130 -30.31 -37.52 48.40
N ARG D 131 -29.70 -38.00 47.33
CA ARG D 131 -29.75 -39.41 46.97
C ARG D 131 -28.48 -40.10 47.47
N VAL D 132 -28.65 -41.13 48.30
CA VAL D 132 -27.54 -41.86 48.89
C VAL D 132 -27.39 -43.19 48.15
N VAL D 133 -26.16 -43.52 47.78
CA VAL D 133 -25.86 -44.77 47.08
C VAL D 133 -24.89 -45.58 47.91
N GLU D 134 -24.85 -46.88 47.61
CA GLU D 134 -23.97 -47.83 48.29
C GLU D 134 -22.86 -48.35 47.39
N ASP D 135 -22.77 -47.88 46.15
CA ASP D 135 -21.65 -48.24 45.29
C ASP D 135 -21.36 -47.05 44.37
N ASP D 136 -20.34 -47.20 43.53
CA ASP D 136 -19.95 -46.17 42.60
C ASP D 136 -20.25 -46.57 41.16
N ASP D 137 -21.20 -47.45 40.99
CA ASP D 137 -21.60 -47.90 39.67
C ASP D 137 -22.39 -46.82 38.94
N PRO D 138 -21.94 -46.36 37.77
CA PRO D 138 -22.71 -45.32 37.06
C PRO D 138 -24.05 -45.81 36.53
N ASP D 139 -24.24 -47.12 36.41
CA ASP D 139 -25.52 -47.66 35.98
C ASP D 139 -26.41 -48.03 37.15
N ASN D 140 -26.02 -47.67 38.37
CA ASN D 140 -26.85 -47.85 39.53
C ASN D 140 -28.22 -47.21 39.28
N PRO D 141 -29.33 -47.94 39.46
CA PRO D 141 -30.64 -47.34 39.19
C PRO D 141 -30.99 -46.16 40.09
N LEU D 142 -30.29 -45.97 41.21
CA LEU D 142 -30.55 -44.83 42.07
C LEU D 142 -30.03 -43.52 41.50
N VAL D 143 -29.20 -43.59 40.46
CA VAL D 143 -28.62 -42.40 39.84
C VAL D 143 -29.60 -41.87 38.81
N GLU D 144 -29.96 -40.59 38.93
CA GLU D 144 -30.86 -39.95 37.99
C GLU D 144 -30.09 -38.86 37.26
N TRP D 145 -29.98 -39.01 35.95
CA TRP D 145 -29.14 -38.12 35.13
C TRP D 145 -29.92 -36.91 34.65
N ASN D 146 -29.23 -35.78 34.48
CA ASN D 146 -29.85 -34.69 33.76
C ASN D 146 -29.58 -34.88 32.26
N LYS D 147 -30.09 -33.97 31.45
CA LYS D 147 -29.97 -34.06 30.01
C LYS D 147 -28.80 -33.26 29.47
N GLY D 148 -27.98 -32.67 30.35
CA GLY D 148 -27.01 -31.68 29.95
C GLY D 148 -27.69 -30.33 29.84
N HIS D 149 -26.99 -29.28 30.25
CA HIS D 149 -27.50 -27.91 30.14
C HIS D 149 -26.49 -27.04 29.42
N LEU D 150 -27.00 -25.93 28.90
CA LEU D 150 -26.17 -25.03 28.07
C LEU D 150 -24.95 -24.51 28.83
N LEU D 151 -25.10 -24.14 30.10
CA LEU D 151 -24.01 -23.42 30.73
C LEU D 151 -22.85 -24.34 31.09
N TYR D 152 -21.64 -23.78 31.02
CA TYR D 152 -20.46 -24.45 31.54
C TYR D 152 -20.64 -24.76 33.02
N GLN D 153 -19.99 -25.80 33.49
CA GLN D 153 -20.08 -26.18 34.90
C GLN D 153 -18.69 -26.09 35.52
N PHE D 154 -18.58 -25.34 36.61
CA PHE D 154 -17.47 -25.47 37.55
C PHE D 154 -18.07 -25.88 38.87
N THR D 155 -17.58 -26.99 39.43
CA THR D 155 -18.18 -27.59 40.61
C THR D 155 -17.11 -27.88 41.64
N TYR D 156 -17.35 -27.41 42.87
CA TYR D 156 -16.50 -27.71 44.02
C TYR D 156 -17.25 -28.69 44.91
N PHE D 157 -16.56 -29.74 45.38
CA PHE D 157 -17.20 -30.79 46.16
C PHE D 157 -16.93 -30.63 47.66
N VAL D 158 -17.95 -30.88 48.47
CA VAL D 158 -17.80 -30.97 49.92
C VAL D 158 -18.40 -32.29 50.36
N GLY D 159 -17.58 -33.14 50.96
CA GLY D 159 -18.07 -34.39 51.49
C GLY D 159 -17.99 -35.52 50.49
N PRO D 160 -18.56 -36.66 50.84
CA PRO D 160 -18.45 -37.88 50.02
C PRO D 160 -19.47 -37.91 48.88
N VAL D 161 -19.23 -37.05 47.90
CA VAL D 161 -20.10 -36.89 46.73
C VAL D 161 -19.54 -37.73 45.59
N ASN D 162 -20.42 -38.49 44.93
CA ASN D 162 -20.07 -39.16 43.69
C ASN D 162 -20.45 -38.27 42.52
N TYR D 163 -19.53 -38.11 41.57
CA TYR D 163 -19.78 -37.36 40.34
C TYR D 163 -19.99 -38.33 39.20
N TYR D 164 -21.08 -38.15 38.46
CA TYR D 164 -21.42 -38.99 37.31
C TYR D 164 -21.42 -38.12 36.06
N PHE D 165 -20.86 -38.64 34.97
CA PHE D 165 -20.79 -37.83 33.76
C PHE D 165 -20.80 -38.74 32.53
N ARG D 166 -21.40 -38.22 31.45
CA ARG D 166 -21.60 -38.98 30.23
C ARG D 166 -20.92 -38.30 29.06
N SER D 167 -20.35 -39.11 28.17
CA SER D 167 -19.81 -38.58 26.92
C SER D 167 -19.70 -39.74 25.94
N GLY D 168 -20.12 -39.50 24.70
CA GLY D 168 -19.94 -40.48 23.65
C GLY D 168 -20.64 -41.80 23.90
N GLY D 169 -21.78 -41.77 24.57
CA GLY D 169 -22.52 -42.98 24.84
C GLY D 169 -22.00 -43.81 25.99
N ARG D 170 -21.03 -43.31 26.75
CA ARG D 170 -20.49 -44.02 27.90
C ARG D 170 -20.75 -43.23 29.17
N SER D 171 -21.04 -43.93 30.26
CA SER D 171 -21.32 -43.30 31.55
C SER D 171 -20.15 -43.57 32.50
N HIS D 172 -19.81 -42.56 33.32
CA HIS D 172 -18.67 -42.63 34.21
C HIS D 172 -19.08 -42.17 35.60
N CYS D 173 -18.34 -42.66 36.60
CA CYS D 173 -18.49 -42.19 37.98
C CYS D 173 -17.11 -42.02 38.59
N VAL D 174 -16.87 -40.86 39.20
CA VAL D 174 -15.63 -40.61 39.95
C VAL D 174 -16.02 -40.18 41.35
N PRO D 175 -15.70 -40.98 42.36
CA PRO D 175 -15.97 -40.57 43.75
C PRO D 175 -15.11 -39.37 44.12
N MET D 176 -15.76 -38.34 44.65
CA MET D 176 -15.08 -37.12 45.07
C MET D 176 -15.05 -37.04 46.58
N ASN D 177 -14.23 -36.12 47.07
CA ASN D 177 -14.15 -35.74 48.48
C ASN D 177 -13.96 -34.23 48.53
N THR D 178 -14.08 -33.68 49.74
CA THR D 178 -13.91 -32.25 49.95
C THR D 178 -12.62 -31.74 49.31
N GLY D 179 -12.73 -30.66 48.53
CA GLY D 179 -11.58 -30.03 47.89
C GLY D 179 -11.34 -30.43 46.44
N ASP D 180 -11.96 -31.53 45.98
CA ASP D 180 -11.94 -31.87 44.57
C ASP D 180 -12.80 -30.88 43.80
N SER D 181 -12.57 -30.81 42.48
CA SER D 181 -13.37 -29.94 41.63
C SER D 181 -13.34 -30.50 40.21
N VAL D 182 -14.28 -30.02 39.39
CA VAL D 182 -14.39 -30.43 38.00
C VAL D 182 -14.90 -29.24 37.20
N TRP D 183 -14.42 -29.14 35.95
CA TRP D 183 -14.89 -28.15 34.98
C TRP D 183 -15.46 -28.92 33.80
N GLY D 184 -16.63 -28.54 33.31
CA GLY D 184 -17.30 -29.34 32.30
C GLY D 184 -17.91 -28.52 31.18
N LEU D 185 -18.00 -29.15 30.02
CA LEU D 185 -18.44 -28.52 28.80
C LEU D 185 -19.96 -28.42 28.70
N PRO D 186 -20.46 -27.47 27.90
CA PRO D 186 -21.90 -27.35 27.69
C PRO D 186 -22.53 -28.65 27.24
N PHE D 187 -23.71 -28.92 27.78
CA PHE D 187 -24.61 -30.02 27.42
C PHE D 187 -24.02 -31.40 27.74
N ALA D 188 -22.93 -31.48 28.50
CA ALA D 188 -22.46 -32.76 28.98
C ALA D 188 -23.37 -33.25 30.13
N PRO D 189 -24.00 -34.41 29.99
CA PRO D 189 -24.94 -34.85 31.04
C PRO D 189 -24.21 -35.35 32.28
N HIS D 190 -24.81 -35.10 33.44
CA HIS D 190 -24.14 -35.47 34.69
C HIS D 190 -25.14 -35.63 35.82
N SER D 191 -24.63 -36.10 36.95
CA SER D 191 -25.43 -36.30 38.15
C SER D 191 -24.49 -36.30 39.35
N PHE D 192 -25.09 -36.26 40.54
CA PHE D 192 -24.36 -36.28 41.80
C PHE D 192 -25.15 -37.11 42.81
N THR D 193 -24.45 -37.92 43.61
CA THR D 193 -25.08 -38.62 44.73
C THR D 193 -24.17 -38.54 45.95
N ALA D 194 -24.69 -38.98 47.10
CA ALA D 194 -23.94 -39.06 48.34
C ALA D 194 -23.55 -40.50 48.62
N ARG D 195 -22.32 -40.73 49.07
CA ARG D 195 -21.92 -42.07 49.49
C ARG D 195 -22.32 -42.40 50.92
N SER D 196 -22.83 -41.42 51.66
CA SER D 196 -23.18 -41.62 53.06
C SER D 196 -24.32 -40.68 53.42
N ALA D 197 -25.20 -41.16 54.30
CA ALA D 197 -26.25 -40.31 54.85
C ALA D 197 -25.80 -39.55 56.10
N ASP D 198 -24.63 -39.86 56.64
CA ASP D 198 -24.25 -39.43 57.98
C ASP D 198 -23.30 -38.23 58.00
N GLU D 199 -22.95 -37.68 56.85
CA GLU D 199 -22.11 -36.49 56.83
C GLU D 199 -22.57 -35.59 55.69
N PRO D 200 -22.33 -34.28 55.81
CA PRO D 200 -22.73 -33.37 54.74
C PRO D 200 -22.09 -33.77 53.43
N ALA D 201 -22.90 -33.75 52.37
CA ALA D 201 -22.44 -34.01 51.01
C ALA D 201 -23.12 -32.99 50.11
N TYR D 202 -22.37 -32.01 49.61
CA TYR D 202 -22.99 -30.99 48.78
C TYR D 202 -21.93 -30.42 47.86
N ILE D 203 -22.40 -29.61 46.92
CA ILE D 203 -21.51 -28.99 45.94
C ILE D 203 -21.82 -27.51 45.84
N LEU D 204 -20.83 -26.77 45.36
CA LEU D 204 -21.06 -25.43 44.85
C LEU D 204 -20.96 -25.59 43.34
N ALA D 205 -22.11 -25.49 42.66
CA ALA D 205 -22.23 -25.77 41.24
C ALA D 205 -22.28 -24.41 40.56
N LEU D 206 -21.10 -23.91 40.21
CA LEU D 206 -20.94 -22.53 39.73
C LEU D 206 -20.97 -22.52 38.21
N THR D 207 -22.17 -22.71 37.67
CA THR D 207 -22.33 -22.65 36.24
C THR D 207 -22.23 -21.21 35.77
N TYR D 208 -21.84 -21.04 34.51
CA TYR D 208 -21.69 -19.70 33.96
C TYR D 208 -21.69 -19.82 32.45
N GLY D 209 -21.86 -18.68 31.81
CA GLY D 209 -21.82 -18.60 30.37
C GLY D 209 -20.51 -17.99 29.90
N GLY D 210 -20.34 -17.95 28.61
CA GLY D 210 -19.21 -17.24 28.11
C GLY D 210 -19.53 -16.69 26.75
N GLU D 211 -18.71 -17.08 25.78
CA GLU D 211 -18.89 -16.59 24.42
C GLU D 211 -20.26 -16.97 23.87
N LEU D 212 -20.78 -18.14 24.26
CA LEU D 212 -21.96 -18.71 23.63
C LEU D 212 -23.24 -17.93 23.94
N THR D 213 -23.37 -17.40 25.15
CA THR D 213 -24.64 -16.80 25.55
C THR D 213 -24.71 -15.35 25.09
N GLY D 214 -25.91 -14.91 24.76
CA GLY D 214 -26.13 -13.53 24.37
C GLY D 214 -26.09 -13.35 22.85
N ASP D 215 -25.37 -12.32 22.39
CA ASP D 215 -25.38 -11.95 20.97
C ASP D 215 -25.14 -13.15 20.07
N ALA D 216 -24.12 -13.96 20.36
CA ALA D 216 -23.78 -15.04 19.43
C ALA D 216 -24.93 -16.02 19.29
N GLN D 217 -25.59 -16.36 20.41
CA GLN D 217 -26.75 -17.25 20.34
C GLN D 217 -27.85 -16.64 19.50
N ARG D 218 -28.08 -15.33 19.66
CA ARG D 218 -29.15 -14.65 18.92
C ARG D 218 -28.90 -14.73 17.42
N GLU D 219 -27.67 -14.45 16.98
CA GLU D 219 -27.39 -14.48 15.55
C GLU D 219 -27.43 -15.90 15.01
N LEU D 220 -26.73 -16.82 15.68
CA LEU D 220 -26.67 -18.20 15.20
C LEU D 220 -28.07 -18.81 15.13
N ALA D 221 -28.95 -18.46 16.07
CA ALA D 221 -30.31 -19.00 16.05
C ALA D 221 -31.05 -18.58 14.78
N THR D 222 -30.77 -17.38 14.26
CA THR D 222 -31.43 -16.97 13.03
C THR D 222 -30.80 -17.61 11.80
N PHE D 223 -29.53 -17.99 11.88
CA PHE D 223 -28.91 -18.65 10.73
C PHE D 223 -29.39 -20.09 10.59
N GLY D 224 -29.69 -20.76 11.70
CA GLY D 224 -30.11 -22.15 11.64
C GLY D 224 -29.00 -23.11 12.01
N ARG D 225 -29.40 -24.37 12.22
CA ARG D 225 -28.46 -25.37 12.73
C ARG D 225 -27.42 -25.75 11.68
N ALA D 226 -27.82 -25.81 10.41
CA ALA D 226 -26.87 -26.20 9.37
C ALA D 226 -25.72 -25.21 9.28
N VAL D 227 -26.03 -23.91 9.18
CA VAL D 227 -24.97 -22.91 9.13
C VAL D 227 -24.16 -22.94 10.43
N THR D 228 -24.85 -23.01 11.58
CA THR D 228 -24.12 -22.95 12.85
C THR D 228 -23.14 -24.10 12.96
N SER D 229 -23.56 -25.32 12.62
CA SER D 229 -22.65 -26.46 12.65
C SER D 229 -21.49 -26.27 11.69
N SER D 230 -21.75 -25.65 10.55
CA SER D 230 -20.68 -25.44 9.57
C SER D 230 -19.63 -24.48 10.08
N LEU D 231 -19.94 -23.64 11.07
CA LEU D 231 -19.01 -22.65 11.59
C LEU D 231 -18.14 -23.18 12.72
N ALA D 232 -18.44 -24.38 13.23
CA ALA D 232 -17.70 -24.93 14.35
C ALA D 232 -16.24 -25.16 13.97
N LEU D 233 -15.35 -24.93 14.94
CA LEU D 233 -13.95 -25.26 14.79
C LEU D 233 -13.53 -26.18 15.92
N THR D 234 -12.85 -27.25 15.58
CA THR D 234 -12.42 -28.20 16.60
C THR D 234 -11.22 -27.64 17.36
N PRO D 235 -11.28 -27.61 18.68
CA PRO D 235 -10.11 -27.20 19.47
C PRO D 235 -8.88 -28.02 19.08
N GLY D 236 -7.74 -27.33 18.99
CA GLY D 236 -6.49 -27.94 18.58
C GLY D 236 -6.22 -27.95 17.08
N ASP D 237 -7.21 -27.61 16.25
CA ASP D 237 -7.14 -27.83 14.81
C ASP D 237 -6.61 -26.58 14.13
N HIS D 238 -5.28 -26.49 14.02
CA HIS D 238 -4.64 -25.34 13.37
C HIS D 238 -4.92 -25.30 11.86
N GLY D 239 -5.01 -26.45 11.20
CA GLY D 239 -5.29 -26.45 9.77
C GLY D 239 -6.66 -25.88 9.45
N ALA D 240 -7.65 -26.16 10.29
CA ALA D 240 -8.96 -25.58 10.11
C ALA D 240 -8.94 -24.08 10.34
N MET D 241 -8.11 -23.64 11.27
CA MET D 241 -8.01 -22.20 11.53
C MET D 241 -7.36 -21.50 10.33
N LEU D 242 -6.31 -22.09 9.78
CA LEU D 242 -5.70 -21.54 8.56
C LEU D 242 -6.70 -21.50 7.42
N ARG D 243 -7.41 -22.61 7.16
CA ARG D 243 -8.39 -22.63 6.08
C ARG D 243 -9.45 -21.56 6.29
N SER D 244 -9.83 -21.29 7.55
CA SER D 244 -10.83 -20.28 7.84
C SER D 244 -10.37 -18.89 7.44
N VAL D 245 -9.16 -18.51 7.86
CA VAL D 245 -8.63 -17.19 7.50
C VAL D 245 -8.44 -17.10 5.99
N MET D 246 -7.94 -18.17 5.35
CA MET D 246 -7.80 -18.18 3.90
C MET D 246 -9.13 -17.93 3.21
N ALA D 247 -10.18 -18.60 3.68
CA ALA D 247 -11.50 -18.40 3.08
C ALA D 247 -12.00 -16.98 3.32
N ALA D 248 -11.70 -16.41 4.48
CA ALA D 248 -12.09 -15.03 4.75
C ALA D 248 -11.37 -14.04 3.85
N ARG D 249 -10.13 -14.36 3.45
CA ARG D 249 -9.36 -13.47 2.60
C ARG D 249 -9.49 -13.78 1.11
N LEU D 250 -10.13 -14.90 0.77
CA LEU D 250 -10.25 -15.36 -0.61
C LEU D 250 -8.88 -15.57 -1.24
N THR D 251 -7.94 -16.03 -0.43
CA THR D 251 -6.64 -16.48 -0.93
C THR D 251 -6.68 -17.97 -1.17
N THR D 252 -6.33 -18.38 -2.38
CA THR D 252 -6.12 -19.80 -2.62
C THR D 252 -4.82 -20.24 -1.94
N VAL D 253 -4.65 -21.56 -1.85
CA VAL D 253 -3.36 -22.12 -1.44
C VAL D 253 -2.23 -21.51 -2.26
N THR D 254 -2.40 -21.42 -3.58
CA THR D 254 -1.33 -20.91 -4.42
C THR D 254 -1.06 -19.43 -4.14
N GLU D 255 -2.11 -18.62 -3.98
CA GLU D 255 -1.86 -17.19 -3.72
C GLU D 255 -1.23 -16.98 -2.35
N LEU D 256 -1.64 -17.75 -1.34
CA LEU D 256 -1.04 -17.60 -0.02
C LEU D 256 0.41 -18.08 -0.02
N ALA D 257 0.69 -19.18 -0.72
CA ALA D 257 2.08 -19.57 -0.94
C ALA D 257 2.86 -18.45 -1.63
N ASP D 258 2.28 -17.89 -2.69
CA ASP D 258 2.91 -16.79 -3.44
C ASP D 258 3.31 -15.65 -2.51
N ARG D 259 2.38 -15.22 -1.64
CA ARG D 259 2.62 -14.08 -0.76
C ARG D 259 3.62 -14.40 0.33
N SER D 260 3.55 -15.60 0.89
CA SER D 260 4.27 -15.88 2.12
C SER D 260 5.66 -16.44 1.89
N GLY D 261 5.94 -16.94 0.69
CA GLY D 261 7.20 -17.59 0.44
C GLY D 261 7.23 -19.07 0.76
N LEU D 262 6.15 -19.62 1.31
CA LEU D 262 6.07 -21.06 1.50
C LEU D 262 5.69 -21.73 0.20
N LYS D 263 6.20 -22.95 -0.01
CA LYS D 263 5.84 -23.72 -1.20
C LYS D 263 4.35 -24.00 -1.22
N THR D 264 3.79 -24.02 -2.44
CA THR D 264 2.37 -24.35 -2.61
C THR D 264 2.02 -25.64 -1.89
N ASP D 265 2.83 -26.68 -2.09
CA ASP D 265 2.55 -27.96 -1.44
C ASP D 265 2.56 -27.86 0.07
N ARG D 266 3.38 -26.95 0.63
CA ARG D 266 3.44 -26.87 2.09
C ARG D 266 2.21 -26.18 2.64
N VAL D 267 1.75 -25.11 1.99
CA VAL D 267 0.52 -24.45 2.42
C VAL D 267 -0.64 -25.42 2.35
N ALA D 268 -0.77 -26.15 1.23
CA ALA D 268 -1.83 -27.14 1.11
C ALA D 268 -1.77 -28.17 2.23
N ALA D 269 -0.56 -28.63 2.56
CA ALA D 269 -0.42 -29.65 3.60
C ALA D 269 -0.78 -29.11 4.99
N LEU D 270 -0.41 -27.85 5.27
CA LEU D 270 -0.78 -27.27 6.54
C LEU D 270 -2.29 -27.18 6.69
N CYS D 271 -3.02 -27.06 5.56
CA CYS D 271 -4.48 -27.05 5.64
C CYS D 271 -5.07 -28.43 5.91
N ARG D 272 -4.26 -29.49 5.98
CA ARG D 272 -4.79 -30.85 6.14
C ARG D 272 -4.40 -31.47 7.47
N THR D 273 -3.96 -30.67 8.45
CA THR D 273 -3.52 -31.25 9.71
C THR D 273 -3.90 -30.31 10.84
N PRO D 274 -4.19 -30.86 12.03
CA PRO D 274 -4.40 -29.98 13.20
C PRO D 274 -3.11 -29.42 13.75
N ALA D 275 -1.97 -30.02 13.45
CA ALA D 275 -0.71 -29.57 14.01
C ALA D 275 -0.35 -28.20 13.43
N ARG D 276 0.17 -27.33 14.30
CA ARG D 276 0.52 -25.99 13.87
C ARG D 276 1.72 -26.01 12.93
N ALA D 277 1.77 -25.00 12.08
CA ALA D 277 2.96 -24.74 11.29
C ALA D 277 4.12 -24.36 12.21
N GLU D 278 5.33 -24.31 11.64
CA GLU D 278 6.47 -23.81 12.40
C GLU D 278 6.30 -22.31 12.65
N TRP D 279 6.92 -21.81 13.72
CA TRP D 279 6.76 -20.39 14.07
C TRP D 279 7.15 -19.46 12.93
N PRO D 280 8.29 -19.64 12.25
CA PRO D 280 8.56 -18.75 11.10
C PRO D 280 7.53 -18.87 10.01
N GLU D 281 6.95 -20.06 9.83
CA GLU D 281 5.88 -20.23 8.86
C GLU D 281 4.63 -19.47 9.30
N LEU D 282 4.24 -19.60 10.58
CA LEU D 282 3.08 -18.86 11.07
C LEU D 282 3.28 -17.36 10.88
N SER D 283 4.47 -16.86 11.21
CA SER D 283 4.75 -15.43 11.05
C SER D 283 4.59 -14.99 9.59
N ALA D 284 5.07 -15.80 8.64
CA ALA D 284 4.97 -15.41 7.23
C ALA D 284 3.53 -15.50 6.73
N LEU D 285 2.82 -16.56 7.13
CA LEU D 285 1.41 -16.72 6.74
C LEU D 285 0.55 -15.60 7.29
N ALA D 286 0.73 -15.28 8.58
CA ALA D 286 -0.07 -14.22 9.19
C ALA D 286 0.18 -12.89 8.50
N GLU D 287 1.44 -12.58 8.24
CA GLU D 287 1.75 -11.34 7.53
C GLU D 287 1.07 -11.31 6.17
N ALA D 288 1.08 -12.43 5.44
CA ALA D 288 0.44 -12.50 4.13
C ALA D 288 -1.06 -12.36 4.20
N LEU D 289 -1.67 -12.67 5.35
CA LEU D 289 -3.13 -12.65 5.50
C LEU D 289 -3.62 -11.41 6.24
N GLY D 290 -2.73 -10.48 6.56
CA GLY D 290 -3.15 -9.27 7.25
C GLY D 290 -3.67 -9.50 8.66
N VAL D 291 -3.10 -10.46 9.38
CA VAL D 291 -3.55 -10.79 10.73
C VAL D 291 -2.35 -10.98 11.64
N SER D 292 -2.57 -10.79 12.94
CA SER D 292 -1.62 -11.24 13.95
C SER D 292 -1.50 -12.76 13.90
N VAL D 293 -0.32 -13.28 14.26
CA VAL D 293 -0.17 -14.72 14.43
C VAL D 293 -1.21 -15.27 15.38
N ARG D 294 -1.69 -14.44 16.32
CA ARG D 294 -2.76 -14.83 17.23
C ARG D 294 -3.94 -15.47 16.50
N GLU D 295 -4.24 -15.00 15.28
CA GLU D 295 -5.42 -15.48 14.58
C GLU D 295 -5.18 -16.78 13.81
N LEU D 296 -3.95 -17.29 13.78
CA LEU D 296 -3.68 -18.63 13.25
C LEU D 296 -3.52 -19.67 14.35
N LEU D 297 -3.56 -19.27 15.60
CA LEU D 297 -3.44 -20.18 16.73
C LEU D 297 -4.82 -20.52 17.26
N VAL D 298 -4.89 -21.62 17.99
CA VAL D 298 -6.18 -22.17 18.42
C VAL D 298 -6.09 -22.52 19.89
N PRO D 299 -7.19 -22.47 20.61
CA PRO D 299 -7.21 -23.09 21.94
C PRO D 299 -7.15 -24.60 21.82
N HIS D 300 -6.55 -25.22 22.82
CA HIS D 300 -6.65 -26.66 23.00
C HIS D 300 -7.46 -26.93 24.25
N THR D 301 -7.87 -28.18 24.41
CA THR D 301 -8.58 -28.56 25.64
C THR D 301 -7.86 -29.69 26.34
N THR D 302 -8.11 -29.79 27.64
CA THR D 302 -7.60 -30.86 28.48
C THR D 302 -8.71 -31.79 28.95
N THR D 303 -9.95 -31.55 28.51
CA THR D 303 -11.07 -32.35 28.96
C THR D 303 -11.02 -33.76 28.38
N GLU D 304 -11.42 -34.72 29.19
CA GLU D 304 -11.60 -36.10 28.78
C GLU D 304 -13.02 -36.47 29.19
N ALA D 305 -13.78 -37.06 28.26
CA ALA D 305 -15.21 -37.30 28.47
C ALA D 305 -15.95 -36.00 28.78
N ASP D 306 -15.45 -34.91 28.22
CA ASP D 306 -16.05 -33.57 28.22
C ASP D 306 -15.90 -32.87 29.55
N VAL D 307 -15.06 -33.39 30.45
CA VAL D 307 -14.86 -32.78 31.76
C VAL D 307 -13.38 -32.76 32.08
N ARG D 308 -13.02 -31.92 33.04
CA ARG D 308 -11.66 -31.82 33.55
C ARG D 308 -11.73 -31.86 35.06
N ILE D 309 -11.28 -32.96 35.65
CA ILE D 309 -11.37 -33.18 37.09
C ILE D 309 -10.04 -32.80 37.71
N GLN D 310 -10.08 -32.05 38.80
CA GLN D 310 -8.88 -31.71 39.56
C GLN D 310 -8.99 -32.30 40.97
N PRO D 311 -8.27 -33.37 41.28
CA PRO D 311 -8.22 -33.86 42.66
C PRO D 311 -7.61 -32.77 43.54
N GLY D 312 -8.27 -32.53 44.68
CA GLY D 312 -7.73 -31.53 45.61
C GLY D 312 -6.36 -31.89 46.15
N ARG D 313 -6.07 -33.19 46.28
CA ARG D 313 -4.81 -33.58 46.89
C ARG D 313 -3.60 -33.31 46.00
N THR D 314 -3.80 -33.21 44.69
CA THR D 314 -2.69 -32.93 43.78
C THR D 314 -2.70 -31.53 43.21
N ALA D 315 -3.64 -30.68 43.63
CA ALA D 315 -3.76 -29.34 43.09
C ALA D 315 -2.54 -28.48 43.47
N SER D 316 -2.18 -27.57 42.56
CA SER D 316 -1.07 -26.67 42.80
C SER D 316 -1.45 -25.59 43.80
N ARG D 317 -0.52 -25.24 44.68
CA ARG D 317 -0.78 -24.21 45.69
C ARG D 317 0.39 -23.24 45.72
N TRP D 318 0.10 -21.97 46.06
CA TRP D 318 1.18 -21.00 46.23
C TRP D 318 0.73 -19.88 47.16
N SER D 319 1.71 -19.13 47.68
CA SER D 319 1.45 -18.01 48.58
C SER D 319 1.33 -16.71 47.79
N TYR D 320 0.52 -15.80 48.33
CA TYR D 320 0.23 -14.53 47.69
C TYR D 320 0.26 -13.41 48.72
N PRO D 321 0.85 -12.24 48.40
CA PRO D 321 1.49 -11.89 47.12
C PRO D 321 2.87 -12.52 46.92
N GLY D 322 3.34 -13.30 47.88
CA GLY D 322 4.61 -13.97 47.70
C GLY D 322 4.90 -14.98 48.79
N PRO D 323 5.92 -15.82 48.58
CA PRO D 323 6.29 -16.79 49.62
C PRO D 323 6.62 -16.13 50.95
N ASP D 324 7.25 -14.96 50.93
CA ASP D 324 7.69 -14.27 52.14
C ASP D 324 6.69 -13.23 52.61
N ALA D 325 5.53 -13.15 51.96
CA ALA D 325 4.39 -12.36 52.43
C ALA D 325 3.13 -13.19 52.18
N PRO D 326 2.95 -14.28 52.91
CA PRO D 326 1.78 -15.12 52.63
C PRO D 326 0.53 -14.61 53.34
N ALA D 327 -0.09 -13.57 52.74
CA ALA D 327 -1.40 -13.14 53.22
C ALA D 327 -2.47 -14.17 52.88
N TYR D 328 -2.36 -14.81 51.72
CA TYR D 328 -3.29 -15.83 51.27
C TYR D 328 -2.52 -17.04 50.79
N ARG D 329 -3.17 -18.21 50.83
CA ARG D 329 -2.67 -19.39 50.18
C ARG D 329 -3.72 -19.85 49.17
N PHE D 330 -3.33 -19.91 47.90
CA PHE D 330 -4.23 -20.24 46.80
C PHE D 330 -4.06 -21.70 46.42
N THR D 331 -5.17 -22.35 46.06
CA THR D 331 -5.17 -23.69 45.50
C THR D 331 -5.84 -23.62 44.13
N GLN D 332 -5.13 -24.04 43.09
CA GLN D 332 -5.66 -23.98 41.72
C GLN D 332 -6.66 -25.11 41.51
N LEU D 333 -7.92 -24.77 41.24
CA LEU D 333 -9.00 -25.73 41.02
C LEU D 333 -9.22 -25.98 39.52
N ALA D 334 -10.19 -26.83 39.21
CA ALA D 334 -10.38 -27.28 37.83
C ALA D 334 -10.71 -26.14 36.89
N GLY D 335 -10.07 -26.15 35.72
CA GLY D 335 -10.38 -25.23 34.64
C GLY D 335 -9.93 -25.85 33.34
N ASP D 336 -9.91 -25.04 32.27
CA ASP D 336 -9.52 -25.57 30.97
C ASP D 336 -9.06 -24.45 30.05
N PRO D 337 -8.08 -24.70 29.16
CA PRO D 337 -7.63 -23.63 28.26
C PRO D 337 -8.67 -23.20 27.23
N LEU D 338 -9.72 -23.98 26.99
CA LEU D 338 -10.84 -23.49 26.20
C LEU D 338 -11.48 -22.24 26.83
N HIS D 339 -11.37 -22.10 28.15
CA HIS D 339 -11.83 -20.90 28.85
C HIS D 339 -10.64 -20.25 29.54
N PRO D 340 -9.76 -19.59 28.77
CA PRO D 340 -8.58 -18.96 29.36
C PRO D 340 -8.90 -17.93 30.44
N HIS D 341 -10.09 -17.35 30.41
CA HIS D 341 -10.44 -16.28 31.34
C HIS D 341 -11.14 -16.79 32.58
N THR D 342 -11.19 -18.11 32.76
CA THR D 342 -11.79 -18.69 33.96
C THR D 342 -10.68 -19.05 34.94
N THR D 343 -10.75 -18.47 36.13
CA THR D 343 -9.83 -18.78 37.22
C THR D 343 -10.66 -19.33 38.39
N SER D 344 -10.38 -20.56 38.80
CA SER D 344 -11.01 -21.14 39.97
C SER D 344 -9.95 -21.38 41.03
N LEU D 345 -10.21 -20.90 42.25
CA LEU D 345 -9.25 -20.99 43.34
C LEU D 345 -9.96 -21.29 44.63
N ALA D 346 -9.30 -22.08 45.49
CA ALA D 346 -9.63 -22.09 46.91
C ALA D 346 -8.64 -21.16 47.60
N VAL D 347 -9.16 -20.28 48.46
CA VAL D 347 -8.36 -19.23 49.08
C VAL D 347 -8.36 -19.47 50.58
N ASP D 348 -7.20 -19.77 51.14
CA ASP D 348 -6.97 -19.70 52.58
C ASP D 348 -6.59 -18.26 52.94
N VAL D 349 -7.47 -17.58 53.67
CA VAL D 349 -7.20 -16.21 54.10
C VAL D 349 -6.38 -16.31 55.38
N LEU D 350 -5.12 -15.85 55.32
CA LEU D 350 -4.23 -15.99 56.46
C LEU D 350 -4.01 -14.70 57.23
N THR D 351 -4.15 -13.55 56.58
CA THR D 351 -3.93 -12.29 57.26
C THR D 351 -5.19 -11.83 57.99
N ALA D 352 -4.99 -11.22 59.15
CA ALA D 352 -6.09 -10.59 59.88
C ALA D 352 -6.25 -9.12 59.54
N ARG D 353 -5.38 -8.56 58.70
CA ARG D 353 -5.47 -7.17 58.34
C ARG D 353 -5.83 -7.02 56.86
N PRO D 354 -6.44 -5.88 56.47
CA PRO D 354 -6.72 -5.59 55.05
C PRO D 354 -5.52 -4.99 54.33
N ASP D 355 -4.35 -5.63 54.49
CA ASP D 355 -3.10 -5.08 54.00
C ASP D 355 -2.61 -5.75 52.72
N ALA D 356 -3.39 -6.65 52.15
CA ALA D 356 -2.99 -7.35 50.93
C ALA D 356 -4.11 -7.22 49.90
N PRO D 357 -4.21 -6.05 49.26
CA PRO D 357 -5.21 -5.90 48.19
C PRO D 357 -4.90 -6.79 47.00
N LEU D 358 -5.92 -7.43 46.50
CA LEU D 358 -5.81 -8.19 45.26
C LEU D 358 -5.88 -7.23 44.07
N PRO D 359 -5.00 -7.37 43.09
CA PRO D 359 -5.02 -6.44 41.96
C PRO D 359 -6.35 -6.54 41.22
N PRO D 360 -6.79 -5.45 40.62
CA PRO D 360 -8.03 -5.53 39.82
C PRO D 360 -7.82 -6.42 38.60
N THR D 361 -8.86 -7.17 38.25
CA THR D 361 -8.85 -8.03 37.09
C THR D 361 -9.97 -7.63 36.14
N TYR D 362 -9.80 -8.02 34.87
CA TYR D 362 -10.87 -7.83 33.88
C TYR D 362 -12.01 -8.81 34.05
N GLN D 363 -11.84 -9.83 34.88
CA GLN D 363 -12.86 -10.84 35.14
C GLN D 363 -13.91 -10.34 36.12
N HIS D 364 -15.12 -10.87 35.99
CA HIS D 364 -16.06 -10.90 37.11
C HIS D 364 -15.53 -11.85 38.18
N GLN D 365 -15.98 -11.63 39.42
CA GLN D 365 -15.62 -12.53 40.51
C GLN D 365 -16.84 -12.93 41.32
N TYR D 366 -16.78 -14.15 41.83
CA TYR D 366 -17.76 -14.75 42.72
C TYR D 366 -17.00 -15.32 43.90
N LEU D 367 -17.47 -15.05 45.12
CA LEU D 367 -16.86 -15.56 46.33
C LEU D 367 -17.89 -16.33 47.15
N TYR D 368 -17.45 -17.41 47.79
CA TYR D 368 -18.31 -18.14 48.71
C TYR D 368 -17.48 -18.59 49.91
N VAL D 369 -17.95 -18.30 51.12
CA VAL D 369 -17.15 -18.63 52.31
C VAL D 369 -17.39 -20.09 52.70
N LEU D 370 -16.37 -20.91 52.53
CA LEU D 370 -16.42 -22.34 52.83
C LEU D 370 -16.10 -22.63 54.28
N GLY D 371 -15.23 -21.82 54.90
CA GLY D 371 -14.70 -22.13 56.22
C GLY D 371 -15.66 -21.74 57.32
N GLU D 372 -15.20 -21.96 58.55
CA GLU D 372 -16.06 -21.79 59.72
C GLU D 372 -15.92 -20.42 60.38
N GLN D 373 -15.07 -19.54 59.85
CA GLN D 373 -14.93 -18.17 60.35
C GLN D 373 -15.33 -17.16 59.28
N PRO D 374 -15.82 -15.98 59.67
CA PRO D 374 -16.13 -14.94 58.69
C PRO D 374 -14.89 -14.40 57.99
N VAL D 375 -15.12 -13.79 56.83
CA VAL D 375 -14.08 -13.12 56.05
C VAL D 375 -14.50 -11.67 55.90
N SER D 376 -13.62 -10.75 56.32
CA SER D 376 -13.83 -9.33 56.12
C SER D 376 -13.32 -8.93 54.75
N VAL D 377 -14.09 -8.07 54.07
CA VAL D 377 -13.80 -7.60 52.72
C VAL D 377 -13.75 -6.08 52.76
N ARG D 378 -12.65 -5.51 52.27
CA ARG D 378 -12.56 -4.07 52.06
C ARG D 378 -12.33 -3.85 50.57
N TRP D 379 -13.10 -2.96 49.95
CA TRP D 379 -12.99 -2.74 48.52
C TRP D 379 -13.22 -1.27 48.22
N ARG D 380 -12.88 -0.88 46.99
CA ARG D 380 -13.05 0.49 46.52
C ARG D 380 -13.84 0.49 45.23
N TYR D 381 -14.71 1.47 45.07
CA TYR D 381 -15.44 1.62 43.81
C TYR D 381 -15.82 3.08 43.66
N ASN D 382 -15.53 3.63 42.48
CA ASN D 382 -15.91 5.00 42.14
C ASN D 382 -15.50 5.99 43.23
N GLY D 383 -14.24 5.86 43.66
CA GLY D 383 -13.67 6.80 44.61
C GLY D 383 -14.08 6.62 46.06
N GLU D 384 -14.84 5.58 46.39
CA GLU D 384 -15.32 5.32 47.74
C GLU D 384 -14.76 4.01 48.26
N GLN D 385 -14.46 3.96 49.55
CA GLN D 385 -13.99 2.75 50.20
C GLN D 385 -15.12 2.10 50.98
N TYR D 386 -15.25 0.78 50.86
CA TYR D 386 -16.31 0.04 51.53
C TYR D 386 -15.73 -1.09 52.36
N ASP D 387 -16.44 -1.44 53.43
CA ASP D 387 -16.09 -2.55 54.30
C ASP D 387 -17.33 -3.42 54.51
N GLY D 388 -17.14 -4.73 54.48
CA GLY D 388 -18.22 -5.67 54.73
C GLY D 388 -17.65 -6.94 55.32
N ARG D 389 -18.56 -7.86 55.67
CA ARG D 389 -18.14 -9.13 56.23
C ARG D 389 -19.01 -10.25 55.68
N LEU D 390 -18.35 -11.33 55.27
CA LEU D 390 -19.01 -12.51 54.75
C LEU D 390 -19.02 -13.59 55.82
N GLU D 391 -20.22 -13.99 56.26
CA GLU D 391 -20.29 -15.11 57.21
C GLU D 391 -20.11 -16.41 56.46
N PRO D 392 -19.78 -17.50 57.17
CA PRO D 392 -19.76 -18.81 56.52
C PRO D 392 -21.07 -19.07 55.78
N GLY D 393 -20.95 -19.45 54.52
CA GLY D 393 -22.11 -19.67 53.67
C GLY D 393 -22.63 -18.44 52.96
N ASP D 394 -22.15 -17.25 53.30
CA ASP D 394 -22.43 -16.06 52.51
C ASP D 394 -21.63 -16.10 51.21
N SER D 395 -22.10 -15.35 50.22
CA SER D 395 -21.43 -15.25 48.94
C SER D 395 -21.36 -13.79 48.52
N ALA D 396 -20.61 -13.54 47.45
CA ALA D 396 -20.47 -12.18 46.94
C ALA D 396 -20.22 -12.22 45.45
N TYR D 397 -20.69 -11.17 44.78
CA TYR D 397 -20.45 -10.94 43.37
C TYR D 397 -19.65 -9.65 43.21
N VAL D 398 -18.65 -9.66 42.34
CA VAL D 398 -17.77 -8.50 42.15
C VAL D 398 -17.69 -8.21 40.65
N ILE D 399 -17.94 -6.96 40.26
CA ILE D 399 -17.77 -6.54 38.87
C ILE D 399 -16.28 -6.49 38.51
N PRO D 400 -15.93 -6.48 37.23
CA PRO D 400 -14.52 -6.25 36.85
C PRO D 400 -13.97 -4.95 37.39
N GLY D 401 -12.66 -4.93 37.64
CA GLY D 401 -11.97 -3.69 37.90
C GLY D 401 -11.91 -3.27 39.36
N ILE D 402 -12.41 -4.09 40.28
CA ILE D 402 -12.47 -3.76 41.69
C ILE D 402 -11.22 -4.28 42.38
N GLU D 403 -10.61 -3.43 43.21
CA GLU D 403 -9.54 -3.88 44.10
C GLU D 403 -10.13 -4.13 45.49
N PHE D 404 -9.95 -5.34 46.01
CA PHE D 404 -10.40 -5.66 47.36
C PHE D 404 -9.36 -6.49 48.09
N SER D 405 -9.44 -6.44 49.42
CA SER D 405 -8.63 -7.27 50.29
C SER D 405 -9.56 -8.18 51.07
N LEU D 406 -9.00 -9.29 51.53
CA LEU D 406 -9.69 -10.25 52.39
C LEU D 406 -8.91 -10.42 53.67
N SER D 407 -9.61 -10.55 54.78
CA SER D 407 -8.95 -10.79 56.05
C SER D 407 -9.85 -11.62 56.93
N ALA D 408 -9.24 -12.31 57.90
CA ALA D 408 -10.00 -13.13 58.84
C ALA D 408 -9.21 -13.23 60.14
N GLU D 409 -9.94 -13.38 61.24
CA GLU D 409 -9.32 -13.45 62.56
C GLU D 409 -8.57 -14.76 62.79
N LYS D 410 -8.94 -15.81 62.06
CA LYS D 410 -8.24 -17.09 62.05
C LYS D 410 -8.28 -17.59 60.61
N PRO D 411 -7.34 -18.44 60.21
CA PRO D 411 -7.34 -18.94 58.83
C PRO D 411 -8.69 -19.54 58.47
N THR D 412 -9.22 -19.13 57.32
CA THR D 412 -10.52 -19.63 56.88
C THR D 412 -10.53 -19.63 55.36
N GLU D 413 -11.39 -20.47 54.80
CA GLU D 413 -11.33 -20.83 53.40
C GLU D 413 -12.48 -20.20 52.63
N LEU D 414 -12.18 -19.73 51.44
CA LEU D 414 -13.15 -19.10 50.57
C LEU D 414 -12.98 -19.71 49.17
N LEU D 415 -14.09 -19.91 48.49
CA LEU D 415 -14.09 -20.42 47.12
C LEU D 415 -14.25 -19.23 46.18
N MET D 416 -13.41 -19.17 45.14
CA MET D 416 -13.42 -18.04 44.22
C MET D 416 -13.50 -18.55 42.79
N LEU D 417 -14.45 -18.01 42.02
CA LEU D 417 -14.55 -18.29 40.59
C LEU D 417 -14.56 -16.97 39.83
N ARG D 418 -13.57 -16.78 38.98
CA ARG D 418 -13.44 -15.57 38.18
C ARG D 418 -13.65 -15.95 36.72
N ILE D 419 -14.50 -15.22 36.02
CA ILE D 419 -14.82 -15.56 34.63
C ILE D 419 -14.72 -14.32 33.76
N GLY D 420 -14.45 -14.55 32.48
CA GLY D 420 -14.48 -13.45 31.53
C GLY D 420 -15.91 -13.00 31.28
N GLY D 421 -16.09 -11.69 31.12
CA GLY D 421 -17.36 -11.14 30.71
C GLY D 421 -17.41 -10.85 29.23
N SER D 422 -18.36 -10.00 28.84
CA SER D 422 -18.49 -9.62 27.44
C SER D 422 -17.34 -8.74 26.96
N ALA D 423 -16.59 -8.11 27.87
CA ALA D 423 -15.38 -7.37 27.50
C ALA D 423 -14.26 -8.40 27.30
N THR D 424 -14.24 -8.96 26.09
CA THR D 424 -13.27 -9.95 25.66
C THR D 424 -11.94 -9.26 25.39
N PRO D 425 -10.86 -10.03 25.19
CA PRO D 425 -9.60 -9.38 24.79
C PRO D 425 -9.80 -8.47 23.58
N ASP D 426 -10.59 -8.89 22.59
CA ASP D 426 -10.80 -8.06 21.40
C ASP D 426 -11.51 -6.76 21.76
N VAL D 427 -12.46 -6.83 22.69
CA VAL D 427 -13.09 -5.60 23.19
C VAL D 427 -12.04 -4.71 23.84
N ARG D 428 -11.18 -5.32 24.67
CA ARG D 428 -10.20 -4.53 25.41
C ARG D 428 -9.15 -3.92 24.48
N PHE D 429 -8.74 -4.64 23.43
CA PHE D 429 -7.88 -4.03 22.41
C PHE D 429 -8.57 -2.84 21.76
N ALA D 430 -9.85 -2.99 21.45
CA ALA D 430 -10.60 -1.91 20.83
C ALA D 430 -10.67 -0.69 21.75
N LEU D 431 -10.94 -0.92 23.05
CA LEU D 431 -10.94 0.19 24.00
C LEU D 431 -9.58 0.86 24.03
N GLY D 432 -8.50 0.09 23.93
CA GLY D 432 -7.17 0.67 23.94
C GLY D 432 -6.87 1.48 22.69
N ALA D 433 -7.47 1.12 21.55
CA ALA D 433 -7.25 1.85 20.32
C ALA D 433 -8.09 3.11 20.20
N MET D 434 -9.16 3.21 21.00
CA MET D 434 -10.05 4.37 20.92
C MET D 434 -9.30 5.67 21.21
N PRO D 435 -9.61 6.75 20.51
CA PRO D 435 -9.02 8.05 20.88
C PRO D 435 -9.39 8.43 22.29
N ASP D 436 -8.51 9.20 22.93
CA ASP D 436 -8.71 9.57 24.32
C ASP D 436 -9.94 10.46 24.47
N GLY D 437 -10.73 10.18 25.50
CA GLY D 437 -11.91 10.96 25.81
C GLY D 437 -13.21 10.45 25.22
N ALA D 438 -13.17 9.35 24.47
CA ALA D 438 -14.35 8.85 23.78
C ALA D 438 -15.08 7.74 24.53
N ILE D 439 -14.52 7.26 25.65
CA ILE D 439 -15.18 6.19 26.39
C ILE D 439 -16.46 6.68 27.04
N GLY D 440 -16.52 7.95 27.44
CA GLY D 440 -17.78 8.50 27.92
C GLY D 440 -18.89 8.37 26.90
N ARG D 441 -18.61 8.73 25.65
CA ARG D 441 -19.60 8.61 24.57
C ARG D 441 -19.93 7.15 24.26
N TYR D 442 -18.93 6.27 24.38
CA TYR D 442 -19.18 4.85 24.14
C TYR D 442 -20.16 4.30 25.17
N ILE D 443 -19.99 4.69 26.44
CA ILE D 443 -20.90 4.25 27.48
C ILE D 443 -22.28 4.87 27.29
N ALA D 444 -22.35 6.14 26.92
CA ALA D 444 -23.64 6.81 26.75
C ALA D 444 -23.50 7.91 25.72
N GLU D 445 -24.03 7.67 24.52
CA GLU D 445 -23.98 8.69 23.49
C GLU D 445 -24.76 9.93 23.92
N ASP D 446 -24.15 11.09 23.74
CA ASP D 446 -24.70 12.34 24.27
C ASP D 446 -24.87 13.42 23.21
N ARG D 447 -24.76 13.10 21.93
CA ARG D 447 -24.82 14.17 20.94
C ARG D 447 -25.20 13.59 19.57
N LEU D 448 -25.78 14.45 18.74
CA LEU D 448 -25.95 14.15 17.33
C LEU D 448 -24.59 13.92 16.69
N TRP D 449 -24.55 13.10 15.63
CA TRP D 449 -23.25 12.73 15.08
C TRP D 449 -22.57 13.87 14.35
N TYR D 450 -23.27 14.96 14.06
CA TYR D 450 -22.66 16.13 13.42
C TYR D 450 -23.19 17.40 14.07
FE FE E . -18.61 8.48 9.06
O3 2HE F . -20.29 10.28 9.07
P 2HE F . -20.82 11.42 8.29
O1 2HE F . -20.41 12.83 8.97
O2 2HE F . -22.44 11.34 8.15
CA 2HE F . -20.06 11.29 6.66
CB 2HE F . -20.01 9.80 6.32
O4 2HE F . -18.94 9.14 7.00
C1 GOL G . -35.83 -6.19 5.67
O1 GOL G . -36.66 -5.79 6.77
C2 GOL G . -34.92 -5.04 5.28
O2 GOL G . -35.71 -3.92 4.87
C3 GOL G . -34.04 -4.64 6.46
O3 GOL G . -33.25 -3.50 6.09
FE FE H . 17.30 13.45 1.53
O3 2HE I . 20.85 14.57 4.47
P 2HE I . 19.28 14.93 4.41
O1 2HE I . 18.70 14.94 3.03
O2 2HE I . 19.05 16.34 5.14
CA 2HE I . 18.41 13.61 5.27
CB 2HE I . 18.48 12.40 4.34
O4 2HE I . 17.41 12.45 3.39
C1 GOL J . -0.85 -9.08 3.37
O1 GOL J . -1.78 -8.07 3.76
C2 GOL J . 0.16 -8.49 2.40
O2 GOL J . 0.56 -9.43 1.40
C3 GOL J . -0.54 -7.33 1.70
O3 GOL J . -1.63 -7.94 1.03
C1 GOL K . -5.68 21.98 -19.93
O1 GOL K . -5.09 21.35 -21.08
C2 GOL K . -4.73 23.05 -19.41
O2 GOL K . -5.20 24.34 -19.77
C3 GOL K . -3.39 22.82 -20.10
O3 GOL K . -2.33 23.43 -19.36
FE FE L . 26.11 11.50 -44.31
O3 2HE M . 30.07 10.79 -46.70
P 2HE M . 29.26 12.07 -46.19
O1 2HE M . 30.33 13.18 -45.74
O2 2HE M . 28.35 11.69 -45.05
CA 2HE M . 28.18 12.67 -47.50
CB 2HE M . 27.25 13.63 -46.79
O4 2HE M . 26.66 12.95 -45.68
C1 GOL N . 25.65 29.49 -49.38
O1 GOL N . 26.19 29.09 -50.65
C2 GOL N . 25.97 28.46 -48.32
O2 GOL N . 26.04 29.05 -47.01
C3 GOL N . 27.36 27.95 -48.65
O3 GOL N . 28.24 29.06 -48.51
C1 GOL O . 6.97 16.86 -39.97
O1 GOL O . 7.30 18.08 -40.66
C2 GOL O . 8.17 15.93 -39.74
O2 GOL O . 9.28 16.33 -40.55
C3 GOL O . 7.84 14.47 -40.07
O3 GOL O . 6.65 14.05 -39.38
FE FE P . -25.15 -29.21 36.17
O3 2HE Q . -29.03 -31.80 37.14
P 2HE Q . -28.21 -30.59 37.77
O1 2HE Q . -27.29 -29.98 36.75
O2 2HE Q . -29.29 -29.51 38.30
CA 2HE Q . -27.16 -31.13 39.12
CB 2HE Q . -26.31 -29.92 39.47
O4 2HE Q . -25.63 -29.47 38.29
C1 GOL R . -6.69 -21.39 37.53
O1 GOL R . -6.71 -21.37 38.98
C2 GOL R . -7.41 -22.64 37.04
O2 GOL R . -8.78 -22.48 37.34
C3 GOL R . -7.29 -22.85 35.52
O3 GOL R . -6.04 -22.38 35.01
C1 GOL S . -30.30 -7.72 43.10
O1 GOL S . -31.55 -7.62 42.41
C2 GOL S . -29.99 -9.18 43.38
O2 GOL S . -31.07 -9.77 44.11
C3 GOL S . -29.79 -9.94 42.08
O3 GOL S . -29.98 -11.35 42.33
C1 GOL T . -25.59 -21.12 51.32
O1 GOL T . -25.68 -19.72 51.55
C2 GOL T . -26.10 -21.82 52.56
O2 GOL T . -27.50 -21.99 52.43
C3 GOL T . -25.41 -23.17 52.70
O3 GOL T . -25.53 -23.63 54.03
C1 GOL U . -16.55 -21.28 7.22
O1 GOL U . -17.14 -22.33 6.44
C2 GOL U . -15.05 -21.29 7.03
O2 GOL U . -14.44 -20.55 8.08
C3 GOL U . -14.54 -22.73 7.09
O3 GOL U . -13.13 -22.77 6.81
C1 GOL V . -14.05 -43.71 36.17
O1 GOL V . -14.16 -44.84 37.05
C2 GOL V . -14.92 -43.94 34.95
O2 GOL V . -16.17 -44.51 35.36
C3 GOL V . -14.25 -44.94 34.01
O3 GOL V . -15.17 -45.24 32.95
#